data_7RB1
#
_entry.id   7RB1
#
_cell.length_a   75.068
_cell.length_b   140.301
_cell.length_c   160.693
_cell.angle_alpha   90.000
_cell.angle_beta   90.000
_cell.angle_gamma   90.000
#
_symmetry.space_group_name_H-M   'P 21 21 21'
#
loop_
_entity.id
_entity.type
_entity.pdbx_description
1 polymer 'Isocitrate lyase'
2 non-polymer 'dihydroxyacetic acid'
3 non-polymer 'MAGNESIUM ION'
4 non-polymer '(3E)-3-(hydroxyimino)propanoic acid'
5 non-polymer GLYCEROL
6 non-polymer 'GLYOXYLIC ACID'
7 water water
#
_entity_poly.entity_id   1
_entity_poly.type   'polypeptide(L)'
_entity_poly.pdbx_seq_one_letter_code
;MSVVGTPKSAEQIQQEWDTNPRWKDVTRTYSAEDVVALQGSVVEEHTLARRGAEVLWEQLHDLEWVNALGALTGNMAVQQ
VRAGLKAIYLSGWQVAGDANLSGHTYPDQSLYPANSVPQVVRRINNALQRADQIAKIEGDTSVENWLAPIVADGEAGFGG
ALNVYELQKALIAAGVAGSHWEDQLASEKKCGHLGGKVLIPTQQHIRTLTSARLAADVADVPTVVIARTDAEAATLITSD
VDERDQPFITGERTREGFYRTKNGIEPCIARAKAYAPFADLIWMETGTPDLEAARQFSEAVKAEYPDQMLAYNCSPSFNW
KKHLDDATIAKFQKELAAMGFKFQFITLAGFHALNYSMFDLAYGYAQNQMSAYVELQEREFAAEERGYTATKHQREVGAG
YFDRIATTVDPNSSTTALTGSTEEGQFH
;
_entity_poly.pdbx_strand_id   A,B,C,D
#
loop_
_chem_comp.id
_chem_comp.type
_chem_comp.name
_chem_comp.formula
48J non-polymer 'dihydroxyacetic acid' 'C2 H4 O4'
54I non-polymer '(3E)-3-(hydroxyimino)propanoic acid' 'C3 H5 N O3'
GLV non-polymer 'GLYOXYLIC ACID' 'C2 H2 O3'
GOL non-polymer GLYCEROL 'C3 H8 O3'
MG non-polymer 'MAGNESIUM ION' 'Mg 2'
#
# COMPACT_ATOMS: atom_id res chain seq x y z
N MET A 1 21.14 26.34 -7.53
CA MET A 1 22.19 26.88 -6.68
C MET A 1 21.84 26.64 -5.21
N SER A 2 21.58 25.38 -4.87
CA SER A 2 21.33 24.96 -3.50
C SER A 2 22.41 23.97 -3.07
N VAL A 3 22.77 24.01 -1.79
CA VAL A 3 23.80 23.09 -1.27
C VAL A 3 23.22 22.02 -0.38
N VAL A 4 21.89 21.98 -0.22
CA VAL A 4 21.27 20.97 0.62
C VAL A 4 21.53 19.60 0.00
N GLY A 5 22.04 18.68 0.82
CA GLY A 5 22.26 17.33 0.36
C GLY A 5 23.48 17.10 -0.53
N THR A 6 24.41 18.06 -0.61
CA THR A 6 25.58 17.89 -1.46
C THR A 6 26.37 16.65 -1.03
N PRO A 7 26.71 15.74 -1.94
CA PRO A 7 27.49 14.58 -1.52
C PRO A 7 28.90 14.95 -1.08
N LYS A 8 29.44 14.12 -0.19
CA LYS A 8 30.83 14.21 0.20
C LYS A 8 31.73 13.90 -0.98
N SER A 9 32.97 14.35 -0.89
CA SER A 9 33.99 13.99 -1.86
C SER A 9 34.49 12.58 -1.58
N ALA A 10 35.11 11.98 -2.61
CA ALA A 10 35.75 10.67 -2.43
C ALA A 10 36.84 10.72 -1.35
N GLU A 11 37.62 11.80 -1.34
CA GLU A 11 38.65 11.97 -0.33
C GLU A 11 38.06 12.00 1.08
N GLN A 12 36.92 12.68 1.24
CA GLN A 12 36.28 12.75 2.55
C GLN A 12 35.82 11.37 3.00
N ILE A 13 35.11 10.65 2.14
CA ILE A 13 34.69 9.29 2.47
C ILE A 13 35.91 8.43 2.81
N GLN A 14 36.95 8.48 1.97
CA GLN A 14 38.13 7.65 2.22
C GLN A 14 38.73 7.99 3.58
N GLN A 15 38.80 9.26 3.92
CA GLN A 15 39.34 9.61 5.24
C GLN A 15 38.52 8.99 6.37
N GLU A 16 37.18 8.99 6.25
CA GLU A 16 36.37 8.34 7.27
C GLU A 16 36.70 6.86 7.39
N TRP A 17 36.77 6.18 6.24
CA TRP A 17 37.08 4.75 6.27
C TRP A 17 38.43 4.51 6.92
N ASP A 18 39.38 5.42 6.73
CA ASP A 18 40.74 5.19 7.20
C ASP A 18 40.86 5.45 8.70
N THR A 19 40.09 6.40 9.24
CA THR A 19 40.34 6.88 10.59
C THR A 19 39.20 6.69 11.58
N ASN A 20 37.98 6.42 11.13
CA ASN A 20 36.90 6.15 12.09
C ASN A 20 37.01 4.72 12.61
N PRO A 21 37.14 4.51 13.93
CA PRO A 21 37.20 3.14 14.46
C PRO A 21 36.00 2.28 14.08
N ARG A 22 34.86 2.87 13.73
CA ARG A 22 33.71 2.08 13.24
C ARG A 22 34.12 1.13 12.11
N TRP A 23 35.11 1.51 11.30
CA TRP A 23 35.48 0.78 10.09
C TRP A 23 36.75 -0.03 10.24
N LYS A 24 37.28 -0.14 11.45
CA LYS A 24 38.44 -0.99 11.68
C LYS A 24 38.07 -2.44 11.37
N ASP A 25 38.86 -3.07 10.50
CA ASP A 25 38.69 -4.47 10.11
C ASP A 25 37.45 -4.72 9.25
N VAL A 26 37.01 -3.71 8.49
CA VAL A 26 35.89 -3.80 7.56
C VAL A 26 36.45 -3.75 6.14
N THR A 27 36.29 -4.84 5.40
CA THR A 27 36.74 -4.92 4.01
C THR A 27 35.68 -4.37 3.08
N ARG A 28 36.09 -3.47 2.19
CA ARG A 28 35.27 -3.01 1.08
C ARG A 28 36.05 -3.29 -0.19
N THR A 29 35.52 -4.14 -1.06
CA THR A 29 36.22 -4.48 -2.30
C THR A 29 35.99 -3.47 -3.40
N TYR A 30 35.22 -2.42 -3.14
CA TYR A 30 35.00 -1.32 -4.06
C TYR A 30 35.64 -0.07 -3.47
N SER A 31 35.74 0.99 -4.27
CA SER A 31 36.47 2.20 -3.89
C SER A 31 35.52 3.30 -3.43
N ALA A 32 36.10 4.29 -2.77
CA ALA A 32 35.35 5.48 -2.37
C ALA A 32 34.79 6.21 -3.59
N GLU A 33 35.58 6.31 -4.66
CA GLU A 33 35.06 6.93 -5.87
C GLU A 33 33.87 6.17 -6.45
N ASP A 34 33.85 4.84 -6.29
CA ASP A 34 32.70 4.05 -6.76
C ASP A 34 31.43 4.43 -6.00
N VAL A 35 31.53 4.67 -4.68
CA VAL A 35 30.39 5.10 -3.91
C VAL A 35 29.86 6.43 -4.43
N VAL A 36 30.75 7.42 -4.57
CA VAL A 36 30.37 8.74 -5.05
C VAL A 36 29.68 8.66 -6.41
N ALA A 37 30.20 7.83 -7.32
CA ALA A 37 29.63 7.74 -8.65
C ALA A 37 28.16 7.31 -8.64
N LEU A 38 27.71 6.65 -7.58
CA LEU A 38 26.33 6.17 -7.52
C LEU A 38 25.38 7.11 -6.79
N GLN A 39 25.88 8.25 -6.30
CA GLN A 39 25.10 9.09 -5.41
C GLN A 39 24.35 10.21 -6.13
N GLY A 40 24.46 10.34 -7.46
CA GLY A 40 23.77 11.47 -8.07
C GLY A 40 24.32 12.78 -7.52
N SER A 41 23.47 13.80 -7.46
CA SER A 41 23.96 15.09 -7.00
C SER A 41 23.34 15.54 -5.68
N VAL A 42 22.44 14.76 -5.11
CA VAL A 42 21.82 15.02 -3.82
C VAL A 42 21.79 13.71 -3.06
N VAL A 43 22.31 13.72 -1.84
CA VAL A 43 22.18 12.58 -0.93
C VAL A 43 21.13 12.93 0.12
N GLU A 44 20.05 12.17 0.16
CA GLU A 44 19.05 12.41 1.18
C GLU A 44 19.60 11.98 2.53
N GLU A 45 19.35 12.78 3.56
CA GLU A 45 19.73 12.40 4.91
C GLU A 45 18.75 11.39 5.47
N HIS A 46 19.25 10.37 6.16
CA HIS A 46 18.40 9.34 6.76
C HIS A 46 18.63 9.38 8.26
N THR A 47 17.94 10.30 8.94
CA THR A 47 18.26 10.62 10.34
C THR A 47 18.11 9.39 11.24
N LEU A 48 16.97 8.69 11.15
CA LEU A 48 16.73 7.59 12.07
C LEU A 48 17.69 6.44 11.82
N ALA A 49 18.01 6.16 10.54
CA ALA A 49 18.97 5.11 10.24
C ALA A 49 20.37 5.47 10.75
N ARG A 50 20.80 6.71 10.57
CA ARG A 50 22.11 7.12 11.09
C ARG A 50 22.15 7.02 12.61
N ARG A 51 21.16 7.62 13.27
CA ARG A 51 21.13 7.63 14.73
C ARG A 51 21.03 6.21 15.28
N GLY A 52 20.14 5.41 14.69
CA GLY A 52 19.95 4.06 15.17
C GLY A 52 21.21 3.24 15.04
N ALA A 53 21.87 3.32 13.87
CA ALA A 53 23.10 2.58 13.65
C ALA A 53 24.20 3.04 14.62
N GLU A 54 24.23 4.33 14.93
CA GLU A 54 25.28 4.80 15.84
C GLU A 54 24.98 4.37 17.27
N VAL A 55 23.72 4.46 17.69
CA VAL A 55 23.35 3.98 19.02
C VAL A 55 23.61 2.49 19.15
N LEU A 56 23.24 1.70 18.14
CA LEU A 56 23.44 0.24 18.22
C LEU A 56 24.92 -0.10 18.38
N TRP A 57 25.76 0.47 17.51
CA TRP A 57 27.18 0.19 17.59
C TRP A 57 27.76 0.57 18.95
N GLU A 58 27.42 1.75 19.47
CA GLU A 58 27.89 2.12 20.82
C GLU A 58 27.42 1.12 21.86
N GLN A 59 26.14 0.73 21.84
CA GLN A 59 25.60 -0.21 22.82
C GLN A 59 26.31 -1.56 22.75
N LEU A 60 26.63 -2.03 21.54
CA LEU A 60 27.32 -3.31 21.39
C LEU A 60 28.71 -3.29 22.02
N HIS A 61 29.31 -2.12 22.19
CA HIS A 61 30.59 -2.00 22.90
C HIS A 61 30.45 -1.61 24.37
N ASP A 62 29.43 -0.84 24.74
CA ASP A 62 29.28 -0.38 26.11
C ASP A 62 28.56 -1.36 27.03
N LEU A 63 27.59 -2.09 26.53
CA LEU A 63 26.79 -2.96 27.39
C LEU A 63 27.42 -4.33 27.49
N GLU A 64 27.08 -5.04 28.58
CA GLU A 64 27.52 -6.43 28.68
C GLU A 64 27.04 -7.23 27.46
N TRP A 65 25.77 -7.04 27.07
CA TRP A 65 25.31 -7.45 25.76
C TRP A 65 24.00 -6.72 25.50
N VAL A 66 23.61 -6.71 24.24
CA VAL A 66 22.35 -6.13 23.78
C VAL A 66 21.39 -7.26 23.51
N ASN A 67 20.19 -7.21 24.10
CA ASN A 67 19.21 -8.24 23.77
C ASN A 67 17.92 -7.59 23.32
N ALA A 68 17.08 -8.39 22.67
CA ALA A 68 15.87 -7.86 22.05
C ALA A 68 14.87 -8.99 21.88
N LEU A 69 13.62 -8.61 21.62
CA LEU A 69 12.52 -9.49 21.33
C LEU A 69 11.92 -9.09 19.99
N GLY A 70 11.44 -10.09 19.24
CA GLY A 70 10.79 -9.85 17.96
C GLY A 70 9.54 -8.98 18.10
N ALA A 71 9.42 -7.98 17.25
CA ALA A 71 8.25 -7.10 17.27
C ALA A 71 7.62 -7.06 15.89
N LEU A 72 6.29 -7.20 15.83
CA LEU A 72 5.61 -7.15 14.54
C LEU A 72 4.53 -6.06 14.48
N THR A 73 4.29 -5.32 15.57
CA THR A 73 3.47 -4.12 15.54
C THR A 73 4.22 -3.00 16.21
N GLY A 74 3.80 -1.77 15.90
CA GLY A 74 4.45 -0.61 16.51
C GLY A 74 4.24 -0.57 18.01
N ASN A 75 3.01 -0.87 18.45
CA ASN A 75 2.75 -0.94 19.90
C ASN A 75 3.60 -2.02 20.59
N MET A 76 3.89 -3.14 19.94
CA MET A 76 4.77 -4.11 20.60
C MET A 76 6.15 -3.50 20.86
N ALA A 77 6.69 -2.77 19.88
CA ALA A 77 7.99 -2.15 20.05
C ALA A 77 7.98 -1.14 21.20
N VAL A 78 6.90 -0.35 21.28
CA VAL A 78 6.76 0.63 22.35
C VAL A 78 6.81 -0.04 23.71
N GLN A 79 6.12 -1.17 23.86
CA GLN A 79 6.11 -1.85 25.16
C GLN A 79 7.46 -2.45 25.47
N GLN A 80 8.18 -2.97 24.47
CA GLN A 80 9.52 -3.48 24.71
C GLN A 80 10.46 -2.40 25.22
N VAL A 81 10.35 -1.18 24.69
CA VAL A 81 11.17 -0.06 25.14
C VAL A 81 10.67 0.46 26.49
N ARG A 82 9.35 0.56 26.68
CA ARG A 82 8.84 0.95 27.99
C ARG A 82 9.31 -0.01 29.08
N ALA A 83 9.41 -1.31 28.76
CA ALA A 83 9.85 -2.30 29.75
C ALA A 83 11.35 -2.28 29.99
N GLY A 84 12.11 -1.55 29.18
CA GLY A 84 13.53 -1.36 29.42
C GLY A 84 14.45 -1.96 28.38
N LEU A 85 13.93 -2.53 27.29
CA LEU A 85 14.86 -3.08 26.31
C LEU A 85 15.47 -1.96 25.48
N LYS A 86 16.65 -2.24 24.89
CA LYS A 86 17.39 -1.17 24.23
C LYS A 86 17.62 -1.45 22.76
N ALA A 87 16.97 -2.48 22.23
CA ALA A 87 16.96 -2.75 20.80
C ALA A 87 15.68 -3.50 20.47
N ILE A 88 15.29 -3.45 19.21
CA ILE A 88 14.11 -4.12 18.70
C ILE A 88 14.55 -5.05 17.59
N TYR A 89 14.06 -6.28 17.62
CA TYR A 89 14.36 -7.22 16.56
C TYR A 89 13.15 -7.34 15.63
N LEU A 90 13.40 -7.34 14.31
CA LEU A 90 12.27 -7.34 13.39
C LEU A 90 12.39 -8.63 12.59
N SER A 91 11.61 -9.64 12.96
CA SER A 91 11.65 -10.99 12.39
C SER A 91 10.89 -11.08 11.06
N GLY A 92 11.57 -11.61 10.04
CA GLY A 92 10.89 -11.86 8.77
C GLY A 92 9.85 -12.96 8.89
N TRP A 93 10.13 -13.96 9.73
CA TRP A 93 9.17 -15.01 10.03
C TRP A 93 7.84 -14.42 10.48
N GLN A 94 7.89 -13.46 11.42
CA GLN A 94 6.69 -12.82 11.95
C GLN A 94 6.02 -11.95 10.90
N VAL A 95 6.80 -11.33 10.03
CA VAL A 95 6.21 -10.55 8.94
C VAL A 95 5.48 -11.47 7.97
N ALA A 96 6.08 -12.62 7.62
CA ALA A 96 5.41 -13.61 6.80
C ALA A 96 4.08 -14.04 7.39
N GLY A 97 4.08 -14.35 8.69
CA GLY A 97 2.94 -14.93 9.35
C GLY A 97 1.83 -13.96 9.71
N ASP A 98 2.14 -12.66 9.93
CA ASP A 98 1.07 -11.78 10.40
C ASP A 98 1.24 -10.30 10.07
N ALA A 99 2.15 -9.90 9.16
CA ALA A 99 2.34 -8.47 8.96
C ALA A 99 3.04 -8.17 7.65
N ASN A 100 2.54 -8.70 6.54
CA ASN A 100 3.21 -8.39 5.28
C ASN A 100 2.24 -7.75 4.30
N LEU A 101 2.79 -7.18 3.23
CA LEU A 101 1.99 -6.32 2.35
C LEU A 101 1.08 -7.08 1.42
N SER A 102 1.12 -8.40 1.42
CA SER A 102 0.15 -9.13 0.62
C SER A 102 -1.16 -9.32 1.37
N GLY A 103 -1.13 -9.14 2.68
CA GLY A 103 -2.27 -9.43 3.52
C GLY A 103 -2.47 -10.91 3.81
N HIS A 104 -1.61 -11.80 3.30
CA HIS A 104 -1.76 -13.22 3.54
C HIS A 104 -0.90 -13.72 4.71
N THR A 105 -1.35 -14.84 5.29
CA THR A 105 -0.58 -15.61 6.26
C THR A 105 0.36 -16.57 5.52
N TYR A 106 1.66 -16.47 5.77
CA TYR A 106 2.61 -17.31 5.08
C TYR A 106 3.58 -17.98 6.04
N PRO A 107 4.04 -19.18 5.69
CA PRO A 107 5.23 -19.74 6.32
C PRO A 107 6.45 -18.97 5.84
N ASP A 108 7.58 -19.28 6.46
CA ASP A 108 8.79 -18.46 6.35
C ASP A 108 9.64 -18.95 5.19
N GLN A 109 9.18 -18.60 3.98
CA GLN A 109 9.81 -19.07 2.75
C GLN A 109 9.94 -17.95 1.74
N SER A 110 10.14 -16.71 2.20
CA SER A 110 10.32 -15.56 1.29
C SER A 110 9.18 -15.46 0.28
N LEU A 111 7.95 -15.55 0.79
CA LEU A 111 6.77 -15.53 -0.05
C LEU A 111 6.16 -14.13 -0.18
N TYR A 112 6.36 -13.27 0.82
CA TYR A 112 5.73 -11.96 0.87
C TYR A 112 6.44 -10.93 -0.01
N PRO A 113 5.82 -9.79 -0.29
CA PRO A 113 6.47 -8.79 -1.15
C PRO A 113 7.68 -8.17 -0.46
N ALA A 114 8.72 -7.90 -1.25
CA ALA A 114 10.04 -7.62 -0.70
C ALA A 114 10.13 -6.29 0.03
N ASN A 115 9.16 -5.39 -0.14
CA ASN A 115 9.15 -4.18 0.67
C ASN A 115 8.38 -4.30 1.99
N SER A 116 8.02 -5.52 2.42
CA SER A 116 7.20 -5.68 3.63
C SER A 116 8.00 -5.38 4.90
N VAL A 117 9.23 -5.88 5.01
CA VAL A 117 10.00 -5.63 6.24
C VAL A 117 10.32 -4.14 6.35
N PRO A 118 10.73 -3.44 5.27
CA PRO A 118 10.88 -1.97 5.39
C PRO A 118 9.64 -1.25 5.89
N GLN A 119 8.44 -1.63 5.42
CA GLN A 119 7.24 -0.96 5.91
C GLN A 119 7.07 -1.14 7.41
N VAL A 120 7.42 -2.31 7.93
CA VAL A 120 7.29 -2.55 9.37
C VAL A 120 8.39 -1.80 10.12
N VAL A 121 9.58 -1.69 9.54
CA VAL A 121 10.62 -0.81 10.13
C VAL A 121 10.06 0.60 10.30
N ARG A 122 9.51 1.14 9.20
CA ARG A 122 8.97 2.48 9.22
C ARG A 122 7.83 2.59 10.23
N ARG A 123 6.98 1.55 10.34
CA ARG A 123 5.90 1.55 11.31
C ARG A 123 6.44 1.58 12.74
N ILE A 124 7.46 0.77 13.03
CA ILE A 124 8.00 0.76 14.39
C ILE A 124 8.61 2.11 14.75
N ASN A 125 9.40 2.69 13.84
CA ASN A 125 9.97 3.99 14.08
C ASN A 125 8.88 5.05 14.31
N ASN A 126 7.81 5.04 13.51
CA ASN A 126 6.68 5.94 13.76
C ASN A 126 6.10 5.73 15.16
N ALA A 127 5.91 4.48 15.56
CA ALA A 127 5.36 4.21 16.89
C ALA A 127 6.28 4.74 18.00
N LEU A 128 7.58 4.50 17.88
CA LEU A 128 8.51 5.00 18.90
C LEU A 128 8.59 6.51 18.90
N GLN A 129 8.57 7.14 17.72
CA GLN A 129 8.57 8.61 17.67
C GLN A 129 7.36 9.19 18.38
N ARG A 130 6.19 8.56 18.23
CA ARG A 130 5.01 9.05 18.94
C ARG A 130 5.17 8.90 20.45
N ALA A 131 5.68 7.75 20.91
CA ALA A 131 5.91 7.58 22.34
C ALA A 131 6.89 8.63 22.86
N ASP A 132 7.87 8.97 22.03
CA ASP A 132 8.86 10.00 22.37
C ASP A 132 8.19 11.37 22.42
N GLN A 133 7.29 11.67 21.46
CA GLN A 133 6.57 12.95 21.52
C GLN A 133 5.64 13.04 22.71
N ILE A 134 4.92 11.96 23.02
CA ILE A 134 4.06 11.97 24.20
C ILE A 134 4.88 12.19 25.46
N ALA A 135 6.00 11.49 25.56
CA ALA A 135 6.83 11.59 26.75
C ALA A 135 7.36 13.00 26.93
N LYS A 136 7.70 13.68 25.84
CA LYS A 136 8.20 15.04 25.96
C LYS A 136 7.13 15.98 26.53
N ILE A 137 5.91 15.93 26.01
CA ILE A 137 4.87 16.81 26.54
C ILE A 137 4.37 16.37 27.93
N GLU A 138 4.53 15.10 28.30
CA GLU A 138 4.15 14.64 29.64
C GLU A 138 5.26 14.84 30.68
N GLY A 139 6.40 15.36 30.28
CA GLY A 139 7.54 15.52 31.18
C GLY A 139 8.13 14.22 31.70
N ASP A 140 7.95 13.11 30.97
CA ASP A 140 8.31 11.77 31.43
C ASP A 140 9.71 11.47 30.92
N THR A 141 10.67 11.34 31.84
CA THR A 141 12.06 11.06 31.50
C THR A 141 12.47 9.65 31.90
N SER A 142 11.50 8.78 32.16
CA SER A 142 11.80 7.44 32.68
C SER A 142 12.53 6.57 31.67
N VAL A 143 12.34 6.81 30.37
CA VAL A 143 13.00 6.05 29.31
C VAL A 143 14.04 6.96 28.67
N GLU A 144 15.31 6.60 28.66
CA GLU A 144 16.33 7.53 28.15
C GLU A 144 16.23 7.74 26.66
N ASN A 145 16.01 6.66 25.93
CA ASN A 145 16.00 6.75 24.47
C ASN A 145 14.82 5.96 23.94
N TRP A 146 13.77 6.65 23.49
CA TRP A 146 12.64 5.95 22.91
C TRP A 146 12.97 5.34 21.57
N LEU A 147 13.90 5.93 20.84
CA LEU A 147 14.26 5.49 19.48
C LEU A 147 15.35 4.42 19.55
N ALA A 148 14.96 3.29 20.14
CA ALA A 148 15.82 2.14 20.21
C ALA A 148 16.17 1.65 18.80
N PRO A 149 17.39 1.15 18.59
CA PRO A 149 17.79 0.70 17.26
C PRO A 149 17.03 -0.53 16.82
N ILE A 150 16.69 -0.57 15.55
CA ILE A 150 15.98 -1.71 14.97
C ILE A 150 16.94 -2.55 14.16
N VAL A 151 16.99 -3.85 14.46
CA VAL A 151 17.72 -4.83 13.65
C VAL A 151 16.68 -5.64 12.89
N ALA A 152 16.78 -5.63 11.56
CA ALA A 152 15.70 -6.19 10.72
C ALA A 152 16.24 -7.31 9.84
N ASP A 153 15.34 -8.22 9.46
CA ASP A 153 15.64 -9.42 8.69
C ASP A 153 15.62 -9.06 7.21
N GLY A 154 16.76 -9.23 6.51
CA GLY A 154 16.85 -9.09 5.07
C GLY A 154 16.71 -10.39 4.31
N GLU A 155 16.49 -11.49 5.03
CA GLU A 155 16.29 -12.84 4.51
C GLU A 155 17.44 -13.18 3.57
N ALA A 156 17.17 -13.72 2.39
CA ALA A 156 18.21 -14.08 1.44
C ALA A 156 18.30 -13.09 0.31
N GLY A 157 17.73 -11.91 0.48
CA GLY A 157 17.81 -10.84 -0.48
C GLY A 157 16.70 -10.79 -1.50
N PHE A 158 15.81 -11.80 -1.54
CA PHE A 158 14.73 -11.83 -2.52
C PHE A 158 15.26 -11.78 -3.94
N GLY A 159 16.40 -12.42 -4.18
CA GLY A 159 16.85 -12.53 -5.55
C GLY A 159 18.35 -12.41 -5.59
N GLY A 160 18.86 -11.58 -6.49
CA GLY A 160 20.28 -11.41 -6.64
C GLY A 160 20.83 -10.21 -5.89
N ALA A 161 22.05 -9.83 -6.26
CA ALA A 161 22.74 -8.76 -5.55
C ALA A 161 22.01 -7.42 -5.69
N LEU A 162 21.36 -7.17 -6.83
CA LEU A 162 20.57 -5.95 -6.98
C LEU A 162 19.31 -5.97 -6.11
N ASN A 163 18.69 -7.13 -5.90
CA ASN A 163 17.57 -7.17 -4.96
C ASN A 163 18.03 -6.89 -3.53
N VAL A 164 19.19 -7.45 -3.14
CA VAL A 164 19.79 -7.16 -1.84
C VAL A 164 20.00 -5.66 -1.69
N TYR A 165 20.62 -5.05 -2.70
CA TYR A 165 20.89 -3.61 -2.68
C TYR A 165 19.61 -2.80 -2.42
N GLU A 166 18.55 -3.10 -3.16
CA GLU A 166 17.31 -2.33 -3.04
C GLU A 166 16.63 -2.59 -1.70
N LEU A 167 16.77 -3.79 -1.16
CA LEU A 167 16.17 -4.04 0.15
C LEU A 167 16.90 -3.29 1.24
N GLN A 168 18.23 -3.31 1.22
CA GLN A 168 18.98 -2.55 2.22
C GLN A 168 18.66 -1.06 2.10
N LYS A 169 18.62 -0.55 0.88
CA LYS A 169 18.28 0.86 0.67
C LYS A 169 16.89 1.19 1.21
N ALA A 170 15.90 0.30 1.02
CA ALA A 170 14.55 0.55 1.56
C ALA A 170 14.53 0.44 3.08
N LEU A 171 15.31 -0.49 3.65
CA LEU A 171 15.39 -0.61 5.11
C LEU A 171 16.01 0.64 5.72
N ILE A 172 17.01 1.21 5.05
CA ILE A 172 17.66 2.42 5.55
C ILE A 172 16.72 3.61 5.41
N ALA A 173 15.99 3.73 4.29
CA ALA A 173 15.04 4.83 4.15
C ALA A 173 13.98 4.78 5.25
N ALA A 174 13.63 3.59 5.71
CA ALA A 174 12.68 3.40 6.80
C ALA A 174 13.28 3.63 8.18
N GLY A 175 14.60 3.67 8.31
CA GLY A 175 15.26 3.96 9.57
C GLY A 175 15.86 2.78 10.31
N VAL A 176 16.27 1.72 9.60
CA VAL A 176 16.77 0.53 10.32
C VAL A 176 18.15 0.88 10.86
N ALA A 177 18.57 0.18 11.92
CA ALA A 177 19.91 0.37 12.49
C ALA A 177 20.87 -0.73 12.06
N GLY A 178 20.34 -1.92 11.77
CA GLY A 178 21.16 -3.04 11.34
C GLY A 178 20.27 -4.00 10.59
N SER A 179 20.90 -4.86 9.77
CA SER A 179 20.13 -5.80 8.97
C SER A 179 20.94 -7.08 8.83
N HIS A 180 20.26 -8.22 8.74
CA HIS A 180 20.96 -9.49 8.65
C HIS A 180 20.60 -10.24 7.38
N TRP A 181 21.54 -11.07 6.91
CA TRP A 181 21.54 -11.62 5.56
C TRP A 181 22.03 -13.05 5.66
N GLU A 182 21.30 -14.00 5.06
CA GLU A 182 21.61 -15.41 5.22
CA GLU A 182 21.61 -15.41 5.22
C GLU A 182 22.02 -16.07 3.91
N ASP A 183 22.87 -17.08 4.00
CA ASP A 183 23.45 -17.77 2.84
C ASP A 183 22.58 -18.90 2.29
N GLN A 184 21.28 -18.68 2.16
CA GLN A 184 20.33 -19.61 1.56
C GLN A 184 19.92 -19.14 0.16
N LEU A 185 19.60 -20.10 -0.71
CA LEU A 185 18.98 -19.80 -1.99
C LEU A 185 17.63 -19.12 -1.77
N ALA A 186 17.48 -17.90 -2.28
CA ALA A 186 16.28 -17.11 -1.97
C ALA A 186 15.01 -17.82 -2.46
N SER A 187 15.04 -18.42 -3.65
CA SER A 187 13.86 -19.11 -4.18
C SER A 187 13.48 -20.37 -3.40
N GLU A 188 14.33 -20.83 -2.48
CA GLU A 188 14.02 -21.99 -1.67
C GLU A 188 14.22 -21.66 -0.20
N LYS A 189 14.29 -20.36 0.14
CA LYS A 189 14.36 -19.96 1.55
C LYS A 189 13.49 -20.78 2.50
N LYS A 190 14.10 -21.14 3.63
CA LYS A 190 13.38 -21.65 4.77
C LYS A 190 13.76 -20.92 6.06
N CYS A 191 12.84 -20.94 7.01
CA CYS A 191 13.22 -20.66 8.39
C CYS A 191 14.42 -21.53 8.74
N GLY A 192 15.32 -20.99 9.58
CA GLY A 192 16.52 -21.73 9.98
C GLY A 192 16.20 -23.08 10.60
N HIS A 193 15.00 -23.24 11.15
CA HIS A 193 14.61 -24.47 11.83
C HIS A 193 13.53 -25.22 11.06
N LEU A 194 13.33 -24.89 9.78
CA LEU A 194 12.61 -25.76 8.87
C LEU A 194 13.61 -26.64 8.11
N GLY A 195 13.09 -27.69 7.48
CA GLY A 195 13.91 -28.57 6.67
C GLY A 195 13.95 -28.08 5.23
N GLY A 196 14.71 -28.81 4.42
CA GLY A 196 14.81 -28.53 2.99
C GLY A 196 15.48 -27.20 2.65
N LYS A 197 16.53 -26.84 3.39
CA LYS A 197 17.29 -25.61 3.15
C LYS A 197 18.38 -25.89 2.12
N VAL A 198 18.56 -24.94 1.20
CA VAL A 198 19.60 -25.00 0.18
C VAL A 198 20.55 -23.83 0.41
N LEU A 199 21.83 -24.13 0.56
CA LEU A 199 22.82 -23.07 0.67
C LEU A 199 23.19 -22.54 -0.71
N ILE A 200 23.78 -21.35 -0.74
CA ILE A 200 24.48 -20.83 -1.90
C ILE A 200 26.00 -20.86 -1.67
N PRO A 201 26.82 -20.78 -2.71
CA PRO A 201 28.28 -20.78 -2.51
C PRO A 201 28.77 -19.64 -1.61
N THR A 202 29.87 -19.91 -0.89
CA THR A 202 30.45 -18.92 0.02
C THR A 202 30.62 -17.55 -0.65
N GLN A 203 31.20 -17.53 -1.86
CA GLN A 203 31.46 -16.27 -2.54
C GLN A 203 30.17 -15.55 -2.90
N GLN A 204 29.09 -16.28 -3.14
CA GLN A 204 27.84 -15.59 -3.43
C GLN A 204 27.30 -14.87 -2.20
N HIS A 205 27.49 -15.43 -1.00
CA HIS A 205 27.06 -14.67 0.16
C HIS A 205 28.00 -13.48 0.43
N ILE A 206 29.29 -13.60 0.13
CA ILE A 206 30.16 -12.43 0.25
C ILE A 206 29.65 -11.35 -0.69
N ARG A 207 29.22 -11.73 -1.88
CA ARG A 207 28.60 -10.77 -2.80
CA ARG A 207 28.59 -10.78 -2.81
C ARG A 207 27.41 -10.08 -2.16
N THR A 208 26.54 -10.85 -1.49
CA THR A 208 25.39 -10.28 -0.80
C THR A 208 25.83 -9.27 0.26
N LEU A 209 26.80 -9.64 1.10
CA LEU A 209 27.22 -8.75 2.19
C LEU A 209 27.90 -7.50 1.65
N THR A 210 28.64 -7.63 0.56
CA THR A 210 29.22 -6.49 -0.13
C THR A 210 28.14 -5.57 -0.70
N SER A 211 27.07 -6.15 -1.25
CA SER A 211 25.99 -5.34 -1.79
C SER A 211 25.26 -4.58 -0.68
N ALA A 212 25.11 -5.21 0.48
CA ALA A 212 24.44 -4.56 1.61
C ALA A 212 25.28 -3.40 2.14
N ARG A 213 26.59 -3.61 2.30
CA ARG A 213 27.48 -2.51 2.70
C ARG A 213 27.47 -1.40 1.65
N LEU A 214 27.44 -1.77 0.36
CA LEU A 214 27.46 -0.75 -0.69
C LEU A 214 26.24 0.16 -0.58
N ALA A 215 25.04 -0.43 -0.39
CA ALA A 215 23.85 0.39 -0.27
C ALA A 215 23.92 1.32 0.95
N ALA A 216 24.43 0.81 2.08
CA ALA A 216 24.61 1.70 3.24
C ALA A 216 25.59 2.83 2.94
N ASP A 217 26.70 2.55 2.24
CA ASP A 217 27.66 3.60 1.93
C ASP A 217 27.04 4.62 0.97
N VAL A 218 26.33 4.15 -0.05
CA VAL A 218 25.72 5.08 -1.00
C VAL A 218 24.68 5.94 -0.30
N ALA A 219 23.94 5.35 0.67
CA ALA A 219 23.01 6.09 1.52
C ALA A 219 23.69 6.93 2.61
N ASP A 220 25.01 6.79 2.77
CA ASP A 220 25.83 7.60 3.68
C ASP A 220 25.46 7.37 5.15
N VAL A 221 25.21 6.12 5.52
CA VAL A 221 24.84 5.75 6.90
C VAL A 221 25.62 4.51 7.30
N PRO A 222 26.00 4.39 8.64
CA PRO A 222 26.90 3.32 9.09
C PRO A 222 26.13 2.06 9.56
N THR A 223 25.20 1.59 8.74
CA THR A 223 24.35 0.47 9.11
C THR A 223 25.16 -0.73 9.59
N VAL A 224 24.67 -1.38 10.65
CA VAL A 224 25.29 -2.60 11.15
C VAL A 224 24.89 -3.76 10.23
N VAL A 225 25.89 -4.45 9.67
CA VAL A 225 25.65 -5.54 8.72
C VAL A 225 25.94 -6.87 9.41
N ILE A 226 24.96 -7.78 9.38
CA ILE A 226 25.01 -9.06 10.10
C ILE A 226 24.96 -10.18 9.09
N ALA A 227 25.87 -11.14 9.24
CA ALA A 227 25.92 -12.31 8.37
C ALA A 227 25.44 -13.51 9.16
N ARG A 228 24.49 -14.24 8.57
CA ARG A 228 23.94 -15.45 9.15
C ARG A 228 24.30 -16.63 8.27
N THR A 229 24.75 -17.75 8.84
CA THR A 229 24.94 -18.95 8.04
C THR A 229 23.98 -20.06 8.48
N ASP A 230 23.43 -20.76 7.49
CA ASP A 230 22.51 -21.87 7.72
C ASP A 230 23.16 -23.22 7.49
N ALA A 231 24.49 -23.28 7.57
CA ALA A 231 25.20 -24.50 7.20
C ALA A 231 25.12 -25.57 8.28
N GLU A 232 24.63 -25.26 9.47
CA GLU A 232 24.56 -26.28 10.51
C GLU A 232 23.59 -27.40 10.12
N ALA A 233 22.43 -27.06 9.52
CA ALA A 233 21.41 -28.05 9.20
C ALA A 233 21.24 -28.31 7.71
N ALA A 234 21.65 -27.39 6.84
CA ALA A 234 21.37 -27.55 5.43
C ALA A 234 22.22 -28.66 4.83
N THR A 235 21.58 -29.55 4.06
CA THR A 235 22.25 -30.67 3.41
C THR A 235 22.33 -30.49 1.90
N LEU A 236 21.95 -29.31 1.38
CA LEU A 236 21.94 -29.02 -0.03
C LEU A 236 22.69 -27.72 -0.29
N ILE A 237 23.30 -27.64 -1.48
CA ILE A 237 23.98 -26.45 -1.97
C ILE A 237 23.73 -26.38 -3.48
N THR A 238 23.65 -25.15 -3.99
CA THR A 238 23.33 -24.98 -5.41
C THR A 238 24.45 -25.41 -6.32
N SER A 239 25.70 -25.32 -5.87
CA SER A 239 26.84 -25.48 -6.77
C SER A 239 28.07 -25.80 -5.94
N ASP A 240 28.98 -26.56 -6.56
CA ASP A 240 30.27 -26.89 -5.96
C ASP A 240 31.39 -26.04 -6.52
N VAL A 241 31.06 -24.89 -7.10
CA VAL A 241 32.03 -24.04 -7.78
C VAL A 241 33.03 -23.44 -6.81
N ASP A 242 32.66 -23.20 -5.56
CA ASP A 242 33.55 -22.51 -4.62
C ASP A 242 34.43 -23.51 -3.89
N GLU A 243 35.76 -23.35 -4.04
CA GLU A 243 36.69 -24.29 -3.42
C GLU A 243 36.52 -24.38 -1.90
N ARG A 244 36.05 -23.31 -1.25
CA ARG A 244 35.83 -23.37 0.19
C ARG A 244 34.67 -24.30 0.57
N ASP A 245 33.72 -24.51 -0.33
CA ASP A 245 32.60 -25.40 -0.07
C ASP A 245 32.87 -26.84 -0.47
N GLN A 246 33.85 -27.06 -1.35
CA GLN A 246 34.09 -28.41 -1.86
C GLN A 246 34.44 -29.45 -0.81
N PRO A 247 35.14 -29.15 0.28
CA PRO A 247 35.41 -30.20 1.28
C PRO A 247 34.16 -30.89 1.81
N PHE A 248 32.99 -30.26 1.70
CA PHE A 248 31.77 -30.83 2.25
C PHE A 248 30.85 -31.45 1.21
N ILE A 249 31.15 -31.27 -0.09
CA ILE A 249 30.37 -31.89 -1.15
C ILE A 249 30.57 -33.39 -1.13
N THR A 250 29.45 -34.15 -1.16
CA THR A 250 29.51 -35.62 -1.22
C THR A 250 29.64 -36.17 -2.63
N GLY A 251 29.23 -35.41 -3.65
CA GLY A 251 29.26 -35.90 -5.01
C GLY A 251 27.89 -36.06 -5.64
N GLU A 252 26.95 -36.64 -4.90
CA GLU A 252 25.65 -36.95 -5.46
C GLU A 252 24.76 -35.71 -5.58
N ARG A 253 23.83 -35.81 -6.53
CA ARG A 253 22.94 -34.71 -6.81
C ARG A 253 21.46 -35.05 -6.82
N THR A 254 20.61 -34.08 -6.54
CA THR A 254 19.16 -34.23 -6.56
C THR A 254 18.63 -34.15 -7.99
N ARG A 255 17.34 -34.49 -8.14
CA ARG A 255 16.62 -34.35 -9.42
C ARG A 255 16.72 -32.93 -9.94
N GLU A 256 16.70 -31.94 -9.04
CA GLU A 256 16.64 -30.54 -9.43
C GLU A 256 18.02 -29.97 -9.75
N GLY A 257 19.10 -30.68 -9.45
CA GLY A 257 20.42 -30.21 -9.77
C GLY A 257 21.22 -29.72 -8.59
N PHE A 258 20.66 -29.80 -7.38
CA PHE A 258 21.38 -29.43 -6.18
C PHE A 258 22.43 -30.47 -5.81
N TYR A 259 23.45 -30.04 -5.07
CA TYR A 259 24.50 -30.93 -4.59
C TYR A 259 24.26 -31.26 -3.12
N ARG A 260 24.39 -32.54 -2.77
CA ARG A 260 24.35 -32.93 -1.38
C ARG A 260 25.65 -32.52 -0.68
N THR A 261 25.52 -32.01 0.54
CA THR A 261 26.68 -31.50 1.27
C THR A 261 26.58 -31.90 2.74
N LYS A 262 27.74 -32.01 3.38
CA LYS A 262 27.84 -32.46 4.77
C LYS A 262 27.62 -31.28 5.70
N ASN A 263 26.59 -31.37 6.53
CA ASN A 263 26.25 -30.25 7.40
C ASN A 263 26.98 -30.37 8.74
N GLY A 264 26.92 -29.29 9.53
CA GLY A 264 27.36 -29.34 10.91
C GLY A 264 28.07 -28.06 11.29
N ILE A 265 28.67 -28.07 12.49
CA ILE A 265 29.35 -26.86 12.96
C ILE A 265 30.59 -26.56 12.13
N GLU A 266 31.20 -27.59 11.54
CA GLU A 266 32.42 -27.37 10.78
C GLU A 266 32.21 -26.48 9.56
N PRO A 267 31.22 -26.70 8.70
CA PRO A 267 30.99 -25.74 7.61
C PRO A 267 30.56 -24.36 8.12
N CYS A 268 29.81 -24.28 9.23
CA CYS A 268 29.46 -22.98 9.79
C CYS A 268 30.71 -22.18 10.16
N ILE A 269 31.67 -22.84 10.82
CA ILE A 269 32.90 -22.16 11.23
C ILE A 269 33.66 -21.64 10.02
N ALA A 270 33.80 -22.47 8.98
CA ALA A 270 34.50 -22.02 7.78
C ALA A 270 33.75 -20.86 7.12
N ARG A 271 32.42 -20.95 7.05
CA ARG A 271 31.68 -19.83 6.45
C ARG A 271 31.79 -18.58 7.31
N ALA A 272 31.66 -18.72 8.63
CA ALA A 272 31.79 -17.56 9.49
C ALA A 272 33.13 -16.85 9.27
N LYS A 273 34.20 -17.62 9.05
CA LYS A 273 35.51 -16.98 8.88
C LYS A 273 35.59 -16.25 7.54
N ALA A 274 35.02 -16.84 6.50
CA ALA A 274 34.99 -16.19 5.20
C ALA A 274 34.17 -14.89 5.22
N TYR A 275 33.06 -14.89 5.98
CA TYR A 275 32.15 -13.73 6.07
C TYR A 275 32.69 -12.64 7.00
N ALA A 276 33.54 -12.99 7.96
CA ALA A 276 33.89 -12.02 9.01
C ALA A 276 34.46 -10.71 8.48
N PRO A 277 35.29 -10.67 7.43
CA PRO A 277 35.76 -9.36 6.92
C PRO A 277 34.64 -8.50 6.37
N PHE A 278 33.46 -9.08 6.10
CA PHE A 278 32.35 -8.38 5.50
C PHE A 278 31.16 -8.20 6.45
N ALA A 279 31.27 -8.59 7.71
CA ALA A 279 30.12 -8.54 8.61
C ALA A 279 30.53 -7.92 9.94
N ASP A 280 29.67 -7.02 10.44
CA ASP A 280 29.88 -6.45 11.77
C ASP A 280 29.53 -7.44 12.87
N LEU A 281 28.61 -8.37 12.61
CA LEU A 281 28.32 -9.45 13.53
C LEU A 281 28.08 -10.70 12.70
N ILE A 282 28.38 -11.85 13.30
CA ILE A 282 28.26 -13.14 12.65
C ILE A 282 27.39 -14.04 13.48
N TRP A 283 26.54 -14.80 12.79
CA TRP A 283 25.50 -15.61 13.40
C TRP A 283 25.34 -16.95 12.71
N MET A 284 25.44 -18.01 13.51
CA MET A 284 25.25 -19.37 13.06
C MET A 284 23.91 -19.89 13.57
N GLU A 285 23.07 -20.37 12.69
CA GLU A 285 21.76 -20.82 13.13
C GLU A 285 21.94 -22.24 13.70
N THR A 286 21.30 -22.55 14.85
CA THR A 286 21.56 -23.85 15.47
C THR A 286 20.27 -24.64 15.70
N GLY A 287 20.44 -25.96 15.90
CA GLY A 287 19.34 -26.88 16.06
C GLY A 287 18.80 -27.00 17.47
N THR A 288 19.61 -26.62 18.46
CA THR A 288 19.27 -26.71 19.87
C THR A 288 20.02 -25.61 20.62
N PRO A 289 19.50 -25.15 21.75
CA PRO A 289 20.22 -24.14 22.55
C PRO A 289 21.27 -24.78 23.44
N ASP A 290 22.55 -24.61 23.08
CA ASP A 290 23.63 -25.43 23.62
C ASP A 290 24.84 -24.55 23.90
N LEU A 291 25.12 -24.27 25.18
CA LEU A 291 26.20 -23.35 25.53
C LEU A 291 27.56 -23.86 25.04
N GLU A 292 27.78 -25.17 25.07
CA GLU A 292 29.09 -25.64 24.66
C GLU A 292 29.26 -25.66 23.14
N ALA A 293 28.19 -25.94 22.39
CA ALA A 293 28.27 -25.73 20.95
C ALA A 293 28.51 -24.25 20.64
N ALA A 294 27.86 -23.37 21.39
CA ALA A 294 28.10 -21.93 21.21
C ALA A 294 29.55 -21.57 21.52
N ARG A 295 30.11 -22.12 22.60
CA ARG A 295 31.53 -21.90 22.89
C ARG A 295 32.40 -22.36 21.74
N GLN A 296 32.12 -23.55 21.20
CA GLN A 296 32.98 -24.06 20.13
C GLN A 296 32.98 -23.12 18.94
N PHE A 297 31.79 -22.66 18.54
CA PHE A 297 31.69 -21.72 17.42
C PHE A 297 32.46 -20.44 17.73
N SER A 298 32.23 -19.89 18.93
CA SER A 298 32.88 -18.66 19.36
C SER A 298 34.40 -18.76 19.37
N GLU A 299 34.96 -19.76 20.07
CA GLU A 299 36.41 -19.92 20.12
C GLU A 299 36.99 -20.03 18.72
N ALA A 300 36.32 -20.77 17.85
CA ALA A 300 36.86 -21.05 16.52
C ALA A 300 36.94 -19.80 15.66
N VAL A 301 35.88 -18.99 15.65
CA VAL A 301 35.90 -17.73 14.91
C VAL A 301 36.95 -16.79 15.48
N LYS A 302 36.97 -16.67 16.80
CA LYS A 302 37.84 -15.70 17.44
C LYS A 302 39.31 -16.13 17.43
N ALA A 303 39.59 -17.41 17.22
CA ALA A 303 40.98 -17.83 17.01
C ALA A 303 41.61 -17.09 15.83
N GLU A 304 40.80 -16.70 14.85
CA GLU A 304 41.29 -15.94 13.71
C GLU A 304 40.93 -14.47 13.76
N TYR A 305 39.80 -14.13 14.38
CA TYR A 305 39.29 -12.75 14.45
C TYR A 305 38.91 -12.48 15.89
N PRO A 306 39.88 -12.14 16.74
CA PRO A 306 39.60 -12.01 18.18
C PRO A 306 38.55 -10.98 18.52
N ASP A 307 38.42 -9.92 17.72
CA ASP A 307 37.44 -8.88 18.04
C ASP A 307 36.07 -9.10 17.38
N GLN A 308 35.87 -10.19 16.66
CA GLN A 308 34.63 -10.38 15.91
C GLN A 308 33.45 -10.59 16.86
N MET A 309 32.46 -9.70 16.78
CA MET A 309 31.25 -9.85 17.57
C MET A 309 30.29 -10.84 16.93
N LEU A 310 29.57 -11.57 17.77
CA LEU A 310 28.69 -12.64 17.34
C LEU A 310 27.27 -12.34 17.79
N ALA A 311 26.30 -12.93 17.09
CA ALA A 311 24.90 -12.81 17.46
C ALA A 311 24.33 -14.21 17.65
N TYR A 312 23.30 -14.31 18.50
CA TYR A 312 22.71 -15.60 18.88
C TYR A 312 21.20 -15.51 18.94
N ASN A 313 20.56 -16.42 18.21
CA ASN A 313 19.10 -16.54 18.17
C ASN A 313 18.66 -17.48 19.29
N CYS A 314 18.00 -16.95 20.32
CA CYS A 314 17.41 -17.79 21.37
C CYS A 314 16.02 -18.21 20.90
N SER A 315 15.94 -19.36 20.23
CA SER A 315 14.77 -19.47 19.36
C SER A 315 13.60 -20.11 20.09
N PRO A 316 12.37 -19.65 19.78
CA PRO A 316 11.17 -20.37 20.20
C PRO A 316 10.99 -21.70 19.47
N SER A 317 11.69 -21.92 18.36
CA SER A 317 11.65 -23.21 17.67
C SER A 317 12.31 -24.31 18.48
N PHE A 318 12.88 -23.98 19.63
CA PHE A 318 13.39 -24.95 20.57
C PHE A 318 12.35 -25.14 21.68
N ASN A 319 12.17 -26.39 22.11
CA ASN A 319 11.44 -26.68 23.34
C ASN A 319 12.46 -26.61 24.46
N TRP A 320 12.39 -25.55 25.28
CA TRP A 320 13.52 -25.21 26.13
C TRP A 320 13.72 -26.20 27.26
N LYS A 321 12.64 -26.62 27.92
CA LYS A 321 12.85 -27.51 29.07
C LYS A 321 13.04 -28.97 28.67
N LYS A 322 12.87 -29.31 27.39
CA LYS A 322 13.24 -30.60 26.82
C LYS A 322 14.74 -30.66 26.47
N HIS A 323 15.53 -29.72 26.99
CA HIS A 323 16.96 -29.68 26.71
C HIS A 323 17.74 -29.13 27.88
N LEU A 324 17.16 -28.22 28.67
CA LEU A 324 17.89 -27.54 29.74
C LEU A 324 17.08 -27.49 31.00
N ASP A 325 17.79 -27.38 32.12
CA ASP A 325 17.24 -27.19 33.45
C ASP A 325 17.12 -25.69 33.72
N ASP A 326 16.56 -25.34 34.88
CA ASP A 326 16.23 -23.94 35.15
C ASP A 326 17.46 -23.10 35.41
N ALA A 327 18.49 -23.67 36.05
CA ALA A 327 19.70 -22.90 36.33
C ALA A 327 20.42 -22.53 35.04
N THR A 328 20.47 -23.46 34.09
CA THR A 328 21.11 -23.18 32.81
C THR A 328 20.31 -22.17 32.01
N ILE A 329 18.98 -22.32 31.97
CA ILE A 329 18.11 -21.34 31.34
C ILE A 329 18.36 -19.95 31.93
N ALA A 330 18.43 -19.87 33.27
CA ALA A 330 18.61 -18.59 33.93
C ALA A 330 19.92 -17.91 33.54
N LYS A 331 21.00 -18.67 33.35
CA LYS A 331 22.30 -18.06 33.07
C LYS A 331 22.62 -18.05 31.57
N PHE A 332 21.69 -18.46 30.71
CA PHE A 332 22.00 -18.72 29.31
C PHE A 332 22.57 -17.48 28.61
N GLN A 333 21.84 -16.36 28.65
CA GLN A 333 22.30 -15.18 27.91
C GLN A 333 23.57 -14.59 28.51
N LYS A 334 23.66 -14.57 29.84
CA LYS A 334 24.88 -14.05 30.46
C LYS A 334 26.09 -14.85 30.01
N GLU A 335 25.98 -16.19 30.01
CA GLU A 335 27.09 -17.02 29.59
C GLU A 335 27.45 -16.77 28.14
N LEU A 336 26.42 -16.72 27.26
CA LEU A 336 26.68 -16.41 25.86
C LEU A 336 27.40 -15.08 25.69
N ALA A 337 27.06 -14.10 26.52
CA ALA A 337 27.66 -12.78 26.36
C ALA A 337 29.15 -12.82 26.67
N ALA A 338 29.53 -13.58 27.70
CA ALA A 338 30.94 -13.72 28.03
C ALA A 338 31.73 -14.40 26.92
N MET A 339 31.05 -15.08 25.97
CA MET A 339 31.76 -15.69 24.85
C MET A 339 31.82 -14.79 23.63
N GLY A 340 31.18 -13.62 23.64
CA GLY A 340 31.23 -12.69 22.52
C GLY A 340 29.93 -12.57 21.74
N PHE A 341 28.89 -13.27 22.15
CA PHE A 341 27.57 -13.09 21.55
C PHE A 341 26.98 -11.82 22.13
N LYS A 342 27.28 -10.69 21.48
CA LYS A 342 26.86 -9.37 21.97
C LYS A 342 25.47 -8.95 21.50
N PHE A 343 24.86 -9.63 20.53
CA PHE A 343 23.48 -9.34 20.16
C PHE A 343 22.68 -10.62 20.29
N GLN A 344 21.68 -10.63 21.18
CA GLN A 344 20.92 -11.85 21.42
C GLN A 344 19.43 -11.54 21.38
N PHE A 345 18.64 -12.44 20.82
CA PHE A 345 17.28 -12.04 20.46
C PHE A 345 16.37 -13.26 20.48
N ILE A 346 15.13 -13.05 20.89
CA ILE A 346 14.08 -14.05 20.75
C ILE A 346 13.24 -13.71 19.52
N THR A 347 13.45 -14.46 18.45
CA THR A 347 12.89 -14.09 17.14
C THR A 347 11.37 -13.98 17.18
N LEU A 348 10.68 -15.02 17.67
CA LEU A 348 9.23 -15.11 17.52
C LEU A 348 8.48 -14.74 18.79
N ALA A 349 9.10 -13.93 19.65
CA ALA A 349 8.48 -13.54 20.93
C ALA A 349 7.15 -12.83 20.71
N GLY A 350 7.06 -11.96 19.70
CA GLY A 350 5.82 -11.24 19.45
C GLY A 350 4.70 -12.16 18.97
N PHE A 351 5.03 -13.12 18.10
CA PHE A 351 4.05 -14.09 17.64
C PHE A 351 3.45 -14.86 18.81
N HIS A 352 4.29 -15.36 19.72
CA HIS A 352 3.76 -16.18 20.81
C HIS A 352 3.04 -15.34 21.84
N ALA A 353 3.59 -14.18 22.21
CA ALA A 353 2.89 -13.30 23.13
C ALA A 353 1.51 -12.92 22.61
N LEU A 354 1.43 -12.56 21.32
CA LEU A 354 0.16 -12.15 20.72
C LEU A 354 -0.83 -13.30 20.66
N ASN A 355 -0.39 -14.45 20.13
CA ASN A 355 -1.32 -15.55 19.92
C ASN A 355 -1.77 -16.14 21.24
N TYR A 356 -0.87 -16.24 22.22
CA TYR A 356 -1.27 -16.81 23.50
C TYR A 356 -2.21 -15.87 24.24
N SER A 357 -1.86 -14.57 24.32
CA SER A 357 -2.72 -13.66 25.07
C SER A 357 -4.12 -13.56 24.47
N MET A 358 -4.24 -13.61 23.15
CA MET A 358 -5.58 -13.48 22.61
C MET A 358 -6.33 -14.80 22.72
N PHE A 359 -5.63 -15.94 22.61
CA PHE A 359 -6.30 -17.21 22.85
C PHE A 359 -6.84 -17.26 24.27
N ASP A 360 -6.01 -16.90 25.23
CA ASP A 360 -6.40 -17.00 26.63
C ASP A 360 -7.56 -16.07 26.93
N LEU A 361 -7.52 -14.82 26.45
CA LEU A 361 -8.62 -13.90 26.70
C LEU A 361 -9.91 -14.37 26.05
N ALA A 362 -9.85 -14.71 24.74
CA ALA A 362 -11.04 -15.16 24.03
C ALA A 362 -11.60 -16.44 24.62
N TYR A 363 -10.74 -17.32 25.13
CA TYR A 363 -11.23 -18.55 25.72
C TYR A 363 -12.05 -18.26 26.96
N GLY A 364 -11.53 -17.42 27.87
CA GLY A 364 -12.31 -17.06 29.04
C GLY A 364 -13.57 -16.30 28.68
N TYR A 365 -13.47 -15.41 27.69
CA TYR A 365 -14.61 -14.62 27.27
C TYR A 365 -15.73 -15.49 26.74
N ALA A 366 -15.38 -16.52 25.98
CA ALA A 366 -16.40 -17.40 25.39
C ALA A 366 -17.23 -18.08 26.48
N GLN A 367 -16.62 -18.36 27.62
CA GLN A 367 -17.28 -19.06 28.71
C GLN A 367 -17.88 -18.10 29.74
N ASN A 368 -17.15 -17.04 30.09
CA ASN A 368 -17.45 -16.19 31.23
C ASN A 368 -17.75 -14.74 30.87
N GLN A 369 -17.65 -14.36 29.59
CA GLN A 369 -17.91 -12.99 29.11
C GLN A 369 -17.07 -11.99 29.91
N MET A 370 -17.68 -10.92 30.46
CA MET A 370 -16.92 -9.81 31.06
C MET A 370 -15.99 -10.25 32.17
N SER A 371 -16.30 -11.34 32.89
CA SER A 371 -15.38 -11.82 33.92
C SER A 371 -13.97 -11.97 33.36
N ALA A 372 -13.84 -12.48 32.13
CA ALA A 372 -12.52 -12.75 31.58
C ALA A 372 -11.78 -11.45 31.29
N TYR A 373 -12.46 -10.46 30.74
CA TYR A 373 -11.78 -9.22 30.41
C TYR A 373 -11.38 -8.47 31.68
N VAL A 374 -12.24 -8.49 32.71
CA VAL A 374 -11.90 -7.78 33.94
C VAL A 374 -10.66 -8.38 34.59
N GLU A 375 -10.47 -9.69 34.49
CA GLU A 375 -9.22 -10.29 34.95
C GLU A 375 -8.02 -9.69 34.21
N LEU A 376 -8.16 -9.42 32.90
CA LEU A 376 -7.06 -8.81 32.17
C LEU A 376 -6.85 -7.36 32.59
N GLN A 377 -7.94 -6.60 32.73
CA GLN A 377 -7.83 -5.20 33.13
C GLN A 377 -7.20 -5.07 34.51
N GLU A 378 -7.43 -6.07 35.38
CA GLU A 378 -6.88 -6.01 36.73
C GLU A 378 -5.39 -6.28 36.71
N ARG A 379 -4.95 -7.22 35.88
CA ARG A 379 -3.52 -7.42 35.69
C ARG A 379 -2.87 -6.19 35.10
N GLU A 380 -3.58 -5.44 34.25
CA GLU A 380 -3.04 -4.21 33.71
C GLU A 380 -2.85 -3.16 34.81
N PHE A 381 -3.88 -2.93 35.63
CA PHE A 381 -3.78 -2.00 36.74
C PHE A 381 -2.60 -2.34 37.65
N ALA A 382 -2.44 -3.61 38.00
CA ALA A 382 -1.36 -4.02 38.88
C ALA A 382 0.01 -3.86 38.22
N ALA A 383 0.05 -3.87 36.88
CA ALA A 383 1.32 -3.67 36.20
C ALA A 383 1.76 -2.21 36.16
N GLU A 384 0.86 -1.25 36.42
CA GLU A 384 1.30 0.14 36.41
C GLU A 384 2.42 0.41 37.41
N GLU A 385 2.53 -0.39 38.49
CA GLU A 385 3.64 -0.15 39.41
C GLU A 385 4.98 -0.48 38.76
N ARG A 386 5.00 -1.42 37.82
CA ARG A 386 6.20 -1.76 37.07
CA ARG A 386 6.23 -1.73 37.09
C ARG A 386 6.48 -0.79 35.92
N GLY A 387 5.62 0.21 35.70
CA GLY A 387 5.83 1.21 34.67
C GLY A 387 4.86 1.14 33.50
N TYR A 388 3.96 0.17 33.47
CA TYR A 388 3.00 0.04 32.39
C TYR A 388 2.07 1.23 32.32
N THR A 389 1.85 1.73 31.10
CA THR A 389 1.05 2.93 30.93
C THR A 389 -0.16 2.74 30.00
N ALA A 390 -0.29 1.60 29.32
CA ALA A 390 -1.31 1.52 28.28
C ALA A 390 -2.73 1.35 28.84
N THR A 391 -2.89 1.15 30.14
CA THR A 391 -4.23 1.15 30.71
C THR A 391 -4.96 2.44 30.37
N LYS A 392 -4.24 3.57 30.34
CA LYS A 392 -4.77 4.83 29.83
C LYS A 392 -4.51 4.88 28.33
N HIS A 393 -5.41 4.21 27.60
CA HIS A 393 -5.15 3.95 26.19
C HIS A 393 -5.26 5.20 25.34
N GLN A 394 -6.10 6.17 25.73
CA GLN A 394 -6.23 7.40 24.95
C GLN A 394 -4.88 8.14 24.89
N ARG A 395 -4.27 8.38 26.05
CA ARG A 395 -2.98 9.09 26.03
C ARG A 395 -1.89 8.21 25.43
N GLU A 396 -2.06 6.89 25.51
CA GLU A 396 -1.04 5.97 25.01
C GLU A 396 -0.86 6.13 23.49
N VAL A 397 -1.96 6.36 22.75
CA VAL A 397 -1.89 6.50 21.29
C VAL A 397 -1.85 7.95 20.85
N GLY A 398 -1.69 8.88 21.79
CA GLY A 398 -1.41 10.27 21.46
C GLY A 398 -2.56 11.25 21.49
N ALA A 399 -3.65 10.97 22.20
CA ALA A 399 -4.76 11.93 22.25
C ALA A 399 -4.34 13.24 22.89
N GLY A 400 -3.48 13.18 23.89
CA GLY A 400 -2.96 14.40 24.49
C GLY A 400 -2.00 15.15 23.60
N TYR A 401 -1.20 14.42 22.80
CA TYR A 401 -0.29 15.04 21.85
C TYR A 401 -1.07 15.77 20.76
N PHE A 402 -2.10 15.14 20.21
CA PHE A 402 -2.90 15.80 19.19
C PHE A 402 -3.76 16.92 19.78
N ASP A 403 -4.19 16.80 21.04
CA ASP A 403 -4.83 17.94 21.69
C ASP A 403 -3.89 19.14 21.75
N ARG A 404 -2.60 18.90 22.05
CA ARG A 404 -1.64 20.00 22.07
C ARG A 404 -1.49 20.63 20.69
N ILE A 405 -1.48 19.82 19.62
CA ILE A 405 -1.46 20.36 18.27
C ILE A 405 -2.69 21.24 18.03
N ALA A 406 -3.86 20.70 18.38
CA ALA A 406 -5.11 21.43 18.18
C ALA A 406 -5.10 22.76 18.95
N THR A 407 -4.59 22.77 20.17
CA THR A 407 -4.60 24.02 20.93
C THR A 407 -3.48 24.97 20.51
N THR A 408 -2.43 24.44 19.86
CA THR A 408 -1.44 25.30 19.25
C THR A 408 -2.04 26.04 18.07
N VAL A 409 -2.88 25.36 17.29
CA VAL A 409 -3.52 26.03 16.15
C VAL A 409 -4.62 26.98 16.63
N ASP A 410 -5.44 26.55 17.61
CA ASP A 410 -6.54 27.35 18.12
C ASP A 410 -6.68 27.07 19.60
N PRO A 411 -6.12 27.92 20.45
CA PRO A 411 -6.16 27.65 21.91
C PRO A 411 -7.59 27.57 22.46
N ASN A 412 -8.54 28.27 21.86
CA ASN A 412 -9.91 28.33 22.34
C ASN A 412 -10.84 27.32 21.68
N SER A 413 -10.31 26.36 20.91
CA SER A 413 -11.16 25.38 20.23
C SER A 413 -12.09 24.69 21.21
N SER A 414 -13.30 24.38 20.77
CA SER A 414 -14.26 23.74 21.65
C SER A 414 -14.31 22.23 21.49
N THR A 415 -13.39 21.63 20.72
CA THR A 415 -13.50 20.22 20.31
C THR A 415 -12.24 19.40 20.61
N THR A 416 -11.53 19.73 21.68
CA THR A 416 -10.43 18.89 22.11
C THR A 416 -10.96 17.59 22.74
N ALA A 417 -10.07 16.59 22.87
CA ALA A 417 -10.51 15.20 23.13
C ALA A 417 -10.43 14.76 24.59
N LEU A 418 -9.36 15.11 25.32
CA LEU A 418 -9.15 14.49 26.62
C LEU A 418 -10.05 15.09 27.71
N THR A 419 -10.31 16.40 27.66
CA THR A 419 -11.23 17.00 28.62
C THR A 419 -12.66 16.57 28.28
N GLY A 420 -13.34 15.97 29.25
CA GLY A 420 -14.65 15.36 29.05
C GLY A 420 -14.63 13.86 28.79
N SER A 421 -13.45 13.25 28.71
CA SER A 421 -13.33 11.83 28.41
C SER A 421 -13.56 10.97 29.66
N THR A 422 -13.95 9.70 29.43
CA THR A 422 -14.00 8.74 30.53
C THR A 422 -12.61 8.37 31.03
N GLU A 423 -11.56 8.61 30.24
CA GLU A 423 -10.21 8.39 30.75
C GLU A 423 -9.87 9.40 31.84
N GLU A 424 -10.30 10.66 31.67
CA GLU A 424 -10.09 11.67 32.71
C GLU A 424 -11.02 11.45 33.90
N GLY A 425 -12.19 10.84 33.68
CA GLY A 425 -13.17 10.63 34.72
C GLY A 425 -13.14 9.29 35.44
N GLN A 426 -12.38 8.30 34.94
CA GLN A 426 -12.39 6.97 35.55
C GLN A 426 -11.02 6.32 35.76
N PHE A 427 -9.92 6.91 35.31
CA PHE A 427 -8.62 6.23 35.37
C PHE A 427 -7.54 7.03 36.10
N MET B 1 -20.50 -11.14 -25.15
CA MET B 1 -21.52 -12.18 -25.23
C MET B 1 -21.55 -13.06 -23.96
N SER B 2 -20.55 -12.89 -23.09
CA SER B 2 -20.56 -13.60 -21.82
C SER B 2 -21.72 -13.14 -20.93
N VAL B 3 -22.29 -14.08 -20.19
CA VAL B 3 -23.33 -13.76 -19.24
C VAL B 3 -22.83 -13.82 -17.81
N VAL B 4 -21.52 -14.03 -17.61
CA VAL B 4 -20.99 -14.07 -16.24
C VAL B 4 -21.22 -12.72 -15.57
N GLY B 5 -21.76 -12.75 -14.36
CA GLY B 5 -22.01 -11.55 -13.60
C GLY B 5 -23.11 -10.63 -14.10
N THR B 6 -24.03 -11.12 -14.94
CA THR B 6 -25.10 -10.25 -15.43
C THR B 6 -25.93 -9.74 -14.26
N PRO B 7 -26.26 -8.45 -14.21
CA PRO B 7 -27.09 -7.96 -13.10
C PRO B 7 -28.51 -8.52 -13.19
N LYS B 8 -29.17 -8.61 -12.04
CA LYS B 8 -30.58 -8.97 -12.03
C LYS B 8 -31.43 -7.79 -12.53
N SER B 9 -32.71 -8.07 -12.80
CA SER B 9 -33.66 -7.04 -13.16
C SER B 9 -34.19 -6.35 -11.92
N ALA B 10 -34.60 -5.09 -12.13
CA ALA B 10 -35.33 -4.43 -11.05
C ALA B 10 -36.46 -5.32 -10.58
N GLU B 11 -37.13 -6.04 -11.46
CA GLU B 11 -38.30 -6.82 -11.04
C GLU B 11 -37.87 -7.82 -9.99
N GLN B 12 -36.81 -8.57 -10.27
CA GLN B 12 -36.28 -9.55 -9.32
C GLN B 12 -35.91 -8.91 -7.99
N ILE B 13 -35.19 -7.80 -8.03
CA ILE B 13 -34.72 -7.15 -6.80
C ILE B 13 -35.89 -6.72 -5.95
N GLN B 14 -36.85 -6.04 -6.57
CA GLN B 14 -38.05 -5.60 -5.88
C GLN B 14 -38.74 -6.76 -5.17
N GLN B 15 -38.80 -7.91 -5.82
CA GLN B 15 -39.50 -9.05 -5.22
C GLN B 15 -38.73 -9.59 -4.02
N GLU B 16 -37.40 -9.61 -4.10
CA GLU B 16 -36.61 -10.02 -2.95
CA GLU B 16 -36.62 -10.03 -2.94
C GLU B 16 -36.86 -9.10 -1.76
N TRP B 17 -36.86 -7.77 -2.00
CA TRP B 17 -37.17 -6.83 -0.91
C TRP B 17 -38.57 -7.09 -0.33
N ASP B 18 -39.54 -7.42 -1.19
CA ASP B 18 -40.92 -7.62 -0.75
C ASP B 18 -41.16 -8.95 -0.04
N THR B 19 -40.30 -9.95 -0.24
CA THR B 19 -40.58 -11.31 0.22
C THR B 19 -39.53 -11.91 1.13
N ASN B 20 -38.29 -11.43 1.10
CA ASN B 20 -37.30 -12.01 1.98
C ASN B 20 -37.50 -11.46 3.38
N PRO B 21 -37.70 -12.30 4.40
CA PRO B 21 -37.82 -11.77 5.77
C PRO B 21 -36.60 -10.99 6.21
N ARG B 22 -35.48 -11.11 5.50
CA ARG B 22 -34.29 -10.31 5.83
C ARG B 22 -34.64 -8.83 5.84
N TRP B 23 -35.50 -8.39 4.90
CA TRP B 23 -35.82 -7.00 4.64
C TRP B 23 -37.11 -6.51 5.31
N LYS B 24 -37.67 -7.29 6.23
CA LYS B 24 -38.84 -6.87 6.96
C LYS B 24 -38.56 -5.59 7.75
N ASP B 25 -39.38 -4.56 7.55
CA ASP B 25 -39.20 -3.27 8.22
C ASP B 25 -37.85 -2.62 7.93
N VAL B 26 -37.33 -2.82 6.73
CA VAL B 26 -36.17 -2.07 6.24
C VAL B 26 -36.70 -1.06 5.23
N THR B 27 -36.53 0.22 5.53
CA THR B 27 -36.95 1.29 4.63
C THR B 27 -35.82 1.63 3.67
N ARG B 28 -36.11 1.57 2.38
CA ARG B 28 -35.27 2.10 1.32
C ARG B 28 -36.04 3.22 0.64
N THR B 29 -35.48 4.43 0.65
CA THR B 29 -36.11 5.58 0.03
C THR B 29 -35.77 5.69 -1.43
N TYR B 30 -35.00 4.78 -1.97
CA TYR B 30 -34.76 4.69 -3.39
C TYR B 30 -35.46 3.45 -3.94
N SER B 31 -35.39 3.28 -5.26
CA SER B 31 -36.07 2.23 -5.98
C SER B 31 -35.12 1.13 -6.43
N ALA B 32 -35.68 -0.06 -6.62
CA ALA B 32 -34.98 -1.14 -7.33
C ALA B 32 -34.38 -0.63 -8.65
N GLU B 33 -35.12 0.20 -9.39
CA GLU B 33 -34.60 0.69 -10.66
C GLU B 33 -33.38 1.56 -10.44
N ASP B 34 -33.37 2.33 -9.34
CA ASP B 34 -32.20 3.13 -8.98
C ASP B 34 -30.97 2.25 -8.77
N VAL B 35 -31.16 1.10 -8.14
CA VAL B 35 -30.04 0.19 -7.87
C VAL B 35 -29.50 -0.37 -9.18
N VAL B 36 -30.38 -0.86 -10.05
CA VAL B 36 -29.93 -1.46 -11.31
C VAL B 36 -29.22 -0.41 -12.16
N ALA B 37 -29.68 0.83 -12.12
CA ALA B 37 -29.03 1.88 -12.90
C ALA B 37 -27.56 2.07 -12.53
N LEU B 38 -27.18 1.73 -11.30
CA LEU B 38 -25.83 1.97 -10.80
C LEU B 38 -24.90 0.76 -10.95
N GLN B 39 -25.39 -0.36 -11.48
CA GLN B 39 -24.64 -1.59 -11.45
C GLN B 39 -23.84 -1.88 -12.72
N GLY B 40 -23.84 -0.98 -13.71
CA GLY B 40 -23.08 -1.27 -14.94
C GLY B 40 -23.61 -2.52 -15.63
N SER B 41 -22.74 -3.22 -16.37
CA SER B 41 -23.19 -4.44 -17.02
C SER B 41 -22.63 -5.69 -16.38
N VAL B 42 -21.76 -5.57 -15.39
CA VAL B 42 -21.22 -6.71 -14.66
C VAL B 42 -21.28 -6.39 -13.16
N VAL B 43 -21.80 -7.33 -12.37
CA VAL B 43 -21.79 -7.25 -10.91
C VAL B 43 -20.79 -8.30 -10.41
N GLU B 44 -19.72 -7.84 -9.78
CA GLU B 44 -18.78 -8.77 -9.21
C GLU B 44 -19.40 -9.49 -8.04
N GLU B 45 -19.26 -10.80 -7.98
CA GLU B 45 -19.72 -11.51 -6.79
C GLU B 45 -18.77 -11.26 -5.61
N HIS B 46 -19.33 -11.08 -4.41
CA HIS B 46 -18.55 -10.85 -3.20
C HIS B 46 -18.82 -12.00 -2.24
N THR B 47 -18.19 -13.15 -2.49
CA THR B 47 -18.53 -14.38 -1.77
C THR B 47 -18.42 -14.21 -0.24
N LEU B 48 -17.32 -13.65 0.25
CA LEU B 48 -17.16 -13.61 1.71
C LEU B 48 -18.11 -12.60 2.35
N ALA B 49 -18.37 -11.49 1.66
CA ALA B 49 -19.34 -10.52 2.16
C ALA B 49 -20.75 -11.13 2.21
N ARG B 50 -21.13 -11.87 1.17
CA ARG B 50 -22.45 -12.51 1.17
C ARG B 50 -22.55 -13.56 2.27
N ARG B 51 -21.63 -14.53 2.27
CA ARG B 51 -21.67 -15.58 3.28
C ARG B 51 -21.64 -15.00 4.69
N GLY B 52 -20.74 -14.04 4.96
CA GLY B 52 -20.64 -13.50 6.31
C GLY B 52 -21.89 -12.78 6.76
N ALA B 53 -22.44 -11.94 5.90
CA ALA B 53 -23.68 -11.24 6.26
C ALA B 53 -24.80 -12.25 6.53
N GLU B 54 -24.86 -13.31 5.72
CA GLU B 54 -25.91 -14.31 5.89
C GLU B 54 -25.75 -15.04 7.21
N VAL B 55 -24.50 -15.47 7.52
CA VAL B 55 -24.24 -16.18 8.76
C VAL B 55 -24.50 -15.26 9.95
N LEU B 56 -24.09 -14.00 9.85
CA LEU B 56 -24.33 -13.05 10.93
C LEU B 56 -25.82 -12.92 11.21
N TRP B 57 -26.61 -12.70 10.16
CA TRP B 57 -28.05 -12.51 10.34
C TRP B 57 -28.68 -13.73 11.00
N GLU B 58 -28.34 -14.93 10.53
CA GLU B 58 -28.84 -16.16 11.16
C GLU B 58 -28.43 -16.25 12.63
N GLN B 59 -27.16 -15.98 12.95
CA GLN B 59 -26.72 -16.08 14.34
C GLN B 59 -27.46 -15.08 15.23
N LEU B 60 -27.71 -13.87 14.73
CA LEU B 60 -28.37 -12.85 15.53
C LEU B 60 -29.78 -13.29 15.94
N HIS B 61 -30.34 -14.28 15.24
CA HIS B 61 -31.65 -14.84 15.53
C HIS B 61 -31.61 -16.22 16.18
N ASP B 62 -30.52 -16.98 15.98
CA ASP B 62 -30.44 -18.34 16.49
C ASP B 62 -29.75 -18.41 17.85
N LEU B 63 -28.84 -17.49 18.17
CA LEU B 63 -28.12 -17.53 19.42
C LEU B 63 -28.79 -16.61 20.45
N GLU B 64 -28.56 -16.89 21.73
CA GLU B 64 -29.03 -15.99 22.77
C GLU B 64 -28.49 -14.57 22.52
N TRP B 65 -27.20 -14.47 22.24
CA TRP B 65 -26.63 -13.26 21.66
C TRP B 65 -25.31 -13.61 20.99
N VAL B 66 -24.86 -12.69 20.15
CA VAL B 66 -23.59 -12.78 19.45
C VAL B 66 -22.61 -11.85 20.17
N ASN B 67 -21.49 -12.38 20.63
CA ASN B 67 -20.46 -11.51 21.20
C ASN B 67 -19.14 -11.65 20.46
N ALA B 68 -18.30 -10.62 20.60
CA ALA B 68 -17.09 -10.55 19.81
C ALA B 68 -16.06 -9.71 20.56
N LEU B 69 -14.80 -9.84 20.13
CA LEU B 69 -13.71 -9.04 20.64
C LEU B 69 -13.03 -8.32 19.49
N GLY B 70 -12.54 -7.11 19.78
CA GLY B 70 -11.81 -6.35 18.78
C GLY B 70 -10.57 -7.08 18.34
N ALA B 71 -10.38 -7.21 17.03
CA ALA B 71 -9.21 -7.88 16.43
C ALA B 71 -8.51 -6.88 15.53
N LEU B 72 -7.19 -6.76 15.66
CA LEU B 72 -6.48 -5.84 14.79
C LEU B 72 -5.38 -6.52 13.99
N THR B 73 -5.14 -7.83 14.18
CA THR B 73 -4.29 -8.59 13.27
C THR B 73 -5.04 -9.85 12.87
N GLY B 74 -4.58 -10.48 11.77
CA GLY B 74 -5.21 -11.70 11.32
C GLY B 74 -5.06 -12.83 12.33
N ASN B 75 -3.86 -12.98 12.91
CA ASN B 75 -3.62 -13.99 13.95
C ASN B 75 -4.55 -13.81 15.16
N MET B 76 -4.77 -12.56 15.60
CA MET B 76 -5.73 -12.37 16.69
C MET B 76 -7.11 -12.91 16.36
N ALA B 77 -7.58 -12.68 15.14
CA ALA B 77 -8.91 -13.16 14.75
C ALA B 77 -8.95 -14.69 14.70
N VAL B 78 -7.88 -15.32 14.22
CA VAL B 78 -7.79 -16.77 14.22
C VAL B 78 -7.87 -17.33 15.63
N GLN B 79 -7.19 -16.69 16.59
CA GLN B 79 -7.26 -17.18 17.96
C GLN B 79 -8.65 -16.99 18.56
N GLN B 80 -9.32 -15.89 18.24
CA GLN B 80 -10.69 -15.72 18.72
C GLN B 80 -11.58 -16.84 18.21
N VAL B 81 -11.46 -17.19 16.93
CA VAL B 81 -12.31 -18.22 16.35
C VAL B 81 -11.92 -19.60 16.89
N ARG B 82 -10.62 -19.86 17.00
CA ARG B 82 -10.15 -21.09 17.63
C ARG B 82 -10.71 -21.26 19.03
N ALA B 83 -10.80 -20.17 19.79
CA ALA B 83 -11.27 -20.20 21.17
C ALA B 83 -12.80 -20.29 21.29
N GLY B 84 -13.55 -20.24 20.20
CA GLY B 84 -14.98 -20.43 20.27
C GLY B 84 -15.84 -19.25 19.86
N LEU B 85 -15.28 -18.05 19.67
CA LEU B 85 -16.13 -16.91 19.30
C LEU B 85 -16.69 -17.07 17.88
N LYS B 86 -17.85 -16.49 17.65
CA LYS B 86 -18.60 -16.68 16.41
C LYS B 86 -18.70 -15.43 15.57
N ALA B 87 -18.07 -14.33 15.99
CA ALA B 87 -18.00 -13.12 15.19
C ALA B 87 -16.73 -12.40 15.58
N ILE B 88 -16.28 -11.52 14.71
CA ILE B 88 -15.09 -10.71 14.93
C ILE B 88 -15.48 -9.25 14.86
N TYR B 89 -14.98 -8.44 15.78
CA TYR B 89 -15.25 -7.01 15.76
C TYR B 89 -13.99 -6.28 15.30
N LEU B 90 -14.15 -5.36 14.37
CA LEU B 90 -12.99 -4.65 13.82
C LEU B 90 -13.11 -3.18 14.23
N SER B 91 -12.35 -2.83 15.27
CA SER B 91 -12.34 -1.50 15.86
C SER B 91 -11.57 -0.49 15.01
N GLY B 92 -12.20 0.64 14.70
CA GLY B 92 -11.47 1.75 14.09
C GLY B 92 -10.45 2.37 15.03
N TRP B 93 -10.77 2.43 16.31
CA TRP B 93 -9.84 2.87 17.34
C TRP B 93 -8.55 2.08 17.26
N GLN B 94 -8.67 0.75 17.25
CA GLN B 94 -7.48 -0.11 17.17
C GLN B 94 -6.71 0.10 15.88
N VAL B 95 -7.42 0.33 14.78
CA VAL B 95 -6.77 0.63 13.51
C VAL B 95 -6.01 1.95 13.59
N ALA B 96 -6.65 2.99 14.15
CA ALA B 96 -6.01 4.28 14.36
C ALA B 96 -4.71 4.11 15.16
N GLY B 97 -4.77 3.32 16.24
CA GLY B 97 -3.65 3.21 17.15
C GLY B 97 -2.51 2.32 16.70
N ASP B 98 -2.78 1.33 15.82
CA ASP B 98 -1.74 0.34 15.60
C ASP B 98 -1.85 -0.44 14.29
N ALA B 99 -2.79 -0.09 13.40
CA ALA B 99 -2.94 -0.92 12.20
C ALA B 99 -3.57 -0.14 11.05
N ASN B 100 -3.01 1.03 10.68
CA ASN B 100 -3.60 1.79 9.60
C ASN B 100 -2.54 2.11 8.54
N LEU B 101 -3.02 2.50 7.36
CA LEU B 101 -2.19 2.58 6.16
C LEU B 101 -1.26 3.78 6.12
N SER B 102 -1.41 4.75 7.03
CA SER B 102 -0.38 5.78 7.13
C SER B 102 0.88 5.28 7.82
N GLY B 103 0.81 4.16 8.54
CA GLY B 103 1.90 3.73 9.40
C GLY B 103 2.07 4.48 10.70
N HIS B 104 1.23 5.48 11.00
CA HIS B 104 1.35 6.28 12.20
C HIS B 104 0.43 5.78 13.29
N THR B 105 0.83 6.07 14.55
CA THR B 105 -0.01 5.89 15.73
C THR B 105 -0.92 7.11 15.88
N TYR B 106 -2.23 6.88 15.85
CA TYR B 106 -3.16 7.99 15.96
C TYR B 106 -4.17 7.76 17.07
N PRO B 107 -4.67 8.83 17.69
CA PRO B 107 -5.89 8.74 18.49
C PRO B 107 -7.09 8.62 17.58
N ASP B 108 -8.23 8.32 18.20
CA ASP B 108 -9.42 7.90 17.46
C ASP B 108 -10.19 9.13 16.98
N GLN B 109 -9.66 9.76 15.92
CA GLN B 109 -10.23 11.01 15.43
C GLN B 109 -10.30 11.05 13.91
N SER B 110 -10.51 9.89 13.27
CA SER B 110 -10.62 9.76 11.81
C SER B 110 -9.45 10.43 11.10
N LEU B 111 -8.23 10.18 11.63
CA LEU B 111 -7.00 10.73 11.07
C LEU B 111 -6.38 9.85 9.98
N TYR B 112 -6.71 8.57 9.95
CA TYR B 112 -5.98 7.62 9.12
C TYR B 112 -6.62 7.54 7.74
N PRO B 113 -5.93 6.96 6.75
CA PRO B 113 -6.52 6.90 5.40
C PRO B 113 -7.77 6.03 5.38
N ALA B 114 -8.79 6.54 4.69
CA ALA B 114 -10.13 5.94 4.69
C ALA B 114 -10.19 4.50 4.20
N ASN B 115 -9.18 3.99 3.46
CA ASN B 115 -9.21 2.57 3.12
C ASN B 115 -8.48 1.66 4.11
N SER B 116 -8.17 2.15 5.31
CA SER B 116 -7.43 1.36 6.29
C SER B 116 -8.28 0.20 6.83
N VAL B 117 -9.51 0.45 7.23
CA VAL B 117 -10.35 -0.61 7.79
C VAL B 117 -10.67 -1.68 6.73
N PRO B 118 -11.02 -1.34 5.47
CA PRO B 118 -11.13 -2.40 4.44
C PRO B 118 -9.90 -3.30 4.35
N GLN B 119 -8.68 -2.75 4.39
CA GLN B 119 -7.50 -3.60 4.29
C GLN B 119 -7.40 -4.58 5.45
N VAL B 120 -7.76 -4.15 6.66
CA VAL B 120 -7.72 -5.07 7.80
C VAL B 120 -8.85 -6.11 7.70
N VAL B 121 -10.04 -5.71 7.21
CA VAL B 121 -11.08 -6.71 6.91
C VAL B 121 -10.52 -7.77 5.96
N ARG B 122 -9.89 -7.33 4.87
CA ARG B 122 -9.31 -8.29 3.92
C ARG B 122 -8.27 -9.17 4.59
N ARG B 123 -7.42 -8.58 5.44
CA ARG B 123 -6.40 -9.33 6.18
C ARG B 123 -7.05 -10.40 7.06
N ILE B 124 -8.05 -10.00 7.84
CA ILE B 124 -8.68 -10.94 8.75
C ILE B 124 -9.28 -12.11 7.97
N ASN B 125 -9.97 -11.81 6.88
CA ASN B 125 -10.54 -12.89 6.07
C ASN B 125 -9.45 -13.80 5.50
N ASN B 126 -8.34 -13.21 5.03
CA ASN B 126 -7.22 -14.03 4.55
C ASN B 126 -6.73 -14.96 5.66
N ALA B 127 -6.63 -14.44 6.88
CA ALA B 127 -6.09 -15.25 7.95
C ALA B 127 -7.04 -16.40 8.29
N LEU B 128 -8.34 -16.11 8.34
CA LEU B 128 -9.33 -17.16 8.61
C LEU B 128 -9.38 -18.17 7.50
N GLN B 129 -9.17 -17.73 6.25
CA GLN B 129 -9.13 -18.69 5.13
C GLN B 129 -7.95 -19.62 5.26
N ARG B 130 -6.80 -19.09 5.69
CA ARG B 130 -5.64 -19.94 5.86
C ARG B 130 -5.88 -20.97 6.98
N ALA B 131 -6.48 -20.53 8.09
CA ALA B 131 -6.80 -21.48 9.15
C ALA B 131 -7.80 -22.54 8.66
N ASP B 132 -8.76 -22.12 7.85
CA ASP B 132 -9.71 -23.05 7.24
C ASP B 132 -8.99 -24.05 6.33
N GLN B 133 -8.03 -23.58 5.53
CA GLN B 133 -7.32 -24.47 4.62
C GLN B 133 -6.45 -25.46 5.39
N ILE B 134 -5.77 -24.98 6.43
CA ILE B 134 -4.95 -25.83 7.27
C ILE B 134 -5.81 -26.90 7.93
N ALA B 135 -6.91 -26.46 8.56
CA ALA B 135 -7.83 -27.41 9.20
C ALA B 135 -8.24 -28.53 8.24
N LYS B 136 -8.52 -28.19 6.98
CA LYS B 136 -8.98 -29.21 6.03
C LYS B 136 -7.90 -30.26 5.76
N ILE B 137 -6.66 -29.84 5.50
CA ILE B 137 -5.64 -30.85 5.21
C ILE B 137 -5.27 -31.64 6.46
N GLU B 138 -5.47 -31.09 7.66
CA GLU B 138 -5.18 -31.80 8.90
C GLU B 138 -6.36 -32.60 9.43
N GLY B 139 -7.49 -32.60 8.71
CA GLY B 139 -8.67 -33.27 9.24
C GLY B 139 -9.16 -32.74 10.57
N ASP B 140 -8.97 -31.46 10.86
CA ASP B 140 -9.45 -30.85 12.09
C ASP B 140 -10.86 -30.34 11.87
N THR B 141 -11.82 -30.90 12.63
CA THR B 141 -13.22 -30.48 12.54
C THR B 141 -13.71 -29.88 13.84
N SER B 142 -12.78 -29.48 14.73
CA SER B 142 -13.17 -28.92 16.03
C SER B 142 -13.79 -27.53 15.91
N VAL B 143 -13.53 -26.81 14.83
CA VAL B 143 -14.15 -25.51 14.56
C VAL B 143 -15.12 -25.69 13.40
N GLU B 144 -16.39 -25.34 13.64
CA GLU B 144 -17.43 -25.55 12.64
C GLU B 144 -17.34 -24.53 11.51
N ASN B 145 -17.05 -23.26 11.83
CA ASN B 145 -17.02 -22.21 10.81
C ASN B 145 -15.79 -21.34 11.07
N TRP B 146 -14.75 -21.52 10.26
CA TRP B 146 -13.57 -20.66 10.40
C TRP B 146 -13.85 -19.26 9.90
N LEU B 147 -14.73 -19.12 8.92
CA LEU B 147 -15.05 -17.80 8.37
C LEU B 147 -16.13 -17.12 9.21
N ALA B 148 -15.74 -16.69 10.40
CA ALA B 148 -16.65 -15.94 11.26
C ALA B 148 -17.00 -14.59 10.63
N PRO B 149 -18.23 -14.13 10.76
CA PRO B 149 -18.60 -12.81 10.21
C PRO B 149 -17.82 -11.70 10.90
N ILE B 150 -17.46 -10.69 10.12
CA ILE B 150 -16.71 -9.54 10.60
C ILE B 150 -17.64 -8.34 10.60
N VAL B 151 -17.74 -7.68 11.76
CA VAL B 151 -18.42 -6.41 11.90
C VAL B 151 -17.36 -5.31 12.01
N ALA B 152 -17.40 -4.35 11.10
CA ALA B 152 -16.33 -3.35 11.00
C ALA B 152 -16.85 -1.93 11.21
N ASP B 153 -15.90 -1.09 11.63
CA ASP B 153 -16.13 0.29 12.01
C ASP B 153 -16.12 1.20 10.78
N GLY B 154 -17.27 1.78 10.43
CA GLY B 154 -17.32 2.78 9.38
C GLY B 154 -17.11 4.21 9.85
N GLU B 155 -17.00 4.40 11.17
CA GLU B 155 -16.74 5.69 11.81
C GLU B 155 -17.82 6.66 11.37
N ALA B 156 -17.49 7.89 10.97
CA ALA B 156 -18.47 8.85 10.48
C ALA B 156 -18.41 8.98 8.97
N GLY B 157 -17.90 7.96 8.29
CA GLY B 157 -17.85 7.90 6.85
C GLY B 157 -16.79 8.74 6.18
N PHE B 158 -15.94 9.47 6.93
CA PHE B 158 -14.80 10.19 6.33
C PHE B 158 -15.25 11.25 5.33
N GLY B 159 -16.39 11.87 5.58
CA GLY B 159 -16.82 12.97 4.74
C GLY B 159 -18.31 12.93 4.51
N GLY B 160 -18.75 13.07 3.27
CA GLY B 160 -20.16 13.08 2.93
C GLY B 160 -20.71 11.70 2.60
N ALA B 161 -21.92 11.71 2.04
CA ALA B 161 -22.59 10.48 1.66
C ALA B 161 -21.79 9.70 0.62
N LEU B 162 -21.08 10.39 -0.27
CA LEU B 162 -20.30 9.68 -1.26
C LEU B 162 -19.09 9.00 -0.63
N ASN B 163 -18.54 9.56 0.44
CA ASN B 163 -17.44 8.90 1.15
C ASN B 163 -17.95 7.68 1.89
N VAL B 164 -19.14 7.78 2.47
CA VAL B 164 -19.78 6.63 3.10
C VAL B 164 -19.95 5.51 2.06
N TYR B 165 -20.50 5.87 0.91
CA TYR B 165 -20.75 4.88 -0.13
C TYR B 165 -19.48 4.12 -0.48
N GLU B 166 -18.38 4.85 -0.67
CA GLU B 166 -17.14 4.21 -1.11
C GLU B 166 -16.55 3.35 0.00
N LEU B 167 -16.67 3.78 1.25
CA LEU B 167 -16.19 2.97 2.37
C LEU B 167 -17.00 1.68 2.51
N GLN B 168 -18.34 1.77 2.46
CA GLN B 168 -19.13 0.55 2.49
C GLN B 168 -18.76 -0.38 1.33
N LYS B 169 -18.59 0.19 0.13
CA LYS B 169 -18.23 -0.61 -1.03
C LYS B 169 -16.88 -1.31 -0.82
N ALA B 170 -15.92 -0.60 -0.23
CA ALA B 170 -14.60 -1.20 -0.01
C ALA B 170 -14.65 -2.26 1.08
N LEU B 171 -15.50 -2.06 2.10
CA LEU B 171 -15.65 -3.06 3.16
C LEU B 171 -16.24 -4.35 2.59
N ILE B 172 -17.19 -4.22 1.68
CA ILE B 172 -17.85 -5.39 1.09
C ILE B 172 -16.88 -6.15 0.21
N ALA B 173 -16.10 -5.41 -0.60
CA ALA B 173 -15.10 -6.05 -1.44
C ALA B 173 -14.13 -6.88 -0.62
N ALA B 174 -13.75 -6.37 0.56
CA ALA B 174 -12.86 -7.05 1.49
C ALA B 174 -13.52 -8.19 2.26
N GLY B 175 -14.84 -8.34 2.19
CA GLY B 175 -15.49 -9.47 2.81
C GLY B 175 -16.20 -9.22 4.11
N VAL B 176 -16.66 -7.98 4.37
CA VAL B 176 -17.21 -7.65 5.68
C VAL B 176 -18.63 -8.22 5.75
N ALA B 177 -19.11 -8.50 6.98
CA ALA B 177 -20.48 -8.98 7.18
C ALA B 177 -21.43 -7.87 7.65
N GLY B 178 -20.92 -6.88 8.37
CA GLY B 178 -21.73 -5.77 8.84
C GLY B 178 -20.83 -4.58 9.10
N SER B 179 -21.43 -3.41 9.18
CA SER B 179 -20.63 -2.21 9.38
C SER B 179 -21.44 -1.22 10.19
N HIS B 180 -20.76 -0.41 11.00
CA HIS B 180 -21.50 0.53 11.85
C HIS B 180 -21.08 1.96 11.57
N TRP B 181 -22.05 2.87 11.73
CA TRP B 181 -21.97 4.27 11.27
C TRP B 181 -22.52 5.19 12.34
N GLU B 182 -21.78 6.25 12.67
CA GLU B 182 -22.10 7.04 13.86
C GLU B 182 -22.42 8.46 13.44
N ASP B 183 -23.26 9.13 14.24
CA ASP B 183 -23.82 10.43 13.84
C ASP B 183 -22.95 11.59 14.30
N GLN B 184 -21.64 11.46 14.13
CA GLN B 184 -20.67 12.51 14.44
C GLN B 184 -20.25 13.24 13.16
N LEU B 185 -19.82 14.47 13.35
CA LEU B 185 -19.16 15.21 12.28
C LEU B 185 -17.78 14.59 12.01
N ALA B 186 -17.56 14.13 10.77
CA ALA B 186 -16.35 13.35 10.46
C ALA B 186 -15.09 14.17 10.74
N SER B 187 -15.07 15.45 10.34
CA SER B 187 -13.91 16.30 10.57
C SER B 187 -13.63 16.57 12.06
N GLU B 188 -14.55 16.22 12.96
CA GLU B 188 -14.28 16.37 14.40
C GLU B 188 -14.57 15.07 15.13
N LYS B 189 -14.42 13.95 14.43
CA LYS B 189 -14.76 12.65 14.99
C LYS B 189 -13.94 12.39 16.25
N LYS B 190 -14.58 11.79 17.25
CA LYS B 190 -13.93 11.36 18.47
C LYS B 190 -14.33 9.93 18.79
N CYS B 191 -13.45 9.23 19.50
CA CYS B 191 -13.89 8.04 20.23
C CYS B 191 -15.11 8.39 21.06
N GLY B 192 -16.10 7.49 21.08
CA GLY B 192 -17.33 7.75 21.84
C GLY B 192 -17.08 8.12 23.29
N HIS B 193 -15.95 7.70 23.85
CA HIS B 193 -15.64 7.97 25.24
C HIS B 193 -14.54 9.02 25.37
N LEU B 194 -14.25 9.74 24.30
CA LEU B 194 -13.54 11.01 24.36
C LEU B 194 -14.53 12.16 24.46
N GLY B 195 -14.04 13.34 24.84
CA GLY B 195 -14.85 14.53 24.84
C GLY B 195 -14.74 15.29 23.54
N GLY B 196 -15.45 16.42 23.46
CA GLY B 196 -15.37 17.28 22.29
C GLY B 196 -16.10 16.77 21.07
N LYS B 197 -17.14 15.95 21.27
CA LYS B 197 -17.89 15.36 20.16
C LYS B 197 -18.91 16.34 19.60
N VAL B 198 -19.12 16.25 18.29
CA VAL B 198 -20.03 17.14 17.59
C VAL B 198 -20.96 16.25 16.78
N LEU B 199 -22.25 16.31 17.07
CA LEU B 199 -23.26 15.56 16.32
C LEU B 199 -23.55 16.23 14.99
N ILE B 200 -24.14 15.46 14.07
CA ILE B 200 -24.72 16.05 12.88
C ILE B 200 -26.24 15.93 12.98
N PRO B 201 -27.01 16.64 12.16
CA PRO B 201 -28.48 16.53 12.23
C PRO B 201 -28.98 15.11 12.03
N THR B 202 -30.11 14.80 12.67
CA THR B 202 -30.73 13.49 12.54
C THR B 202 -30.85 13.06 11.08
N GLN B 203 -31.32 13.97 10.22
CA GLN B 203 -31.56 13.61 8.82
C GLN B 203 -30.25 13.37 8.08
N GLN B 204 -29.16 14.06 8.47
CA GLN B 204 -27.90 13.76 7.81
C GLN B 204 -27.43 12.35 8.12
N HIS B 205 -27.71 11.85 9.32
CA HIS B 205 -27.29 10.49 9.62
C HIS B 205 -28.18 9.47 8.89
N ILE B 206 -29.48 9.76 8.77
CA ILE B 206 -30.34 8.94 7.92
C ILE B 206 -29.78 8.87 6.49
N ARG B 207 -29.23 9.99 5.99
CA ARG B 207 -28.60 9.95 4.68
CA ARG B 207 -28.58 9.97 4.68
C ARG B 207 -27.39 9.02 4.68
N THR B 208 -26.63 9.02 5.79
CA THR B 208 -25.48 8.11 5.91
C THR B 208 -25.95 6.66 5.89
N LEU B 209 -26.96 6.33 6.71
CA LEU B 209 -27.49 4.96 6.75
C LEU B 209 -28.07 4.55 5.39
N THR B 210 -28.70 5.49 4.66
CA THR B 210 -29.22 5.22 3.34
C THR B 210 -28.11 4.95 2.33
N SER B 211 -27.02 5.73 2.41
CA SER B 211 -25.90 5.55 1.49
C SER B 211 -25.21 4.20 1.70
N ALA B 212 -25.09 3.76 2.96
CA ALA B 212 -24.52 2.46 3.27
C ALA B 212 -25.40 1.31 2.77
N ARG B 213 -26.72 1.41 2.99
CA ARG B 213 -27.60 0.40 2.43
C ARG B 213 -27.50 0.38 0.91
N LEU B 214 -27.49 1.56 0.29
CA LEU B 214 -27.41 1.62 -1.17
C LEU B 214 -26.17 0.92 -1.72
N ALA B 215 -25.02 1.12 -1.08
CA ALA B 215 -23.79 0.48 -1.53
C ALA B 215 -23.89 -1.04 -1.41
N ALA B 216 -24.49 -1.52 -0.32
CA ALA B 216 -24.72 -2.94 -0.15
C ALA B 216 -25.62 -3.48 -1.26
N ASP B 217 -26.74 -2.77 -1.55
CA ASP B 217 -27.63 -3.17 -2.65
C ASP B 217 -26.93 -3.13 -4.00
N VAL B 218 -26.10 -2.10 -4.26
CA VAL B 218 -25.47 -2.08 -5.58
C VAL B 218 -24.46 -3.21 -5.71
N ALA B 219 -23.77 -3.55 -4.61
CA ALA B 219 -22.88 -4.72 -4.50
C ALA B 219 -23.61 -6.05 -4.39
N ASP B 220 -24.95 -6.02 -4.27
CA ASP B 220 -25.80 -7.22 -4.29
C ASP B 220 -25.53 -8.16 -3.09
N VAL B 221 -25.34 -7.57 -1.89
CA VAL B 221 -25.11 -8.39 -0.69
C VAL B 221 -25.90 -7.80 0.47
N PRO B 222 -26.38 -8.67 1.37
CA PRO B 222 -27.29 -8.25 2.44
C PRO B 222 -26.55 -7.80 3.70
N THR B 223 -25.56 -6.94 3.53
CA THR B 223 -24.73 -6.44 4.64
C THR B 223 -25.57 -5.95 5.83
N VAL B 224 -25.15 -6.33 7.03
CA VAL B 224 -25.82 -5.85 8.24
C VAL B 224 -25.41 -4.41 8.50
N VAL B 225 -26.38 -3.50 8.63
CA VAL B 225 -26.09 -2.08 8.81
C VAL B 225 -26.43 -1.68 10.25
N ILE B 226 -25.49 -1.02 10.94
CA ILE B 226 -25.63 -0.72 12.35
C ILE B 226 -25.52 0.78 12.53
N ALA B 227 -26.52 1.38 13.18
CA ALA B 227 -26.51 2.81 13.47
C ALA B 227 -26.07 3.01 14.92
N ARG B 228 -25.16 3.96 15.14
CA ARG B 228 -24.67 4.30 16.46
C ARG B 228 -24.94 5.77 16.71
N THR B 229 -25.46 6.11 17.88
CA THR B 229 -25.65 7.51 18.25
C THR B 229 -24.68 7.91 19.35
N ASP B 230 -24.11 9.11 19.23
CA ASP B 230 -23.18 9.65 20.22
C ASP B 230 -23.82 10.74 21.08
N ALA B 231 -25.16 10.81 21.10
CA ALA B 231 -25.87 11.92 21.73
C ALA B 231 -25.88 11.84 23.25
N GLU B 232 -25.40 10.76 23.86
CA GLU B 232 -25.39 10.66 25.31
C GLU B 232 -24.41 11.64 25.94
N ALA B 233 -23.22 11.79 25.35
CA ALA B 233 -22.22 12.69 25.90
C ALA B 233 -21.95 13.92 25.06
N ALA B 234 -22.35 13.93 23.78
CA ALA B 234 -22.05 15.07 22.93
C ALA B 234 -22.87 16.29 23.35
N THR B 235 -22.21 17.43 23.52
CA THR B 235 -22.89 18.69 23.78
C THR B 235 -22.80 19.68 22.62
N LEU B 236 -22.34 19.24 21.44
CA LEU B 236 -22.32 20.10 20.27
C LEU B 236 -23.02 19.42 19.09
N ILE B 237 -23.57 20.25 18.20
CA ILE B 237 -24.18 19.78 16.96
C ILE B 237 -23.95 20.83 15.88
N THR B 238 -23.83 20.38 14.63
CA THR B 238 -23.41 21.31 13.58
C THR B 238 -24.48 22.33 13.22
N SER B 239 -25.76 22.01 13.43
CA SER B 239 -26.85 22.81 12.89
C SER B 239 -28.12 22.54 13.67
N ASP B 240 -28.98 23.55 13.77
CA ASP B 240 -30.30 23.36 14.38
C ASP B 240 -31.40 23.15 13.33
N VAL B 241 -31.03 22.83 12.09
CA VAL B 241 -31.97 22.77 10.96
C VAL B 241 -33.03 21.68 11.14
N ASP B 242 -32.68 20.55 11.78
CA ASP B 242 -33.60 19.42 11.86
C ASP B 242 -34.56 19.60 13.04
N GLU B 243 -35.86 19.62 12.75
CA GLU B 243 -36.85 19.84 13.81
C GLU B 243 -36.78 18.78 14.90
N ARG B 244 -36.31 17.57 14.57
CA ARG B 244 -36.19 16.56 15.62
C ARG B 244 -35.08 16.91 16.63
N ASP B 245 -34.12 17.74 16.21
CA ASP B 245 -32.99 18.09 17.07
C ASP B 245 -33.23 19.37 17.88
N GLN B 246 -34.16 20.20 17.43
CA GLN B 246 -34.37 21.50 18.07
C GLN B 246 -34.75 21.43 19.54
N PRO B 247 -35.52 20.44 20.03
CA PRO B 247 -35.86 20.42 21.46
C PRO B 247 -34.66 20.38 22.40
N PHE B 248 -33.49 19.92 21.95
CA PHE B 248 -32.32 19.88 22.80
C PHE B 248 -31.36 21.05 22.55
N ILE B 249 -31.60 21.85 21.52
CA ILE B 249 -30.74 22.98 21.21
C ILE B 249 -30.88 24.02 22.31
N THR B 250 -29.75 24.50 22.85
CA THR B 250 -29.81 25.45 23.96
C THR B 250 -29.84 26.91 23.52
N GLY B 251 -29.45 27.20 22.28
CA GLY B 251 -29.40 28.56 21.77
C GLY B 251 -28.00 29.16 21.71
N GLU B 252 -27.05 28.59 22.44
CA GLU B 252 -25.70 29.13 22.50
C GLU B 252 -24.85 28.50 21.40
N ARG B 253 -23.97 29.31 20.78
CA ARG B 253 -23.13 28.87 19.68
C ARG B 253 -21.67 29.14 20.00
N THR B 254 -20.77 28.38 19.36
CA THR B 254 -19.33 28.52 19.54
C THR B 254 -18.72 29.35 18.42
N ARG B 255 -17.45 29.72 18.60
CA ARG B 255 -16.75 30.50 17.57
C ARG B 255 -16.63 29.72 16.27
N GLU B 256 -16.67 28.39 16.32
CA GLU B 256 -16.67 27.61 15.07
C GLU B 256 -18.03 27.57 14.40
N GLY B 257 -19.08 28.06 15.07
CA GLY B 257 -20.43 27.97 14.52
C GLY B 257 -21.25 26.77 14.98
N PHE B 258 -20.72 25.94 15.87
CA PHE B 258 -21.49 24.82 16.39
C PHE B 258 -22.52 25.31 17.41
N TYR B 259 -23.58 24.51 17.61
CA TYR B 259 -24.63 24.78 18.59
C TYR B 259 -24.44 23.88 19.80
N ARG B 260 -24.50 24.45 20.99
CA ARG B 260 -24.62 23.63 22.19
C ARG B 260 -25.96 22.89 22.19
N THR B 261 -25.94 21.66 22.68
CA THR B 261 -27.14 20.84 22.72
C THR B 261 -27.13 20.07 24.03
N LYS B 262 -28.32 19.83 24.58
CA LYS B 262 -28.42 19.14 25.86
C LYS B 262 -28.33 17.63 25.64
N ASN B 263 -27.37 16.98 26.29
CA ASN B 263 -27.05 15.59 26.04
C ASN B 263 -27.78 14.68 27.02
N GLY B 264 -27.77 13.38 26.73
CA GLY B 264 -28.23 12.37 27.64
C GLY B 264 -29.03 11.29 26.91
N ILE B 265 -29.68 10.43 27.71
CA ILE B 265 -30.41 9.30 27.14
C ILE B 265 -31.60 9.75 26.32
N GLU B 266 -32.12 10.96 26.60
CA GLU B 266 -33.36 11.37 25.92
C GLU B 266 -33.10 11.66 24.44
N PRO B 267 -32.11 12.46 24.04
CA PRO B 267 -31.84 12.58 22.60
C PRO B 267 -31.34 11.28 21.98
N CYS B 268 -30.77 10.39 22.79
CA CYS B 268 -30.34 9.08 22.28
C CYS B 268 -31.57 8.27 21.88
N ILE B 269 -32.59 8.25 22.75
CA ILE B 269 -33.83 7.53 22.44
C ILE B 269 -34.47 8.10 21.19
N ALA B 270 -34.58 9.43 21.11
CA ALA B 270 -35.18 10.07 19.94
C ALA B 270 -34.40 9.73 18.66
N ARG B 271 -33.07 9.80 18.71
CA ARG B 271 -32.32 9.50 17.48
C ARG B 271 -32.43 8.02 17.12
N ALA B 272 -32.38 7.14 18.12
CA ALA B 272 -32.54 5.71 17.89
C ALA B 272 -33.86 5.39 17.17
N LYS B 273 -34.96 6.02 17.59
CA LYS B 273 -36.24 5.79 16.90
C LYS B 273 -36.19 6.29 15.45
N ALA B 274 -35.57 7.46 15.23
CA ALA B 274 -35.48 7.98 13.87
C ALA B 274 -34.63 7.08 12.99
N TYR B 275 -33.57 6.48 13.57
CA TYR B 275 -32.67 5.61 12.80
C TYR B 275 -33.24 4.22 12.59
N ALA B 276 -34.13 3.77 13.48
CA ALA B 276 -34.60 2.39 13.46
C ALA B 276 -35.04 1.88 12.09
N PRO B 277 -35.77 2.62 11.26
CA PRO B 277 -36.14 2.08 9.94
C PRO B 277 -34.98 1.87 9.00
N PHE B 278 -33.79 2.42 9.31
CA PHE B 278 -32.66 2.41 8.40
C PHE B 278 -31.50 1.58 8.93
N ALA B 279 -31.69 0.85 10.02
CA ALA B 279 -30.60 0.12 10.66
C ALA B 279 -31.07 -1.25 11.12
N ASP B 280 -30.24 -2.26 10.86
CA ASP B 280 -30.53 -3.61 11.35
C ASP B 280 -30.28 -3.72 12.84
N LEU B 281 -29.38 -2.89 13.38
CA LEU B 281 -29.04 -2.88 14.80
C LEU B 281 -28.83 -1.44 15.21
N ILE B 282 -29.19 -1.10 16.45
CA ILE B 282 -29.02 0.25 16.99
C ILE B 282 -28.19 0.20 18.27
N TRP B 283 -27.28 1.16 18.38
CA TRP B 283 -26.24 1.17 19.40
C TRP B 283 -26.17 2.57 19.99
N MET B 284 -26.28 2.65 21.31
CA MET B 284 -26.12 3.90 22.05
C MET B 284 -24.78 3.86 22.76
N GLU B 285 -23.87 4.78 22.40
CA GLU B 285 -22.65 4.94 23.20
C GLU B 285 -23.00 5.50 24.56
N THR B 286 -22.40 4.96 25.63
CA THR B 286 -22.73 5.37 26.99
C THR B 286 -21.47 5.61 27.82
N GLY B 287 -21.65 6.34 28.94
CA GLY B 287 -20.55 6.77 29.76
C GLY B 287 -20.09 5.82 30.86
N THR B 288 -20.89 4.81 31.20
CA THR B 288 -20.58 3.80 32.20
C THR B 288 -21.31 2.51 31.83
N PRO B 289 -20.79 1.34 32.25
CA PRO B 289 -21.53 0.09 32.02
C PRO B 289 -22.66 -0.11 33.02
N ASP B 290 -23.91 0.15 32.62
CA ASP B 290 -25.01 0.27 33.58
C ASP B 290 -26.24 -0.43 33.04
N LEU B 291 -26.60 -1.54 33.68
CA LEU B 291 -27.75 -2.31 33.22
C LEU B 291 -29.00 -1.45 33.30
N GLU B 292 -29.16 -0.62 34.32
CA GLU B 292 -30.45 0.11 34.45
C GLU B 292 -30.64 1.02 33.25
N ALA B 293 -29.62 1.79 32.94
CA ALA B 293 -29.66 2.67 31.77
C ALA B 293 -29.83 1.89 30.47
N ALA B 294 -29.26 0.70 30.39
CA ALA B 294 -29.44 -0.13 29.20
C ALA B 294 -30.89 -0.55 29.07
N ARG B 295 -31.53 -0.87 30.21
CA ARG B 295 -32.94 -1.25 30.20
C ARG B 295 -33.84 -0.10 29.79
N GLN B 296 -33.57 1.10 30.30
CA GLN B 296 -34.38 2.26 29.94
C GLN B 296 -34.29 2.54 28.44
N PHE B 297 -33.09 2.44 27.86
CA PHE B 297 -32.93 2.69 26.43
C PHE B 297 -33.65 1.62 25.62
N SER B 298 -33.44 0.36 25.99
CA SER B 298 -34.07 -0.77 25.31
C SER B 298 -35.59 -0.68 25.36
N GLU B 299 -36.15 -0.45 26.55
CA GLU B 299 -37.61 -0.36 26.67
C GLU B 299 -38.17 0.80 25.86
N ALA B 300 -37.46 1.94 25.85
CA ALA B 300 -37.96 3.11 25.12
C ALA B 300 -38.01 2.86 23.63
N VAL B 301 -36.95 2.27 23.07
CA VAL B 301 -36.93 2.02 21.63
C VAL B 301 -37.93 0.94 21.26
N LYS B 302 -37.99 -0.13 22.05
CA LYS B 302 -38.86 -1.25 21.70
C LYS B 302 -40.32 -0.92 21.96
N ALA B 303 -40.63 0.12 22.75
CA ALA B 303 -42.01 0.57 22.86
C ALA B 303 -42.58 1.01 21.52
N GLU B 304 -41.72 1.39 20.58
CA GLU B 304 -42.14 1.78 19.24
C GLU B 304 -41.76 0.76 18.18
N TYR B 305 -40.60 0.12 18.34
CA TYR B 305 -40.10 -0.89 17.41
C TYR B 305 -39.82 -2.16 18.21
N PRO B 306 -40.87 -2.92 18.53
CA PRO B 306 -40.70 -4.06 19.46
C PRO B 306 -39.64 -5.08 19.02
N ASP B 307 -39.39 -5.24 17.72
CA ASP B 307 -38.49 -6.25 17.24
C ASP B 307 -37.09 -5.71 16.94
N GLN B 308 -36.86 -4.42 17.18
CA GLN B 308 -35.58 -3.80 16.83
C GLN B 308 -34.47 -4.37 17.69
N MET B 309 -33.44 -4.91 17.05
CA MET B 309 -32.30 -5.51 17.74
C MET B 309 -31.31 -4.39 18.08
N LEU B 310 -30.62 -4.55 19.20
CA LEU B 310 -29.69 -3.51 19.67
C LEU B 310 -28.28 -4.09 19.80
N ALA B 311 -27.29 -3.19 19.83
CA ALA B 311 -25.87 -3.54 20.04
C ALA B 311 -25.35 -2.83 21.27
N TYR B 312 -24.36 -3.45 21.93
CA TYR B 312 -23.83 -2.85 23.14
C TYR B 312 -22.31 -2.96 23.16
N ASN B 313 -21.64 -1.83 23.37
CA ASN B 313 -20.19 -1.79 23.51
C ASN B 313 -19.85 -1.96 24.98
N CYS B 314 -19.28 -3.12 25.34
CA CYS B 314 -18.75 -3.35 26.68
C CYS B 314 -17.34 -2.76 26.74
N SER B 315 -17.24 -1.49 27.13
CA SER B 315 -16.05 -0.82 26.64
C SER B 315 -14.90 -0.93 27.64
N PRO B 316 -13.67 -1.06 27.12
CA PRO B 316 -12.50 -0.97 28.00
C PRO B 316 -12.20 0.44 28.45
N SER B 317 -12.81 1.45 27.83
CA SER B 317 -12.72 2.81 28.35
C SER B 317 -13.41 2.95 29.68
N PHE B 318 -14.07 1.88 30.15
CA PHE B 318 -14.70 1.84 31.46
C PHE B 318 -13.76 1.17 32.44
N ASN B 319 -13.72 1.70 33.66
CA ASN B 319 -13.07 1.05 34.79
C ASN B 319 -14.12 0.15 35.43
N TRP B 320 -14.01 -1.16 35.20
CA TRP B 320 -15.15 -2.05 35.44
C TRP B 320 -15.40 -2.27 36.93
N LYS B 321 -14.37 -2.57 37.73
CA LYS B 321 -14.65 -2.86 39.13
C LYS B 321 -14.85 -1.60 39.97
N LYS B 322 -14.72 -0.41 39.37
CA LYS B 322 -15.14 0.83 40.01
C LYS B 322 -16.64 1.05 39.92
N HIS B 323 -17.34 0.38 39.01
CA HIS B 323 -18.77 0.56 38.89
C HIS B 323 -19.58 -0.66 39.30
N LEU B 324 -19.02 -1.85 39.19
CA LEU B 324 -19.75 -3.09 39.37
C LEU B 324 -18.99 -4.04 40.27
N ASP B 325 -19.74 -4.92 40.93
CA ASP B 325 -19.19 -6.03 41.70
C ASP B 325 -19.08 -7.26 40.80
N ASP B 326 -18.48 -8.33 41.34
CA ASP B 326 -18.18 -9.50 40.53
C ASP B 326 -19.44 -10.17 40.01
N ALA B 327 -20.50 -10.22 40.82
CA ALA B 327 -21.73 -10.89 40.39
C ALA B 327 -22.37 -10.17 39.20
N THR B 328 -22.45 -8.84 39.27
CA THR B 328 -23.04 -8.09 38.15
C THR B 328 -22.19 -8.23 36.90
N ILE B 329 -20.86 -8.24 37.06
CA ILE B 329 -19.96 -8.38 35.92
C ILE B 329 -20.18 -9.72 35.25
N ALA B 330 -20.35 -10.78 36.05
CA ALA B 330 -20.52 -12.12 35.50
C ALA B 330 -21.84 -12.28 34.76
N LYS B 331 -22.88 -11.56 35.17
CA LYS B 331 -24.19 -11.67 34.52
C LYS B 331 -24.41 -10.61 33.44
N PHE B 332 -23.48 -9.66 33.29
CA PHE B 332 -23.70 -8.45 32.51
C PHE B 332 -24.22 -8.73 31.10
N GLN B 333 -23.48 -9.54 30.33
CA GLN B 333 -23.87 -9.77 28.94
C GLN B 333 -25.15 -10.59 28.84
N LYS B 334 -25.34 -11.56 29.73
CA LYS B 334 -26.56 -12.37 29.66
C LYS B 334 -27.79 -11.53 29.98
N GLU B 335 -27.71 -10.64 30.98
CA GLU B 335 -28.83 -9.74 31.24
C GLU B 335 -29.10 -8.79 30.07
N LEU B 336 -28.02 -8.29 29.44
CA LEU B 336 -28.18 -7.42 28.29
C LEU B 336 -28.90 -8.13 27.15
N ALA B 337 -28.60 -9.42 26.92
CA ALA B 337 -29.19 -10.11 25.80
C ALA B 337 -30.72 -10.21 25.96
N ALA B 338 -31.18 -10.43 27.18
CA ALA B 338 -32.61 -10.53 27.43
C ALA B 338 -33.31 -9.19 27.21
N MET B 339 -32.58 -8.08 27.21
CA MET B 339 -33.16 -6.78 26.91
C MET B 339 -33.18 -6.48 25.42
N GLY B 340 -32.63 -7.35 24.58
CA GLY B 340 -32.62 -7.11 23.15
C GLY B 340 -31.26 -6.74 22.57
N PHE B 341 -30.19 -6.67 23.36
CA PHE B 341 -28.84 -6.38 22.86
C PHE B 341 -28.24 -7.67 22.31
N LYS B 342 -28.42 -7.89 21.01
CA LYS B 342 -28.08 -9.17 20.40
C LYS B 342 -26.66 -9.19 19.83
N PHE B 343 -25.98 -8.04 19.75
CA PHE B 343 -24.56 -8.00 19.37
C PHE B 343 -23.82 -7.22 20.42
N GLN B 344 -22.89 -7.88 21.13
CA GLN B 344 -22.12 -7.28 22.21
C GLN B 344 -20.63 -7.50 21.97
N PHE B 345 -19.81 -6.52 22.31
CA PHE B 345 -18.42 -6.60 21.88
C PHE B 345 -17.55 -5.77 22.81
N ILE B 346 -16.30 -6.20 22.96
CA ILE B 346 -15.29 -5.42 23.67
C ILE B 346 -14.38 -4.81 22.61
N THR B 347 -14.54 -3.52 22.36
CA THR B 347 -13.91 -2.87 21.20
C THR B 347 -12.38 -3.02 21.21
N LEU B 348 -11.73 -2.65 22.33
CA LEU B 348 -10.27 -2.56 22.41
C LEU B 348 -9.63 -3.77 23.10
N ALA B 349 -10.25 -4.94 23.00
CA ALA B 349 -9.69 -6.12 23.64
C ALA B 349 -8.33 -6.48 23.06
N GLY B 350 -8.16 -6.36 21.74
CA GLY B 350 -6.87 -6.70 21.14
C GLY B 350 -5.76 -5.75 21.54
N PHE B 351 -6.04 -4.45 21.51
CA PHE B 351 -5.04 -3.49 21.98
C PHE B 351 -4.54 -3.84 23.37
N HIS B 352 -5.45 -4.11 24.31
CA HIS B 352 -5.01 -4.36 25.68
C HIS B 352 -4.31 -5.72 25.81
N ALA B 353 -4.83 -6.75 25.17
CA ALA B 353 -4.15 -8.05 25.21
C ALA B 353 -2.76 -7.98 24.59
N LEU B 354 -2.61 -7.27 23.47
CA LEU B 354 -1.31 -7.16 22.81
C LEU B 354 -0.33 -6.37 23.66
N ASN B 355 -0.74 -5.18 24.14
CA ASN B 355 0.17 -4.31 24.87
C ASN B 355 0.55 -4.93 26.21
N TYR B 356 -0.42 -5.50 26.92
CA TYR B 356 -0.10 -6.07 28.22
C TYR B 356 0.80 -7.29 28.08
N SER B 357 0.46 -8.20 27.17
CA SER B 357 1.25 -9.43 27.06
C SER B 357 2.70 -9.11 26.72
N MET B 358 2.95 -8.14 25.82
CA MET B 358 4.32 -7.77 25.47
C MET B 358 5.01 -6.98 26.57
N PHE B 359 4.30 -6.06 27.24
CA PHE B 359 4.96 -5.43 28.38
C PHE B 359 5.39 -6.48 29.39
N ASP B 360 4.49 -7.43 29.70
CA ASP B 360 4.79 -8.41 30.75
C ASP B 360 5.96 -9.30 30.35
N LEU B 361 6.01 -9.74 29.09
CA LEU B 361 7.12 -10.55 28.63
C LEU B 361 8.41 -9.74 28.63
N ALA B 362 8.37 -8.54 28.04
CA ALA B 362 9.58 -7.73 27.91
C ALA B 362 10.13 -7.31 29.27
N TYR B 363 9.25 -7.02 30.23
CA TYR B 363 9.71 -6.65 31.57
C TYR B 363 10.46 -7.79 32.24
N GLY B 364 9.86 -9.00 32.23
CA GLY B 364 10.55 -10.16 32.76
C GLY B 364 11.86 -10.46 32.03
N TYR B 365 11.85 -10.36 30.70
CA TYR B 365 13.07 -10.55 29.90
C TYR B 365 14.15 -9.56 30.27
N ALA B 366 13.77 -8.30 30.49
CA ALA B 366 14.76 -7.29 30.84
C ALA B 366 15.44 -7.64 32.16
N GLN B 367 14.76 -8.39 33.03
CA GLN B 367 15.27 -8.80 34.34
C GLN B 367 15.92 -10.18 34.34
N ASN B 368 15.26 -11.19 33.78
CA ASN B 368 15.68 -12.57 33.96
C ASN B 368 15.98 -13.27 32.64
N GLN B 369 16.03 -12.52 31.56
CA GLN B 369 16.27 -13.02 30.21
C GLN B 369 15.43 -14.25 29.90
N MET B 370 16.06 -15.38 29.57
CA MET B 370 15.33 -16.54 29.05
C MET B 370 14.33 -17.12 30.03
N SER B 371 14.49 -16.89 31.33
CA SER B 371 13.55 -17.46 32.29
C SER B 371 12.14 -16.93 32.07
N ALA B 372 12.03 -15.65 31.69
CA ALA B 372 10.75 -15.05 31.38
C ALA B 372 10.12 -15.66 30.14
N TYR B 373 10.91 -15.94 29.10
CA TYR B 373 10.32 -16.55 27.90
C TYR B 373 9.83 -17.95 28.20
N VAL B 374 10.63 -18.74 28.92
CA VAL B 374 10.26 -20.13 29.19
C VAL B 374 8.92 -20.18 29.91
N GLU B 375 8.67 -19.19 30.78
CA GLU B 375 7.39 -19.10 31.47
C GLU B 375 6.25 -18.99 30.45
N LEU B 376 6.43 -18.15 29.43
CA LEU B 376 5.39 -18.01 28.43
C LEU B 376 5.22 -19.33 27.68
N GLN B 377 6.33 -19.97 27.32
CA GLN B 377 6.27 -21.17 26.51
C GLN B 377 5.60 -22.30 27.27
N GLU B 378 5.78 -22.36 28.59
CA GLU B 378 5.12 -23.41 29.37
C GLU B 378 3.63 -23.14 29.53
N ARG B 379 3.22 -21.87 29.70
CA ARG B 379 1.79 -21.57 29.64
C ARG B 379 1.20 -21.97 28.29
N GLU B 380 1.97 -21.78 27.22
CA GLU B 380 1.51 -22.15 25.88
C GLU B 380 1.31 -23.65 25.79
N PHE B 381 2.32 -24.41 26.22
CA PHE B 381 2.22 -25.86 26.25
C PHE B 381 1.00 -26.31 27.04
N ALA B 382 0.74 -25.65 28.16
CA ALA B 382 -0.38 -26.01 29.01
C ALA B 382 -1.71 -25.69 28.35
N ALA B 383 -1.79 -24.57 27.64
CA ALA B 383 -3.02 -24.20 26.96
C ALA B 383 -3.37 -25.17 25.84
N GLU B 384 -2.44 -26.04 25.42
CA GLU B 384 -2.77 -26.96 24.35
C GLU B 384 -3.90 -27.90 24.77
N GLU B 385 -4.04 -28.17 26.08
CA GLU B 385 -5.15 -28.99 26.53
C GLU B 385 -6.48 -28.32 26.28
N ARG B 386 -6.51 -26.98 26.22
CA ARG B 386 -7.72 -26.25 25.89
C ARG B 386 -7.92 -26.07 24.39
N GLY B 387 -7.03 -26.58 23.56
CA GLY B 387 -7.18 -26.45 22.11
C GLY B 387 -6.27 -25.42 21.46
N TYR B 388 -5.35 -24.84 22.20
CA TYR B 388 -4.39 -23.93 21.60
C TYR B 388 -3.44 -24.71 20.69
N THR B 389 -3.20 -24.17 19.49
CA THR B 389 -2.33 -24.82 18.51
C THR B 389 -1.10 -24.02 18.12
N ALA B 390 -1.00 -22.73 18.50
CA ALA B 390 0.06 -21.87 17.97
C ALA B 390 1.44 -22.21 18.52
N THR B 391 1.54 -23.08 19.52
CA THR B 391 2.86 -23.52 19.98
C THR B 391 3.62 -24.20 18.85
N LYS B 392 2.92 -24.93 17.99
CA LYS B 392 3.52 -25.45 16.77
C LYS B 392 3.37 -24.38 15.70
N HIS B 393 4.30 -23.42 15.73
CA HIS B 393 4.10 -22.18 15.00
C HIS B 393 4.24 -22.35 13.49
N GLN B 394 5.02 -23.33 13.03
CA GLN B 394 5.19 -23.50 11.59
C GLN B 394 3.89 -23.98 10.95
N ARG B 395 3.27 -25.00 11.52
CA ARG B 395 2.01 -25.42 10.93
C ARG B 395 0.94 -24.37 11.13
N GLU B 396 1.04 -23.55 12.18
CA GLU B 396 0.04 -22.53 12.45
C GLU B 396 -0.02 -21.46 11.36
N VAL B 397 1.10 -21.20 10.68
CA VAL B 397 1.12 -20.21 9.61
C VAL B 397 1.13 -20.85 8.23
N GLY B 398 0.91 -22.16 8.14
CA GLY B 398 0.68 -22.81 6.87
C GLY B 398 1.84 -23.56 6.27
N ALA B 399 2.90 -23.82 7.04
CA ALA B 399 4.00 -24.60 6.48
C ALA B 399 3.48 -25.92 5.92
N GLY B 400 2.50 -26.53 6.60
CA GLY B 400 1.99 -27.82 6.13
C GLY B 400 1.15 -27.66 4.89
N TYR B 401 0.38 -26.57 4.82
CA TYR B 401 -0.44 -26.29 3.65
C TYR B 401 0.42 -25.99 2.43
N PHE B 402 1.45 -25.17 2.57
CA PHE B 402 2.31 -24.87 1.43
C PHE B 402 3.19 -26.05 1.06
N ASP B 403 3.49 -26.93 2.02
CA ASP B 403 4.12 -28.19 1.68
C ASP B 403 3.20 -29.01 0.78
N ARG B 404 1.90 -28.99 1.06
CA ARG B 404 0.95 -29.71 0.21
C ARG B 404 0.91 -29.14 -1.21
N ILE B 405 0.92 -27.81 -1.34
CA ILE B 405 1.01 -27.21 -2.67
C ILE B 405 2.27 -27.67 -3.39
N ALA B 406 3.41 -27.61 -2.70
CA ALA B 406 4.70 -27.95 -3.31
C ALA B 406 4.73 -29.40 -3.80
N THR B 407 4.23 -30.33 -3.00
CA THR B 407 4.23 -31.73 -3.42
C THR B 407 3.13 -32.03 -4.45
N THR B 408 2.09 -31.19 -4.53
CA THR B 408 1.12 -31.31 -5.61
C THR B 408 1.74 -30.90 -6.93
N VAL B 409 2.58 -29.85 -6.93
CA VAL B 409 3.24 -29.44 -8.17
C VAL B 409 4.34 -30.43 -8.55
N ASP B 410 5.14 -30.86 -7.59
CA ASP B 410 6.26 -31.77 -7.83
C ASP B 410 6.39 -32.71 -6.64
N PRO B 411 5.82 -33.91 -6.73
CA PRO B 411 5.83 -34.82 -5.57
C PRO B 411 7.23 -35.26 -5.17
N ASN B 412 8.22 -35.16 -6.05
CA ASN B 412 9.56 -35.64 -5.76
C ASN B 412 10.49 -34.54 -5.24
N SER B 413 9.92 -33.42 -4.79
CA SER B 413 10.74 -32.27 -4.38
C SER B 413 11.58 -32.60 -3.14
N SER B 414 12.87 -32.21 -3.17
CA SER B 414 13.73 -32.40 -2.01
C SER B 414 13.81 -31.17 -1.10
N THR B 415 12.98 -30.16 -1.32
CA THR B 415 13.05 -28.91 -0.55
C THR B 415 11.75 -28.62 0.20
N THR B 416 11.05 -29.64 0.68
CA THR B 416 9.88 -29.33 1.50
C THR B 416 10.31 -28.95 2.93
N ALA B 417 9.40 -28.28 3.65
CA ALA B 417 9.76 -27.51 4.84
C ALA B 417 9.57 -28.24 6.16
N LEU B 418 8.49 -29.04 6.34
CA LEU B 418 8.24 -29.61 7.66
C LEU B 418 9.07 -30.86 7.95
N THR B 419 9.38 -31.69 6.94
CA THR B 419 10.32 -32.80 7.12
C THR B 419 11.71 -32.24 7.42
N GLY B 420 12.28 -32.62 8.57
CA GLY B 420 13.56 -32.08 8.99
C GLY B 420 13.48 -30.86 9.90
N SER B 421 12.27 -30.36 10.16
CA SER B 421 12.09 -29.20 11.01
C SER B 421 12.35 -29.54 12.48
N THR B 422 12.76 -28.52 13.26
CA THR B 422 12.81 -28.70 14.71
C THR B 422 11.41 -28.89 15.30
N GLU B 423 10.38 -28.35 14.64
CA GLU B 423 9.01 -28.54 15.10
C GLU B 423 8.61 -30.01 15.08
N GLU B 424 8.89 -30.68 13.95
CA GLU B 424 8.69 -32.13 13.87
C GLU B 424 9.55 -32.89 14.86
N GLY B 425 10.69 -32.33 15.26
CA GLY B 425 11.65 -33.04 16.08
C GLY B 425 11.55 -32.79 17.58
N GLN B 426 10.86 -31.71 17.98
CA GLN B 426 10.88 -31.27 19.37
C GLN B 426 9.49 -31.01 19.95
N PHE B 427 8.43 -31.15 19.15
CA PHE B 427 7.08 -30.80 19.57
C PHE B 427 6.11 -31.96 19.34
N MET C 1 -24.95 -24.90 8.11
CA MET C 1 -25.78 -24.09 7.22
C MET C 1 -24.98 -22.97 6.55
N SER C 2 -25.60 -22.41 5.50
CA SER C 2 -25.04 -21.49 4.51
C SER C 2 -24.15 -22.23 3.53
N VAL C 3 -24.56 -22.25 2.27
CA VAL C 3 -23.89 -22.95 1.18
C VAL C 3 -23.16 -22.00 0.23
N VAL C 4 -23.05 -20.72 0.60
CA VAL C 4 -22.35 -19.79 -0.26
C VAL C 4 -20.90 -20.23 -0.38
N GLY C 5 -20.41 -20.33 -1.61
CA GLY C 5 -19.02 -20.68 -1.87
C GLY C 5 -18.64 -22.14 -1.72
N THR C 6 -19.62 -23.06 -1.61
CA THR C 6 -19.28 -24.47 -1.39
C THR C 6 -18.43 -25.02 -2.54
N PRO C 7 -17.32 -25.67 -2.26
CA PRO C 7 -16.47 -26.15 -3.36
C PRO C 7 -17.14 -27.29 -4.12
N LYS C 8 -16.84 -27.35 -5.41
CA LYS C 8 -17.25 -28.50 -6.22
C LYS C 8 -16.62 -29.77 -5.69
N SER C 9 -17.22 -30.90 -6.04
CA SER C 9 -16.63 -32.19 -5.74
C SER C 9 -15.54 -32.53 -6.76
N ALA C 10 -14.67 -33.47 -6.38
CA ALA C 10 -13.63 -33.91 -7.29
C ALA C 10 -14.22 -34.47 -8.59
N GLU C 11 -15.34 -35.18 -8.49
CA GLU C 11 -15.94 -35.77 -9.69
C GLU C 11 -16.44 -34.71 -10.64
N GLN C 12 -17.05 -33.64 -10.12
CA GLN C 12 -17.49 -32.55 -11.00
C GLN C 12 -16.31 -31.92 -11.73
N ILE C 13 -15.21 -31.68 -11.00
CA ILE C 13 -14.04 -31.09 -11.64
C ILE C 13 -13.50 -32.01 -12.72
N GLN C 14 -13.34 -33.29 -12.39
CA GLN C 14 -12.86 -34.29 -13.33
C GLN C 14 -13.72 -34.35 -14.58
N GLN C 15 -15.05 -34.38 -14.40
CA GLN C 15 -15.94 -34.38 -15.56
C GLN C 15 -15.70 -33.16 -16.42
N GLU C 16 -15.44 -32.00 -15.83
CA GLU C 16 -15.22 -30.76 -16.60
C GLU C 16 -13.94 -30.85 -17.41
N TRP C 17 -12.88 -31.26 -16.77
CA TRP C 17 -11.64 -31.53 -17.52
C TRP C 17 -11.83 -32.59 -18.57
N ASP C 18 -12.62 -33.64 -18.29
CA ASP C 18 -12.84 -34.71 -19.29
C ASP C 18 -13.64 -34.23 -20.49
N THR C 19 -14.59 -33.30 -20.32
CA THR C 19 -15.54 -33.03 -21.39
C THR C 19 -15.54 -31.61 -21.93
N ASN C 20 -15.06 -30.63 -21.19
CA ASN C 20 -15.10 -29.26 -21.71
C ASN C 20 -13.99 -29.09 -22.74
N PRO C 21 -14.28 -28.55 -23.93
CA PRO C 21 -13.22 -28.40 -24.95
C PRO C 21 -12.12 -27.43 -24.56
N ARG C 22 -12.38 -26.56 -23.56
CA ARG C 22 -11.34 -25.70 -23.01
C ARG C 22 -10.08 -26.49 -22.62
N TRP C 23 -10.26 -27.72 -22.12
CA TRP C 23 -9.17 -28.49 -21.56
C TRP C 23 -8.61 -29.54 -22.53
N LYS C 24 -9.01 -29.49 -23.79
CA LYS C 24 -8.42 -30.34 -24.83
C LYS C 24 -6.91 -30.16 -24.88
N ASP C 25 -6.16 -31.23 -24.68
CA ASP C 25 -4.70 -31.22 -24.83
C ASP C 25 -4.04 -30.41 -23.74
N VAL C 26 -4.68 -30.30 -22.58
CA VAL C 26 -4.10 -29.64 -21.41
C VAL C 26 -3.68 -30.72 -20.43
N THR C 27 -2.36 -30.84 -20.20
CA THR C 27 -1.87 -31.81 -19.23
C THR C 27 -1.90 -31.24 -17.81
N ARG C 28 -2.43 -32.02 -16.88
CA ARG C 28 -2.34 -31.74 -15.46
C ARG C 28 -1.69 -32.96 -14.78
N THR C 29 -0.50 -32.78 -14.22
CA THR C 29 0.16 -33.91 -13.57
C THR C 29 -0.34 -34.14 -12.14
N TYR C 30 -1.35 -33.41 -11.69
CA TYR C 30 -2.01 -33.61 -10.40
C TYR C 30 -3.47 -33.95 -10.68
N SER C 31 -4.20 -34.29 -9.62
CA SER C 31 -5.55 -34.83 -9.76
C SER C 31 -6.61 -33.82 -9.33
N ALA C 32 -7.85 -34.10 -9.74
CA ALA C 32 -8.98 -33.30 -9.26
C ALA C 32 -9.06 -33.32 -7.74
N GLU C 33 -8.72 -34.46 -7.12
CA GLU C 33 -8.78 -34.57 -5.67
C GLU C 33 -7.70 -33.73 -5.01
N ASP C 34 -6.52 -33.64 -5.63
CA ASP C 34 -5.47 -32.73 -5.19
C ASP C 34 -5.97 -31.29 -5.18
N VAL C 35 -6.73 -30.90 -6.19
CA VAL C 35 -7.25 -29.54 -6.25
C VAL C 35 -8.21 -29.27 -5.10
N VAL C 36 -9.16 -30.18 -4.89
CA VAL C 36 -10.15 -30.01 -3.83
C VAL C 36 -9.50 -29.95 -2.46
N ALA C 37 -8.45 -30.76 -2.24
CA ALA C 37 -7.78 -30.77 -0.94
C ALA C 37 -7.20 -29.41 -0.57
N LEU C 38 -6.95 -28.54 -1.55
CA LEU C 38 -6.33 -27.24 -1.30
C LEU C 38 -7.33 -26.11 -1.17
N GLN C 39 -8.63 -26.37 -1.39
CA GLN C 39 -9.62 -25.31 -1.51
C GLN C 39 -10.27 -24.93 -0.19
N GLY C 40 -9.96 -25.61 0.92
CA GLY C 40 -10.68 -25.23 2.11
C GLY C 40 -12.16 -25.60 1.97
N SER C 41 -12.99 -24.91 2.75
CA SER C 41 -14.42 -25.19 2.70
C SER C 41 -15.24 -24.09 2.04
N VAL C 42 -14.59 -23.02 1.57
CA VAL C 42 -15.25 -21.95 0.83
C VAL C 42 -14.32 -21.54 -0.29
N VAL C 43 -14.85 -21.50 -1.51
CA VAL C 43 -14.12 -21.00 -2.66
C VAL C 43 -14.68 -19.65 -3.00
N GLU C 44 -13.84 -18.62 -2.92
CA GLU C 44 -14.24 -17.27 -3.35
C GLU C 44 -14.46 -17.24 -4.86
N GLU C 45 -15.57 -16.66 -5.29
CA GLU C 45 -15.80 -16.45 -6.71
C GLU C 45 -14.98 -15.26 -7.21
N HIS C 46 -14.38 -15.40 -8.39
CA HIS C 46 -13.55 -14.35 -9.00
C HIS C 46 -14.21 -13.99 -10.33
N THR C 47 -15.24 -13.14 -10.25
CA THR C 47 -16.08 -12.86 -11.40
C THR C 47 -15.29 -12.31 -12.57
N LEU C 48 -14.48 -11.28 -12.33
CA LEU C 48 -13.77 -10.68 -13.45
C LEU C 48 -12.70 -11.61 -14.02
N ALA C 49 -12.06 -12.42 -13.16
CA ALA C 49 -11.12 -13.41 -13.65
C ALA C 49 -11.83 -14.48 -14.49
N ARG C 50 -12.98 -14.96 -14.02
CA ARG C 50 -13.71 -15.95 -14.81
C ARG C 50 -14.17 -15.35 -16.13
N ARG C 51 -14.83 -14.20 -16.09
CA ARG C 51 -15.40 -13.63 -17.30
C ARG C 51 -14.30 -13.24 -18.27
N GLY C 52 -13.22 -12.63 -17.77
CA GLY C 52 -12.13 -12.25 -18.65
C GLY C 52 -11.52 -13.43 -19.38
N ALA C 53 -11.28 -14.51 -18.64
CA ALA C 53 -10.63 -15.69 -19.21
C ALA C 53 -11.54 -16.37 -20.24
N GLU C 54 -12.85 -16.41 -20.00
CA GLU C 54 -13.76 -17.01 -20.98
C GLU C 54 -13.86 -16.13 -22.22
N VAL C 55 -13.94 -14.82 -22.04
CA VAL C 55 -13.97 -13.92 -23.19
C VAL C 55 -12.70 -14.05 -24.00
N LEU C 56 -11.53 -14.10 -23.34
CA LEU C 56 -10.26 -14.17 -24.08
C LEU C 56 -10.18 -15.46 -24.87
N TRP C 57 -10.53 -16.58 -24.25
CA TRP C 57 -10.46 -17.87 -24.95
C TRP C 57 -11.35 -17.88 -26.17
N GLU C 58 -12.56 -17.33 -26.06
CA GLU C 58 -13.43 -17.27 -27.23
C GLU C 58 -12.92 -16.29 -28.29
N GLN C 59 -12.37 -15.13 -27.90
CA GLN C 59 -11.82 -14.27 -28.97
C GLN C 59 -10.62 -14.88 -29.66
N LEU C 60 -9.82 -15.66 -28.94
CA LEU C 60 -8.68 -16.31 -29.60
C LEU C 60 -9.15 -17.31 -30.64
N HIS C 61 -10.38 -17.78 -30.52
CA HIS C 61 -10.94 -18.76 -31.45
C HIS C 61 -11.92 -18.17 -32.45
N ASP C 62 -12.49 -16.98 -32.18
CA ASP C 62 -13.44 -16.36 -33.09
C ASP C 62 -12.83 -15.25 -33.94
N LEU C 63 -11.80 -14.55 -33.44
CA LEU C 63 -11.21 -13.49 -34.21
C LEU C 63 -10.01 -14.00 -35.02
N GLU C 64 -9.69 -13.26 -36.09
CA GLU C 64 -8.53 -13.60 -36.91
C GLU C 64 -7.27 -13.59 -36.08
N TRP C 65 -7.14 -12.61 -35.19
CA TRP C 65 -6.21 -12.64 -34.07
C TRP C 65 -6.64 -11.56 -33.09
N VAL C 66 -6.12 -11.67 -31.87
CA VAL C 66 -6.36 -10.69 -30.80
C VAL C 66 -5.07 -9.91 -30.60
N ASN C 67 -5.15 -8.59 -30.72
CA ASN C 67 -3.95 -7.81 -30.46
C ASN C 67 -4.22 -6.85 -29.31
N ALA C 68 -3.13 -6.31 -28.77
CA ALA C 68 -3.22 -5.51 -27.56
C ALA C 68 -2.03 -4.58 -27.50
N LEU C 69 -2.15 -3.59 -26.62
CA LEU C 69 -1.09 -2.65 -26.33
C LEU C 69 -0.82 -2.64 -24.82
N GLY C 70 0.45 -2.47 -24.44
CA GLY C 70 0.82 -2.35 -23.03
C GLY C 70 0.16 -1.16 -22.35
N ALA C 71 -0.59 -1.39 -21.29
CA ALA C 71 -1.19 -0.32 -20.51
C ALA C 71 -0.57 -0.30 -19.11
N LEU C 72 -0.29 0.89 -18.60
CA LEU C 72 0.27 1.00 -17.25
C LEU C 72 -0.53 1.93 -16.34
N THR C 73 -1.63 2.52 -16.83
CA THR C 73 -2.59 3.19 -15.96
C THR C 73 -4.00 2.77 -16.39
N GLY C 74 -4.94 3.02 -15.49
CA GLY C 74 -6.32 2.66 -15.77
C GLY C 74 -6.91 3.49 -16.90
N ASN C 75 -6.62 4.80 -16.94
CA ASN C 75 -7.14 5.60 -18.06
C ASN C 75 -6.55 5.14 -19.39
N MET C 76 -5.35 4.63 -19.36
CA MET C 76 -4.72 4.21 -20.60
C MET C 76 -5.45 2.98 -21.15
N ALA C 77 -5.84 2.04 -20.29
CA ALA C 77 -6.64 0.92 -20.75
C ALA C 77 -8.01 1.35 -21.24
N VAL C 78 -8.63 2.33 -20.57
CA VAL C 78 -9.93 2.80 -20.99
C VAL C 78 -9.86 3.35 -22.40
N GLN C 79 -8.82 4.14 -22.72
CA GLN C 79 -8.68 4.65 -24.08
C GLN C 79 -8.45 3.54 -25.08
N GLN C 80 -7.73 2.48 -24.70
CA GLN C 80 -7.51 1.36 -25.62
C GLN C 80 -8.83 0.69 -26.00
N VAL C 81 -9.72 0.49 -25.02
CA VAL C 81 -11.02 -0.11 -25.29
C VAL C 81 -11.92 0.84 -26.09
N ARG C 82 -11.95 2.12 -25.69
CA ARG C 82 -12.72 3.15 -26.41
C ARG C 82 -12.33 3.21 -27.89
N ALA C 83 -11.05 3.03 -28.19
CA ALA C 83 -10.55 3.10 -29.56
C ALA C 83 -10.73 1.79 -30.32
N GLY C 84 -11.33 0.76 -29.72
CA GLY C 84 -11.68 -0.44 -30.43
C GLY C 84 -10.91 -1.70 -30.06
N LEU C 85 -9.87 -1.60 -29.23
CA LEU C 85 -9.09 -2.81 -28.91
C LEU C 85 -9.89 -3.73 -27.98
N LYS C 86 -9.63 -5.03 -28.08
CA LYS C 86 -10.43 -6.02 -27.38
C LYS C 86 -9.66 -6.82 -26.33
N ALA C 87 -8.44 -6.41 -26.01
CA ALA C 87 -7.67 -7.01 -24.93
C ALA C 87 -6.64 -5.99 -24.47
N ILE C 88 -6.17 -6.16 -23.24
CA ILE C 88 -5.19 -5.27 -22.64
C ILE C 88 -3.96 -6.08 -22.26
N TYR C 89 -2.79 -5.60 -22.61
CA TYR C 89 -1.55 -6.24 -22.19
C TYR C 89 -0.94 -5.48 -21.01
N LEU C 90 -0.53 -6.20 -19.98
CA LEU C 90 0.03 -5.55 -18.81
C LEU C 90 1.51 -5.94 -18.75
N SER C 91 2.39 -4.99 -19.08
CA SER C 91 3.82 -5.23 -19.18
C SER C 91 4.50 -5.13 -17.83
N GLY C 92 5.35 -6.10 -17.51
CA GLY C 92 6.15 -6.02 -16.29
C GLY C 92 7.28 -5.01 -16.42
N TRP C 93 7.83 -4.87 -17.62
CA TRP C 93 8.80 -3.82 -17.90
C TRP C 93 8.21 -2.46 -17.53
N GLN C 94 6.96 -2.21 -17.94
CA GLN C 94 6.38 -0.89 -17.72
C GLN C 94 6.08 -0.68 -16.25
N VAL C 95 5.68 -1.74 -15.55
CA VAL C 95 5.49 -1.67 -14.11
C VAL C 95 6.81 -1.37 -13.41
N ALA C 96 7.89 -2.02 -13.82
CA ALA C 96 9.19 -1.72 -13.22
C ALA C 96 9.56 -0.26 -13.45
N GLY C 97 9.32 0.25 -14.67
CA GLY C 97 9.73 1.61 -15.00
C GLY C 97 8.87 2.70 -14.38
N ASP C 98 7.57 2.45 -14.17
CA ASP C 98 6.73 3.59 -13.84
C ASP C 98 5.44 3.28 -13.10
N ALA C 99 5.27 2.06 -12.60
CA ALA C 99 4.05 1.74 -11.88
C ALA C 99 4.19 0.55 -10.93
N ASN C 100 5.18 0.56 -10.05
CA ASN C 100 5.26 -0.53 -9.08
C ASN C 100 5.18 -0.01 -7.64
N LEU C 101 4.99 -0.94 -6.71
CA LEU C 101 4.68 -0.60 -5.33
C LEU C 101 5.88 -0.16 -4.50
N SER C 102 7.09 -0.20 -5.06
CA SER C 102 8.20 0.40 -4.33
C SER C 102 8.25 1.91 -4.50
N GLY C 103 7.58 2.45 -5.52
CA GLY C 103 7.73 3.84 -5.88
C GLY C 103 8.94 4.17 -6.72
N HIS C 104 9.78 3.19 -7.05
CA HIS C 104 11.04 3.47 -7.71
C HIS C 104 10.96 3.16 -9.20
N THR C 105 11.83 3.84 -9.96
CA THR C 105 12.05 3.51 -11.36
C THR C 105 13.10 2.41 -11.45
N TYR C 106 12.75 1.32 -12.12
CA TYR C 106 13.63 0.17 -12.21
C TYR C 106 13.73 -0.32 -13.64
N PRO C 107 14.89 -0.81 -14.02
CA PRO C 107 14.99 -1.62 -15.23
C PRO C 107 14.33 -2.97 -14.99
N ASP C 108 14.22 -3.72 -16.07
CA ASP C 108 13.34 -4.88 -16.10
C ASP C 108 14.11 -6.11 -15.63
N GLN C 109 14.29 -6.21 -14.29
CA GLN C 109 15.15 -7.23 -13.68
C GLN C 109 14.52 -7.81 -12.42
N SER C 110 13.20 -7.91 -12.38
CA SER C 110 12.46 -8.44 -11.21
C SER C 110 12.87 -7.78 -9.90
N LEU C 111 13.01 -6.45 -9.91
CA LEU C 111 13.41 -5.70 -8.73
C LEU C 111 12.25 -5.20 -7.88
N TYR C 112 11.02 -5.08 -8.45
CA TYR C 112 9.90 -4.49 -7.75
C TYR C 112 9.18 -5.52 -6.89
N PRO C 113 8.33 -5.06 -5.97
CA PRO C 113 7.62 -6.01 -5.10
C PRO C 113 6.65 -6.87 -5.90
N ALA C 114 6.56 -8.15 -5.52
CA ALA C 114 5.89 -9.16 -6.36
C ALA C 114 4.39 -8.96 -6.48
N ASN C 115 3.76 -8.14 -5.62
CA ASN C 115 2.32 -7.86 -5.78
C ASN C 115 2.05 -6.62 -6.63
N SER C 116 3.08 -6.09 -7.31
CA SER C 116 2.91 -4.87 -8.10
C SER C 116 2.00 -5.10 -9.31
N VAL C 117 2.24 -6.16 -10.09
CA VAL C 117 1.40 -6.38 -11.28
C VAL C 117 -0.04 -6.69 -10.88
N PRO C 118 -0.33 -7.52 -9.86
CA PRO C 118 -1.73 -7.66 -9.43
C PRO C 118 -2.41 -6.33 -9.11
N GLN C 119 -1.70 -5.42 -8.45
CA GLN C 119 -2.34 -4.13 -8.13
C GLN C 119 -2.65 -3.35 -9.38
N VAL C 120 -1.83 -3.44 -10.43
CA VAL C 120 -2.18 -2.76 -11.67
C VAL C 120 -3.35 -3.45 -12.37
N VAL C 121 -3.40 -4.80 -12.33
CA VAL C 121 -4.55 -5.51 -12.92
C VAL C 121 -5.84 -5.04 -12.27
N ARG C 122 -5.84 -4.97 -10.94
CA ARG C 122 -7.02 -4.50 -10.21
C ARG C 122 -7.37 -3.07 -10.60
N ARG C 123 -6.34 -2.22 -10.74
CA ARG C 123 -6.55 -0.84 -11.17
C ARG C 123 -7.20 -0.79 -12.55
N ILE C 124 -6.67 -1.57 -13.50
CA ILE C 124 -7.21 -1.52 -14.85
C ILE C 124 -8.67 -1.97 -14.83
N ASN C 125 -8.97 -3.05 -14.11
CA ASN C 125 -10.36 -3.51 -14.02
C ASN C 125 -11.26 -2.47 -13.36
N ASN C 126 -10.77 -1.80 -12.31
CA ASN C 126 -11.57 -0.72 -11.71
C ASN C 126 -11.87 0.38 -12.73
N ALA C 127 -10.88 0.75 -13.53
CA ALA C 127 -11.07 1.82 -14.49
C ALA C 127 -12.05 1.42 -15.59
N LEU C 128 -11.96 0.19 -16.07
CA LEU C 128 -12.92 -0.30 -17.08
C LEU C 128 -14.32 -0.44 -16.51
N GLN C 129 -14.43 -0.89 -15.25
CA GLN C 129 -15.72 -0.93 -14.57
C GLN C 129 -16.34 0.46 -14.48
N ARG C 130 -15.52 1.49 -14.25
CA ARG C 130 -16.09 2.84 -14.18
C ARG C 130 -16.55 3.30 -15.55
N ALA C 131 -15.77 3.00 -16.59
CA ALA C 131 -16.20 3.36 -17.93
C ALA C 131 -17.52 2.68 -18.28
N ASP C 132 -17.65 1.41 -17.89
CA ASP C 132 -18.86 0.63 -18.12
C ASP C 132 -20.05 1.21 -17.36
N GLN C 133 -19.81 1.67 -16.12
CA GLN C 133 -20.88 2.26 -15.34
C GLN C 133 -21.35 3.59 -15.94
N ILE C 134 -20.40 4.42 -16.34
CA ILE C 134 -20.72 5.69 -17.00
C ILE C 134 -21.52 5.45 -18.27
N ALA C 135 -21.04 4.54 -19.12
CA ALA C 135 -21.72 4.27 -20.38
C ALA C 135 -23.15 3.79 -20.17
N LYS C 136 -23.39 3.00 -19.11
CA LYS C 136 -24.74 2.53 -18.84
C LYS C 136 -25.67 3.70 -18.48
N ILE C 137 -25.24 4.62 -17.60
CA ILE C 137 -26.14 5.71 -17.25
C ILE C 137 -26.27 6.72 -18.39
N GLU C 138 -25.29 6.78 -19.30
CA GLU C 138 -25.39 7.64 -20.47
C GLU C 138 -26.14 6.98 -21.63
N GLY C 139 -26.53 5.71 -21.51
CA GLY C 139 -27.06 5.00 -22.67
C GLY C 139 -26.09 4.84 -23.82
N ASP C 140 -24.78 4.90 -23.56
CA ASP C 140 -23.77 4.75 -24.61
C ASP C 140 -23.58 3.27 -24.90
N THR C 141 -24.02 2.82 -26.08
CA THR C 141 -23.89 1.44 -26.50
C THR C 141 -22.72 1.22 -27.46
N SER C 142 -21.88 2.23 -27.65
CA SER C 142 -20.88 2.18 -28.70
C SER C 142 -19.72 1.21 -28.42
N VAL C 143 -19.56 0.75 -27.18
CA VAL C 143 -18.55 -0.25 -26.84
C VAL C 143 -19.28 -1.47 -26.35
N GLU C 144 -19.05 -2.61 -27.01
CA GLU C 144 -19.79 -3.81 -26.67
C GLU C 144 -19.34 -4.38 -25.32
N ASN C 145 -18.03 -4.40 -25.08
CA ASN C 145 -17.50 -5.03 -23.86
C ASN C 145 -16.43 -4.09 -23.30
N TRP C 146 -16.79 -3.38 -22.24
CA TRP C 146 -15.81 -2.53 -21.57
C TRP C 146 -14.78 -3.38 -20.82
N LEU C 147 -15.18 -4.55 -20.32
CA LEU C 147 -14.31 -5.40 -19.52
C LEU C 147 -13.48 -6.30 -20.45
N ALA C 148 -12.62 -5.64 -21.20
CA ALA C 148 -11.72 -6.37 -22.08
C ALA C 148 -10.79 -7.26 -21.25
N PRO C 149 -10.46 -8.46 -21.73
CA PRO C 149 -9.56 -9.33 -20.97
C PRO C 149 -8.17 -8.73 -20.82
N ILE C 150 -7.57 -8.97 -19.66
CA ILE C 150 -6.22 -8.49 -19.36
C ILE C 150 -5.26 -9.67 -19.37
N VAL C 151 -4.18 -9.55 -20.12
CA VAL C 151 -3.08 -10.52 -20.13
C VAL C 151 -1.87 -9.90 -19.42
N ALA C 152 -1.44 -10.50 -18.31
CA ALA C 152 -0.43 -9.86 -17.45
C ALA C 152 0.87 -10.66 -17.36
N ASP C 153 1.96 -9.93 -17.05
CA ASP C 153 3.32 -10.47 -16.96
C ASP C 153 3.55 -11.11 -15.59
N GLY C 154 3.73 -12.43 -15.54
CA GLY C 154 4.16 -13.10 -14.33
C GLY C 154 5.68 -13.23 -14.14
N GLU C 155 6.46 -12.72 -15.08
CA GLU C 155 7.93 -12.68 -15.06
C GLU C 155 8.45 -14.10 -14.89
N ALA C 156 9.44 -14.31 -14.03
CA ALA C 156 9.91 -15.65 -13.74
C ALA C 156 9.36 -16.15 -12.42
N GLY C 157 8.25 -15.56 -11.95
CA GLY C 157 7.59 -16.00 -10.73
C GLY C 157 8.17 -15.48 -9.42
N PHE C 158 9.24 -14.68 -9.44
CA PHE C 158 9.78 -14.06 -8.22
C PHE C 158 10.23 -15.11 -7.20
N GLY C 159 10.76 -16.22 -7.69
CA GLY C 159 11.23 -17.22 -6.74
C GLY C 159 10.95 -18.64 -7.17
N GLY C 160 10.46 -19.48 -6.25
CA GLY C 160 10.20 -20.87 -6.53
C GLY C 160 8.79 -21.09 -7.05
N ALA C 161 8.40 -22.36 -7.08
CA ALA C 161 7.05 -22.69 -7.51
C ALA C 161 5.99 -22.08 -6.59
N LEU C 162 6.30 -21.95 -5.31
CA LEU C 162 5.31 -21.37 -4.39
C LEU C 162 5.12 -19.88 -4.64
N ASN C 163 6.19 -19.16 -5.01
CA ASN C 163 6.04 -17.75 -5.41
C ASN C 163 5.21 -17.62 -6.68
N VAL C 164 5.41 -18.52 -7.66
CA VAL C 164 4.57 -18.54 -8.86
C VAL C 164 3.12 -18.74 -8.48
N TYR C 165 2.85 -19.73 -7.63
CA TYR C 165 1.49 -20.00 -7.17
C TYR C 165 0.85 -18.75 -6.59
N GLU C 166 1.58 -18.06 -5.69
CA GLU C 166 0.99 -16.90 -5.02
C GLU C 166 0.78 -15.75 -5.98
N LEU C 167 1.69 -15.57 -6.94
CA LEU C 167 1.48 -14.51 -7.92
C LEU C 167 0.27 -14.82 -8.80
N GLN C 168 0.14 -16.06 -9.26
CA GLN C 168 -1.03 -16.38 -10.07
C GLN C 168 -2.33 -16.18 -9.29
N LYS C 169 -2.37 -16.65 -8.05
CA LYS C 169 -3.54 -16.43 -7.20
C LYS C 169 -3.87 -14.94 -7.07
N ALA C 170 -2.84 -14.10 -6.90
CA ALA C 170 -3.07 -12.66 -6.71
C ALA C 170 -3.54 -12.02 -8.01
N LEU C 171 -3.01 -12.46 -9.15
CA LEU C 171 -3.46 -11.96 -10.44
C LEU C 171 -4.93 -12.33 -10.67
N ILE C 172 -5.32 -13.54 -10.28
CA ILE C 172 -6.71 -13.96 -10.42
C ILE C 172 -7.61 -13.14 -9.51
N ALA C 173 -7.20 -12.95 -8.25
CA ALA C 173 -8.02 -12.16 -7.32
C ALA C 173 -8.27 -10.77 -7.88
N ALA C 174 -7.29 -10.22 -8.59
CA ALA C 174 -7.39 -8.91 -9.21
C ALA C 174 -8.19 -8.94 -10.51
N GLY C 175 -8.50 -10.10 -11.06
CA GLY C 175 -9.32 -10.23 -12.26
C GLY C 175 -8.58 -10.42 -13.58
N VAL C 176 -7.41 -11.06 -13.58
CA VAL C 176 -6.66 -11.19 -14.81
C VAL C 176 -7.36 -12.27 -15.65
N ALA C 177 -7.20 -12.19 -16.95
CA ALA C 177 -7.70 -13.21 -17.86
C ALA C 177 -6.64 -14.22 -18.27
N GLY C 178 -5.39 -13.79 -18.39
CA GLY C 178 -4.30 -14.68 -18.78
C GLY C 178 -3.00 -14.15 -18.18
N SER C 179 -2.03 -15.03 -18.06
CA SER C 179 -0.73 -14.63 -17.51
C SER C 179 0.36 -15.39 -18.22
N HIS C 180 1.54 -14.78 -18.34
CA HIS C 180 2.66 -15.44 -19.01
C HIS C 180 3.86 -15.56 -18.07
N TRP C 181 4.66 -16.58 -18.33
CA TRP C 181 5.70 -17.05 -17.43
C TRP C 181 6.89 -17.48 -18.28
N GLU C 182 8.08 -17.04 -17.90
CA GLU C 182 9.26 -17.24 -18.74
C GLU C 182 10.30 -18.09 -18.02
N ASP C 183 11.14 -18.77 -18.81
CA ASP C 183 12.07 -19.77 -18.29
C ASP C 183 13.44 -19.17 -17.94
N GLN C 184 13.47 -18.02 -17.28
CA GLN C 184 14.66 -17.37 -16.77
C GLN C 184 14.80 -17.63 -15.27
N LEU C 185 16.03 -17.51 -14.78
CA LEU C 185 16.27 -17.51 -13.34
C LEU C 185 15.78 -16.18 -12.79
N ALA C 186 14.85 -16.24 -11.83
CA ALA C 186 14.22 -15.00 -11.33
C ALA C 186 15.27 -14.03 -10.76
N SER C 187 16.22 -14.53 -9.96
CA SER C 187 17.25 -13.69 -9.33
C SER C 187 18.19 -12.99 -10.34
N GLU C 188 18.23 -13.44 -11.59
CA GLU C 188 18.99 -12.75 -12.63
C GLU C 188 18.08 -12.31 -13.77
N LYS C 189 16.80 -12.10 -13.46
CA LYS C 189 15.82 -11.88 -14.52
C LYS C 189 16.23 -10.70 -15.39
N LYS C 190 16.06 -10.83 -16.72
CA LYS C 190 16.27 -9.72 -17.65
C LYS C 190 15.06 -9.55 -18.55
N CYS C 191 14.91 -8.33 -19.08
CA CYS C 191 14.06 -8.14 -20.24
C CYS C 191 14.57 -9.03 -21.35
N GLY C 192 13.65 -9.65 -22.10
CA GLY C 192 14.03 -10.59 -23.16
C GLY C 192 15.01 -9.99 -24.15
N HIS C 193 15.00 -8.66 -24.29
CA HIS C 193 15.91 -7.96 -25.19
C HIS C 193 17.05 -7.27 -24.45
N LEU C 194 17.20 -7.52 -23.16
CA LEU C 194 18.40 -7.19 -22.41
C LEU C 194 19.37 -8.37 -22.43
N GLY C 195 20.66 -8.07 -22.24
CA GLY C 195 21.68 -9.10 -22.24
C GLY C 195 21.87 -9.78 -20.88
N GLY C 196 22.67 -10.86 -20.92
CA GLY C 196 23.06 -11.60 -19.71
C GLY C 196 21.98 -12.47 -19.09
N LYS C 197 21.17 -13.14 -19.90
CA LYS C 197 20.07 -13.91 -19.34
C LYS C 197 20.55 -15.30 -18.97
N VAL C 198 19.93 -15.85 -17.92
CA VAL C 198 20.22 -17.20 -17.47
C VAL C 198 18.93 -18.00 -17.55
N LEU C 199 18.96 -19.11 -18.28
CA LEU C 199 17.81 -20.01 -18.34
C LEU C 199 17.79 -20.94 -17.13
N ILE C 200 16.59 -21.44 -16.82
CA ILE C 200 16.41 -22.54 -15.88
C ILE C 200 16.19 -23.83 -16.67
N PRO C 201 16.35 -25.00 -16.06
CA PRO C 201 16.14 -26.25 -16.80
C PRO C 201 14.72 -26.38 -17.29
N THR C 202 14.56 -27.08 -18.44
CA THR C 202 13.24 -27.27 -19.03
C THR C 202 12.24 -27.74 -17.99
N GLN C 203 12.62 -28.70 -17.16
CA GLN C 203 11.65 -29.27 -16.23
C GLN C 203 11.26 -28.28 -15.14
N GLN C 204 12.18 -27.39 -14.77
CA GLN C 204 11.83 -26.38 -13.78
C GLN C 204 10.77 -25.43 -14.30
N HIS C 205 10.79 -25.10 -15.60
CA HIS C 205 9.74 -24.25 -16.12
C HIS C 205 8.42 -25.00 -16.24
N ILE C 206 8.47 -26.28 -16.58
CA ILE C 206 7.24 -27.06 -16.55
C ILE C 206 6.64 -27.03 -15.15
N ARG C 207 7.50 -27.04 -14.12
CA ARG C 207 7.02 -26.88 -12.75
CA ARG C 207 7.04 -26.87 -12.74
C ARG C 207 6.32 -25.53 -12.57
N THR C 208 6.90 -24.47 -13.12
CA THR C 208 6.27 -23.14 -13.05
C THR C 208 4.89 -23.14 -13.72
N LEU C 209 4.81 -23.67 -14.94
CA LEU C 209 3.54 -23.72 -15.66
C LEU C 209 2.52 -24.58 -14.93
N THR C 210 2.97 -25.68 -14.33
CA THR C 210 2.08 -26.53 -13.55
C THR C 210 1.57 -25.80 -12.30
N SER C 211 2.45 -25.01 -11.69
CA SER C 211 2.04 -24.24 -10.52
C SER C 211 1.04 -23.15 -10.89
N ALA C 212 1.23 -22.48 -12.04
CA ALA C 212 0.28 -21.47 -12.47
C ALA C 212 -1.08 -22.10 -12.78
N ARG C 213 -1.09 -23.27 -13.42
CA ARG C 213 -2.36 -23.93 -13.68
C ARG C 213 -3.01 -24.36 -12.38
N LEU C 214 -2.22 -24.88 -11.44
CA LEU C 214 -2.77 -25.31 -10.16
C LEU C 214 -3.42 -24.15 -9.41
N ALA C 215 -2.76 -22.98 -9.37
CA ALA C 215 -3.38 -21.84 -8.71
C ALA C 215 -4.70 -21.47 -9.38
N ALA C 216 -4.75 -21.47 -10.71
CA ALA C 216 -6.02 -21.22 -11.40
C ALA C 216 -7.08 -22.27 -11.06
N ASP C 217 -6.71 -23.55 -11.06
CA ASP C 217 -7.65 -24.62 -10.72
C ASP C 217 -8.20 -24.45 -9.30
N VAL C 218 -7.31 -24.18 -8.34
CA VAL C 218 -7.73 -24.05 -6.95
C VAL C 218 -8.67 -22.85 -6.78
N ALA C 219 -8.45 -21.79 -7.55
CA ALA C 219 -9.32 -20.62 -7.60
C ALA C 219 -10.56 -20.82 -8.49
N ASP C 220 -10.71 -21.99 -9.12
CA ASP C 220 -11.89 -22.30 -9.93
C ASP C 220 -12.09 -21.38 -11.12
N VAL C 221 -11.02 -20.98 -11.80
CA VAL C 221 -11.18 -20.14 -13.00
C VAL C 221 -10.31 -20.69 -14.13
N PRO C 222 -10.72 -20.53 -15.40
CA PRO C 222 -10.00 -21.10 -16.55
C PRO C 222 -8.96 -20.15 -17.17
N THR C 223 -8.12 -19.55 -16.31
CA THR C 223 -7.11 -18.58 -16.76
C THR C 223 -6.29 -19.10 -17.94
N VAL C 224 -6.03 -18.22 -18.90
CA VAL C 224 -5.19 -18.54 -20.03
C VAL C 224 -3.71 -18.49 -19.58
N VAL C 225 -2.98 -19.60 -19.74
CA VAL C 225 -1.60 -19.71 -19.27
C VAL C 225 -0.69 -19.67 -20.49
N ILE C 226 0.28 -18.77 -20.46
CA ILE C 226 1.17 -18.53 -21.59
C ILE C 226 2.60 -18.86 -21.17
N ALA C 227 3.26 -19.71 -21.93
CA ALA C 227 4.66 -20.05 -21.70
C ALA C 227 5.54 -19.23 -22.62
N ARG C 228 6.57 -18.61 -22.07
CA ARG C 228 7.53 -17.86 -22.84
C ARG C 228 8.90 -18.47 -22.67
N THR C 229 9.66 -18.59 -23.77
CA THR C 229 11.05 -19.04 -23.68
C THR C 229 12.01 -17.95 -24.12
N ASP C 230 13.09 -17.80 -23.35
CA ASP C 230 14.13 -16.82 -23.60
C ASP C 230 15.41 -17.47 -24.18
N ALA C 231 15.28 -18.64 -24.80
CA ALA C 231 16.46 -19.39 -25.26
C ALA C 231 17.05 -18.89 -26.57
N GLU C 232 16.39 -17.96 -27.26
CA GLU C 232 16.98 -17.41 -28.49
C GLU C 232 18.27 -16.67 -28.19
N ALA C 233 18.30 -15.88 -27.10
CA ALA C 233 19.49 -15.08 -26.79
C ALA C 233 20.27 -15.53 -25.57
N ALA C 234 19.66 -16.25 -24.63
CA ALA C 234 20.36 -16.62 -23.40
C ALA C 234 21.54 -17.55 -23.71
N THR C 235 22.69 -17.28 -23.09
CA THR C 235 23.84 -18.17 -23.28
C THR C 235 24.26 -18.84 -21.99
N LEU C 236 23.41 -18.79 -20.97
CA LEU C 236 23.67 -19.33 -19.65
C LEU C 236 22.46 -20.12 -19.18
N ILE C 237 22.72 -21.19 -18.43
CA ILE C 237 21.68 -22.00 -17.82
C ILE C 237 22.20 -22.39 -16.45
N THR C 238 21.29 -22.51 -15.48
CA THR C 238 21.69 -22.78 -14.10
C THR C 238 22.25 -24.18 -13.92
N SER C 239 21.82 -25.13 -14.74
CA SER C 239 22.15 -26.53 -14.46
C SER C 239 22.07 -27.33 -15.74
N ASP C 240 22.81 -28.44 -15.77
CA ASP C 240 22.76 -29.36 -16.92
C ASP C 240 22.01 -30.64 -16.58
N VAL C 241 21.22 -30.60 -15.50
CA VAL C 241 20.57 -31.79 -14.98
C VAL C 241 19.52 -32.34 -15.94
N ASP C 242 18.91 -31.50 -16.78
CA ASP C 242 17.81 -31.93 -17.64
C ASP C 242 18.33 -32.43 -18.97
N GLU C 243 17.93 -33.66 -19.34
CA GLU C 243 18.50 -34.29 -20.52
C GLU C 243 18.08 -33.57 -21.79
N ARG C 244 16.94 -32.88 -21.78
CA ARG C 244 16.52 -32.10 -22.95
C ARG C 244 17.38 -30.85 -23.16
N ASP C 245 18.06 -30.36 -22.12
CA ASP C 245 18.91 -29.20 -22.24
C ASP C 245 20.35 -29.57 -22.59
N GLN C 246 20.75 -30.81 -22.30
CA GLN C 246 22.13 -31.23 -22.51
C GLN C 246 22.64 -31.10 -23.94
N PRO C 247 21.84 -31.26 -25.00
CA PRO C 247 22.39 -31.03 -26.35
C PRO C 247 22.99 -29.66 -26.53
N PHE C 248 22.58 -28.67 -25.73
CA PHE C 248 23.04 -27.32 -25.94
C PHE C 248 24.08 -26.88 -24.91
N ILE C 249 24.38 -27.73 -23.92
CA ILE C 249 25.41 -27.41 -22.94
C ILE C 249 26.79 -27.59 -23.58
N THR C 250 27.63 -26.55 -23.49
CA THR C 250 28.97 -26.63 -24.06
C THR C 250 29.99 -27.26 -23.14
N GLY C 251 29.67 -27.45 -21.86
CA GLY C 251 30.62 -27.91 -20.87
C GLY C 251 31.39 -26.81 -20.17
N GLU C 252 31.45 -25.61 -20.74
CA GLU C 252 32.14 -24.50 -20.11
C GLU C 252 31.28 -23.94 -18.97
N ARG C 253 31.96 -23.48 -17.91
CA ARG C 253 31.32 -22.95 -16.71
C ARG C 253 31.75 -21.50 -16.46
N THR C 254 30.90 -20.74 -15.77
CA THR C 254 31.28 -19.39 -15.35
C THR C 254 31.75 -19.42 -13.90
N ARG C 255 32.35 -18.29 -13.47
CA ARG C 255 32.81 -18.13 -12.09
C ARG C 255 31.69 -18.36 -11.08
N GLU C 256 30.45 -17.99 -11.43
CA GLU C 256 29.29 -18.14 -10.55
C GLU C 256 28.77 -19.57 -10.49
N GLY C 257 29.21 -20.44 -11.39
CA GLY C 257 28.69 -21.79 -11.47
C GLY C 257 27.65 -22.02 -12.54
N PHE C 258 27.36 -21.04 -13.39
CA PHE C 258 26.43 -21.28 -14.47
C PHE C 258 27.09 -22.09 -15.56
N TYR C 259 26.26 -22.61 -16.47
CA TYR C 259 26.72 -23.38 -17.62
C TYR C 259 26.47 -22.55 -18.87
N ARG C 260 27.49 -22.41 -19.71
CA ARG C 260 27.28 -21.81 -21.01
C ARG C 260 26.45 -22.76 -21.88
N THR C 261 25.53 -22.20 -22.65
CA THR C 261 24.67 -22.97 -23.52
C THR C 261 24.61 -22.30 -24.89
N LYS C 262 24.40 -23.10 -25.96
CA LYS C 262 24.25 -22.53 -27.30
C LYS C 262 22.82 -22.06 -27.52
N ASN C 263 22.67 -20.77 -27.80
CA ASN C 263 21.38 -20.12 -27.97
C ASN C 263 20.90 -20.27 -29.41
N GLY C 264 19.67 -19.85 -29.67
CA GLY C 264 19.18 -19.84 -31.04
C GLY C 264 17.77 -20.36 -31.14
N ILE C 265 17.26 -20.45 -32.37
CA ILE C 265 15.88 -20.91 -32.55
C ILE C 265 15.75 -22.39 -32.24
N GLU C 266 16.86 -23.15 -32.28
CA GLU C 266 16.76 -24.58 -32.04
C GLU C 266 16.40 -24.90 -30.61
N PRO C 267 17.08 -24.36 -29.57
CA PRO C 267 16.61 -24.60 -28.20
C PRO C 267 15.24 -24.02 -27.94
N CYS C 268 14.85 -22.94 -28.63
CA CYS C 268 13.51 -22.39 -28.46
C CYS C 268 12.45 -23.37 -28.96
N ILE C 269 12.67 -23.97 -30.12
CA ILE C 269 11.72 -24.97 -30.64
C ILE C 269 11.65 -26.16 -29.68
N ALA C 270 12.80 -26.63 -29.20
CA ALA C 270 12.81 -27.75 -28.27
C ALA C 270 12.06 -27.41 -26.96
N ARG C 271 12.27 -26.21 -26.43
CA ARG C 271 11.58 -25.87 -25.19
C ARG C 271 10.09 -25.68 -25.44
N ALA C 272 9.72 -24.98 -26.53
CA ALA C 272 8.31 -24.76 -26.85
C ALA C 272 7.55 -26.08 -26.95
N LYS C 273 8.17 -27.09 -27.58
CA LYS C 273 7.55 -28.41 -27.64
C LYS C 273 7.38 -29.00 -26.24
N ALA C 274 8.40 -28.86 -25.40
CA ALA C 274 8.31 -29.39 -24.04
C ALA C 274 7.20 -28.68 -23.25
N TYR C 275 7.03 -27.37 -23.49
CA TYR C 275 6.05 -26.59 -22.74
C TYR C 275 4.63 -26.73 -23.27
N ALA C 276 4.47 -27.11 -24.55
CA ALA C 276 3.16 -27.13 -25.19
C ALA C 276 2.08 -27.87 -24.41
N PRO C 277 2.30 -29.05 -23.84
CA PRO C 277 1.22 -29.70 -23.08
C PRO C 277 0.82 -28.94 -21.85
N PHE C 278 1.58 -27.90 -21.47
CA PHE C 278 1.33 -27.16 -20.24
C PHE C 278 0.95 -25.71 -20.45
N ALA C 279 0.83 -25.25 -21.70
CA ALA C 279 0.52 -23.86 -21.98
C ALA C 279 -0.59 -23.75 -23.02
N ASP C 280 -1.46 -22.77 -22.79
CA ASP C 280 -2.50 -22.42 -23.75
C ASP C 280 -1.94 -21.65 -24.94
N LEU C 281 -0.86 -20.92 -24.75
CA LEU C 281 -0.16 -20.21 -25.81
C LEU C 281 1.33 -20.25 -25.54
N ILE C 282 2.11 -20.29 -26.62
CA ILE C 282 3.56 -20.40 -26.55
C ILE C 282 4.17 -19.19 -27.25
N TRP C 283 5.22 -18.63 -26.64
CA TRP C 283 5.80 -17.37 -27.09
C TRP C 283 7.31 -17.50 -27.07
N MET C 284 7.94 -17.19 -28.21
CA MET C 284 9.40 -17.12 -28.37
C MET C 284 9.86 -15.67 -28.36
N GLU C 285 10.71 -15.31 -27.40
CA GLU C 285 11.28 -13.97 -27.42
C GLU C 285 12.31 -13.89 -28.53
N THR C 286 12.33 -12.78 -29.26
CA THR C 286 13.19 -12.70 -30.42
C THR C 286 13.84 -11.32 -30.52
N GLY C 287 15.05 -11.31 -31.06
CA GLY C 287 15.81 -10.07 -31.15
C GLY C 287 15.46 -9.17 -32.30
N THR C 288 14.69 -9.65 -33.30
CA THR C 288 14.31 -8.85 -34.45
C THR C 288 12.93 -9.30 -34.92
N PRO C 289 12.07 -8.40 -35.33
CA PRO C 289 10.81 -8.80 -35.96
C PRO C 289 11.07 -9.28 -37.37
N ASP C 290 10.91 -10.58 -37.59
CA ASP C 290 11.35 -11.26 -38.80
C ASP C 290 10.26 -12.26 -39.15
N LEU C 291 9.50 -12.00 -40.21
CA LEU C 291 8.43 -12.91 -40.58
C LEU C 291 8.97 -14.31 -40.87
N GLU C 292 10.15 -14.41 -41.47
CA GLU C 292 10.67 -15.73 -41.83
C GLU C 292 11.06 -16.53 -40.60
N ALA C 293 11.72 -15.91 -39.62
CA ALA C 293 12.03 -16.63 -38.39
C ALA C 293 10.75 -17.04 -37.65
N ALA C 294 9.71 -16.21 -37.72
CA ALA C 294 8.45 -16.55 -37.09
C ALA C 294 7.86 -17.81 -37.71
N ARG C 295 7.95 -17.91 -39.04
CA ARG C 295 7.40 -19.07 -39.73
C ARG C 295 8.16 -20.33 -39.37
N GLN C 296 9.49 -20.24 -39.31
CA GLN C 296 10.32 -21.38 -38.95
C GLN C 296 9.95 -21.91 -37.55
N PHE C 297 9.80 -21.00 -36.57
CA PHE C 297 9.35 -21.40 -35.24
C PHE C 297 7.92 -21.96 -35.29
N SER C 298 7.03 -21.24 -35.96
CA SER C 298 5.62 -21.63 -36.04
C SER C 298 5.48 -23.02 -36.63
N GLU C 299 6.11 -23.24 -37.78
CA GLU C 299 5.95 -24.52 -38.47
C GLU C 299 6.60 -25.66 -37.69
N ALA C 300 7.73 -25.41 -37.02
CA ALA C 300 8.40 -26.47 -36.27
C ALA C 300 7.59 -26.93 -35.09
N VAL C 301 6.87 -26.01 -34.45
CA VAL C 301 6.09 -26.36 -33.28
C VAL C 301 4.79 -27.05 -33.69
N LYS C 302 4.13 -26.56 -34.75
CA LYS C 302 2.89 -27.16 -35.22
C LYS C 302 3.09 -28.48 -35.96
N ALA C 303 4.31 -28.79 -36.38
CA ALA C 303 4.61 -30.14 -36.86
C ALA C 303 4.28 -31.19 -35.80
N GLU C 304 4.45 -30.83 -34.53
CA GLU C 304 4.16 -31.72 -33.42
C GLU C 304 2.83 -31.43 -32.75
N TYR C 305 2.41 -30.17 -32.71
CA TYR C 305 1.20 -29.76 -32.03
C TYR C 305 0.45 -28.85 -32.99
N PRO C 306 -0.30 -29.43 -33.95
CA PRO C 306 -0.87 -28.62 -35.03
C PRO C 306 -1.84 -27.57 -34.53
N ASP C 307 -2.48 -27.78 -33.39
CA ASP C 307 -3.47 -26.84 -32.88
C ASP C 307 -2.90 -25.84 -31.88
N GLN C 308 -1.61 -25.91 -31.59
CA GLN C 308 -1.03 -25.04 -30.56
C GLN C 308 -1.07 -23.58 -31.01
N MET C 309 -1.74 -22.72 -30.24
CA MET C 309 -1.72 -21.30 -30.55
C MET C 309 -0.45 -20.64 -30.03
N LEU C 310 -0.01 -19.59 -30.72
CA LEU C 310 1.25 -18.92 -30.41
C LEU C 310 0.99 -17.44 -30.10
N ALA C 311 1.95 -16.82 -29.42
CA ALA C 311 1.87 -15.41 -29.08
C ALA C 311 3.12 -14.72 -29.61
N TYR C 312 3.01 -13.43 -29.96
CA TYR C 312 4.15 -12.72 -30.54
C TYR C 312 4.26 -11.32 -29.99
N ASN C 313 5.47 -10.94 -29.60
CA ASN C 313 5.79 -9.63 -29.07
C ASN C 313 6.33 -8.76 -30.22
N CYS C 314 5.53 -7.78 -30.65
CA CYS C 314 5.96 -6.77 -31.62
C CYS C 314 6.71 -5.71 -30.84
N SER C 315 8.03 -5.88 -30.73
CA SER C 315 8.53 -5.15 -29.58
C SER C 315 9.03 -3.76 -29.97
N PRO C 316 8.82 -2.79 -29.08
CA PRO C 316 9.40 -1.46 -29.30
C PRO C 316 10.91 -1.43 -29.13
N SER C 317 11.51 -2.46 -28.56
CA SER C 317 12.97 -2.54 -28.51
C SER C 317 13.61 -2.70 -29.88
N PHE C 318 12.81 -2.93 -30.93
CA PHE C 318 13.26 -3.02 -32.31
C PHE C 318 13.17 -1.65 -32.98
N ASN C 319 14.08 -1.39 -33.92
CA ASN C 319 14.05 -0.16 -34.72
C ASN C 319 13.35 -0.49 -36.03
N TRP C 320 12.03 -0.27 -36.08
CA TRP C 320 11.21 -0.94 -37.08
C TRP C 320 11.51 -0.54 -38.52
N LYS C 321 12.04 0.64 -38.79
CA LYS C 321 12.29 1.00 -40.18
C LYS C 321 13.74 0.85 -40.62
N LYS C 322 14.62 0.37 -39.75
CA LYS C 322 15.96 -0.03 -40.15
C LYS C 322 16.10 -1.54 -40.22
N HIS C 323 15.00 -2.27 -40.12
CA HIS C 323 14.99 -3.63 -40.62
C HIS C 323 13.75 -4.02 -41.42
N LEU C 324 12.85 -3.09 -41.75
CA LEU C 324 11.67 -3.41 -42.57
C LEU C 324 11.18 -2.18 -43.32
N ASP C 325 10.53 -2.43 -44.46
CA ASP C 325 9.90 -1.39 -45.26
C ASP C 325 8.43 -1.22 -44.89
N ASP C 326 7.78 -0.19 -45.46
CA ASP C 326 6.43 0.14 -45.03
C ASP C 326 5.43 -0.96 -45.37
N ALA C 327 5.58 -1.59 -46.53
CA ALA C 327 4.60 -2.59 -46.93
C ALA C 327 4.65 -3.82 -46.03
N THR C 328 5.82 -4.18 -45.53
CA THR C 328 5.91 -5.33 -44.62
C THR C 328 5.40 -4.96 -43.23
N ILE C 329 5.69 -3.75 -42.77
CA ILE C 329 5.15 -3.27 -41.49
C ILE C 329 3.63 -3.34 -41.49
N ALA C 330 3.00 -2.94 -42.60
CA ALA C 330 1.54 -2.85 -42.65
C ALA C 330 0.88 -4.22 -42.66
N LYS C 331 1.56 -5.24 -43.18
CA LYS C 331 1.01 -6.60 -43.20
C LYS C 331 1.52 -7.46 -42.06
N PHE C 332 2.45 -6.94 -41.25
CA PHE C 332 3.16 -7.75 -40.27
C PHE C 332 2.22 -8.58 -39.41
N GLN C 333 1.27 -7.94 -38.73
CA GLN C 333 0.40 -8.68 -37.82
C GLN C 333 -0.49 -9.66 -38.58
N LYS C 334 -1.02 -9.25 -39.74
CA LYS C 334 -1.92 -10.11 -40.49
C LYS C 334 -1.23 -11.40 -40.93
N GLU C 335 0.03 -11.30 -41.39
CA GLU C 335 0.78 -12.49 -41.78
C GLU C 335 1.07 -13.38 -40.58
N LEU C 336 1.49 -12.78 -39.46
CA LEU C 336 1.74 -13.57 -38.27
C LEU C 336 0.50 -14.33 -37.85
N ALA C 337 -0.68 -13.70 -37.96
CA ALA C 337 -1.89 -14.37 -37.52
C ALA C 337 -2.12 -15.63 -38.32
N ALA C 338 -1.78 -15.59 -39.61
CA ALA C 338 -1.95 -16.74 -40.48
C ALA C 338 -0.97 -17.87 -40.14
N MET C 339 0.15 -17.57 -39.51
CA MET C 339 1.02 -18.63 -39.02
C MET C 339 0.58 -19.22 -37.71
N GLY C 340 -0.49 -18.68 -37.11
CA GLY C 340 -0.97 -19.16 -35.83
C GLY C 340 -0.60 -18.30 -34.64
N PHE C 341 -0.01 -17.12 -34.85
CA PHE C 341 0.23 -16.17 -33.76
C PHE C 341 -1.07 -15.44 -33.49
N LYS C 342 -1.84 -15.97 -32.56
CA LYS C 342 -3.21 -15.53 -32.31
C LYS C 342 -3.31 -14.42 -31.26
N PHE C 343 -2.23 -14.16 -30.51
CA PHE C 343 -2.19 -13.05 -29.57
C PHE C 343 -0.93 -12.27 -29.83
N GLN C 344 -1.08 -10.99 -30.18
CA GLN C 344 0.05 -10.17 -30.56
C GLN C 344 -0.06 -8.84 -29.84
N PHE C 345 1.07 -8.29 -29.41
CA PHE C 345 1.01 -7.16 -28.49
C PHE C 345 2.28 -6.33 -28.62
N ILE C 346 2.13 -5.02 -28.38
CA ILE C 346 3.26 -4.09 -28.28
C ILE C 346 3.48 -3.81 -26.80
N THR C 347 4.53 -4.40 -26.23
CA THR C 347 4.70 -4.42 -24.78
C THR C 347 4.79 -3.02 -24.19
N LEU C 348 5.62 -2.16 -24.77
CA LEU C 348 5.96 -0.86 -24.17
C LEU C 348 5.23 0.29 -24.82
N ALA C 349 4.09 0.03 -25.46
CA ALA C 349 3.33 1.09 -26.13
C ALA C 349 2.99 2.22 -25.15
N GLY C 350 2.55 1.87 -23.94
CA GLY C 350 2.16 2.91 -23.00
C GLY C 350 3.32 3.77 -22.54
N PHE C 351 4.45 3.15 -22.21
CA PHE C 351 5.66 3.91 -21.86
C PHE C 351 6.00 4.95 -22.93
N HIS C 352 5.97 4.54 -24.21
CA HIS C 352 6.38 5.46 -25.27
C HIS C 352 5.32 6.55 -25.53
N ALA C 353 4.04 6.18 -25.58
CA ALA C 353 2.99 7.19 -25.74
C ALA C 353 3.02 8.20 -24.59
N LEU C 354 3.15 7.73 -23.36
CA LEU C 354 3.19 8.64 -22.21
C LEU C 354 4.41 9.54 -22.25
N ASN C 355 5.59 8.96 -22.45
CA ASN C 355 6.82 9.74 -22.38
C ASN C 355 6.91 10.72 -23.56
N TYR C 356 6.61 10.26 -24.77
CA TYR C 356 6.69 11.17 -25.91
C TYR C 356 5.71 12.33 -25.79
N SER C 357 4.46 12.04 -25.40
CA SER C 357 3.45 13.09 -25.46
C SER C 357 3.68 14.13 -24.38
N MET C 358 4.19 13.71 -23.20
CA MET C 358 4.49 14.71 -22.19
C MET C 358 5.74 15.50 -22.57
N PHE C 359 6.71 14.84 -23.19
CA PHE C 359 7.88 15.61 -23.61
C PHE C 359 7.47 16.65 -24.63
N ASP C 360 6.68 16.24 -25.61
CA ASP C 360 6.27 17.13 -26.68
C ASP C 360 5.50 18.32 -26.12
N LEU C 361 4.51 18.06 -25.27
CA LEU C 361 3.74 19.14 -24.64
C LEU C 361 4.66 20.04 -23.81
N ALA C 362 5.47 19.44 -22.94
CA ALA C 362 6.28 20.24 -22.02
C ALA C 362 7.31 21.08 -22.77
N TYR C 363 7.87 20.55 -23.85
CA TYR C 363 8.84 21.34 -24.61
C TYR C 363 8.18 22.57 -25.24
N GLY C 364 7.00 22.38 -25.86
CA GLY C 364 6.26 23.52 -26.41
C GLY C 364 5.88 24.53 -25.34
N TYR C 365 5.35 24.05 -24.22
CA TYR C 365 5.01 24.94 -23.11
C TYR C 365 6.23 25.69 -22.61
N ALA C 366 7.40 25.06 -22.61
CA ALA C 366 8.61 25.73 -22.17
C ALA C 366 8.91 26.94 -23.05
N GLN C 367 8.65 26.83 -24.35
CA GLN C 367 8.93 27.90 -25.32
C GLN C 367 7.77 28.88 -25.47
N ASN C 368 6.53 28.40 -25.52
CA ASN C 368 5.39 29.18 -26.01
C ASN C 368 4.24 29.24 -25.03
N GLN C 369 4.40 28.67 -23.82
CA GLN C 369 3.37 28.61 -22.77
C GLN C 369 2.05 28.15 -23.37
N MET C 370 0.95 28.91 -23.21
CA MET C 370 -0.38 28.39 -23.53
C MET C 370 -0.56 28.00 -24.98
N SER C 371 0.22 28.56 -25.90
CA SER C 371 0.07 28.16 -27.30
C SER C 371 0.26 26.67 -27.48
N ALA C 372 1.18 26.08 -26.72
CA ALA C 372 1.45 24.64 -26.81
C ALA C 372 0.29 23.82 -26.27
N TYR C 373 -0.33 24.26 -25.18
CA TYR C 373 -1.46 23.51 -24.66
C TYR C 373 -2.67 23.63 -25.58
N VAL C 374 -2.87 24.80 -26.19
CA VAL C 374 -4.03 24.96 -27.06
C VAL C 374 -3.92 24.04 -28.27
N GLU C 375 -2.71 23.80 -28.74
CA GLU C 375 -2.50 22.84 -29.83
C GLU C 375 -3.02 21.46 -29.47
N LEU C 376 -2.62 20.92 -28.31
CA LEU C 376 -3.12 19.62 -27.90
C LEU C 376 -4.64 19.64 -27.74
N GLN C 377 -5.18 20.71 -27.16
CA GLN C 377 -6.62 20.78 -26.95
C GLN C 377 -7.36 20.75 -28.28
N GLU C 378 -6.82 21.41 -29.30
CA GLU C 378 -7.46 21.36 -30.61
C GLU C 378 -7.40 19.95 -31.19
N ARG C 379 -6.28 19.26 -30.99
CA ARG C 379 -6.19 17.88 -31.46
C ARG C 379 -7.21 17.00 -30.76
N GLU C 380 -7.47 17.24 -29.47
CA GLU C 380 -8.50 16.47 -28.77
C GLU C 380 -9.89 16.76 -29.31
N PHE C 381 -10.21 18.05 -29.48
CA PHE C 381 -11.48 18.42 -30.11
C PHE C 381 -11.65 17.69 -31.43
N ALA C 382 -10.60 17.67 -32.24
CA ALA C 382 -10.65 16.97 -33.53
C ALA C 382 -10.97 15.50 -33.35
N ALA C 383 -10.26 14.83 -32.42
CA ALA C 383 -10.42 13.40 -32.23
C ALA C 383 -11.84 13.00 -31.80
N GLU C 384 -12.71 13.96 -31.51
CA GLU C 384 -14.05 13.60 -31.09
C GLU C 384 -14.82 12.89 -32.20
N GLU C 385 -14.44 13.08 -33.49
CA GLU C 385 -15.20 12.39 -34.53
C GLU C 385 -14.96 10.90 -34.43
N ARG C 386 -13.75 10.51 -34.01
CA ARG C 386 -13.32 9.13 -33.89
C ARG C 386 -13.83 8.46 -32.62
N GLY C 387 -14.55 9.16 -31.77
CA GLY C 387 -15.09 8.59 -30.55
C GLY C 387 -14.39 9.01 -29.27
N TYR C 388 -13.37 9.87 -29.35
CA TYR C 388 -12.70 10.38 -28.17
C TYR C 388 -13.69 11.15 -27.29
N THR C 389 -13.71 10.85 -25.99
CA THR C 389 -14.61 11.55 -25.07
C THR C 389 -13.91 12.28 -23.93
N ALA C 390 -12.60 12.08 -23.73
CA ALA C 390 -11.92 12.59 -22.53
C ALA C 390 -11.80 14.12 -22.50
N THR C 391 -12.04 14.79 -23.64
CA THR C 391 -12.31 16.23 -23.62
C THR C 391 -13.29 16.66 -22.54
N LYS C 392 -14.41 15.97 -22.40
CA LYS C 392 -15.33 16.23 -21.28
C LYS C 392 -14.79 15.51 -20.06
N HIS C 393 -13.81 16.15 -19.40
CA HIS C 393 -13.01 15.41 -18.42
C HIS C 393 -13.81 15.11 -17.14
N GLN C 394 -14.78 15.93 -16.78
CA GLN C 394 -15.55 15.62 -15.57
C GLN C 394 -16.37 14.34 -15.74
N ARG C 395 -17.07 14.19 -16.86
CA ARG C 395 -17.81 12.93 -17.03
C ARG C 395 -16.89 11.74 -17.22
N GLU C 396 -15.71 11.96 -17.83
CA GLU C 396 -14.80 10.85 -18.12
C GLU C 396 -14.39 10.12 -16.85
N VAL C 397 -14.26 10.84 -15.71
CA VAL C 397 -13.82 10.23 -14.45
C VAL C 397 -15.01 9.95 -13.52
N GLY C 398 -16.23 10.11 -14.02
CA GLY C 398 -17.39 9.66 -13.29
C GLY C 398 -18.14 10.72 -12.50
N ALA C 399 -18.00 12.00 -12.84
CA ALA C 399 -18.78 13.00 -12.09
C ALA C 399 -20.27 12.77 -12.25
N GLY C 400 -20.72 12.39 -13.44
CA GLY C 400 -22.14 12.12 -13.63
C GLY C 400 -22.58 10.87 -12.88
N TYR C 401 -21.70 9.86 -12.83
CA TYR C 401 -22.04 8.65 -12.08
C TYR C 401 -22.21 8.96 -10.60
N PHE C 402 -21.31 9.75 -10.01
CA PHE C 402 -21.42 10.05 -8.59
C PHE C 402 -22.54 11.05 -8.31
N ASP C 403 -22.85 11.94 -9.26
CA ASP C 403 -24.10 12.71 -9.15
C ASP C 403 -25.31 11.80 -9.07
N ARG C 404 -25.32 10.69 -9.82
CA ARG C 404 -26.43 9.76 -9.75
CA ARG C 404 -26.44 9.77 -9.74
C ARG C 404 -26.52 9.06 -8.40
N ILE C 405 -25.36 8.65 -7.84
CA ILE C 405 -25.38 8.10 -6.49
C ILE C 405 -25.95 9.13 -5.52
N ALA C 406 -25.47 10.36 -5.63
CA ALA C 406 -25.85 11.42 -4.69
C ALA C 406 -27.35 11.68 -4.73
N THR C 407 -27.93 11.80 -5.93
CA THR C 407 -29.37 12.07 -5.99
C THR C 407 -30.22 10.83 -5.71
N THR C 408 -29.68 9.62 -5.90
CA THR C 408 -30.37 8.44 -5.39
C THR C 408 -30.49 8.48 -3.88
N VAL C 409 -29.39 8.82 -3.19
CA VAL C 409 -29.41 8.86 -1.74
C VAL C 409 -30.29 10.00 -1.25
N ASP C 410 -30.28 11.13 -1.96
CA ASP C 410 -30.97 12.33 -1.52
C ASP C 410 -31.39 13.11 -2.75
N PRO C 411 -32.61 12.88 -3.25
CA PRO C 411 -33.03 13.53 -4.50
C PRO C 411 -33.03 15.05 -4.39
N ASN C 412 -33.01 15.59 -3.17
CA ASN C 412 -33.12 17.03 -2.93
C ASN C 412 -31.81 17.66 -2.45
N SER C 413 -30.68 17.01 -2.69
CA SER C 413 -29.39 17.58 -2.31
C SER C 413 -29.12 18.87 -3.08
N SER C 414 -28.64 19.89 -2.37
CA SER C 414 -28.28 21.16 -2.99
C SER C 414 -26.80 21.21 -3.41
N THR C 415 -26.07 20.10 -3.34
CA THR C 415 -24.65 20.11 -3.61
C THR C 415 -24.23 19.15 -4.72
N THR C 416 -24.89 19.18 -5.87
CA THR C 416 -24.48 18.32 -6.97
C THR C 416 -23.37 18.99 -7.80
N ALA C 417 -22.54 18.16 -8.44
CA ALA C 417 -21.30 18.63 -9.04
C ALA C 417 -21.48 19.19 -10.44
N LEU C 418 -22.06 18.40 -11.35
CA LEU C 418 -22.15 18.81 -12.76
C LEU C 418 -23.13 19.96 -12.96
N THR C 419 -24.14 20.09 -12.08
CA THR C 419 -25.12 21.19 -12.14
C THR C 419 -24.41 22.52 -11.87
N GLY C 420 -24.18 23.30 -12.92
CA GLY C 420 -23.48 24.57 -12.78
C GLY C 420 -21.97 24.46 -12.91
N SER C 421 -21.51 23.69 -13.89
CA SER C 421 -20.09 23.48 -14.15
C SER C 421 -19.64 24.26 -15.37
N THR C 422 -18.32 24.45 -15.48
CA THR C 422 -17.73 25.00 -16.70
C THR C 422 -17.65 23.98 -17.82
N GLU C 423 -17.82 22.69 -17.51
CA GLU C 423 -17.97 21.66 -18.55
C GLU C 423 -19.36 21.69 -19.16
N GLU C 424 -20.38 21.99 -18.35
CA GLU C 424 -21.76 22.11 -18.83
C GLU C 424 -21.98 23.36 -19.69
N GLY C 425 -21.09 24.36 -19.60
CA GLY C 425 -21.32 25.63 -20.26
C GLY C 425 -20.42 25.96 -21.44
N GLN C 426 -19.19 25.43 -21.43
CA GLN C 426 -18.22 25.71 -22.48
C GLN C 426 -17.92 24.51 -23.37
N PHE C 427 -18.33 23.31 -22.97
CA PHE C 427 -17.99 22.07 -23.68
C PHE C 427 -19.24 21.37 -24.22
N MET D 1 23.03 8.08 23.63
CA MET D 1 23.88 9.25 23.85
C MET D 1 24.14 9.97 22.53
N SER D 2 23.66 9.41 21.42
CA SER D 2 23.79 10.08 20.13
C SER D 2 23.01 11.39 20.14
N VAL D 3 23.51 12.37 19.37
CA VAL D 3 22.86 13.67 19.26
C VAL D 3 22.31 13.92 17.87
N VAL D 4 22.44 12.95 16.95
CA VAL D 4 21.88 13.07 15.61
C VAL D 4 20.42 13.47 15.74
N GLY D 5 20.00 14.46 14.94
CA GLY D 5 18.62 14.90 14.95
C GLY D 5 18.15 15.69 16.16
N THR D 6 19.06 16.24 16.96
CA THR D 6 18.60 17.01 18.11
C THR D 6 17.86 18.26 17.63
N PRO D 7 16.71 18.58 18.22
CA PRO D 7 15.97 19.76 17.75
C PRO D 7 16.65 21.06 18.17
N LYS D 8 16.52 22.05 17.31
CA LYS D 8 17.01 23.39 17.63
C LYS D 8 16.25 23.93 18.84
N SER D 9 16.84 24.95 19.48
CA SER D 9 16.17 25.55 20.62
C SER D 9 15.14 26.59 20.15
N ALA D 10 14.22 26.92 21.06
CA ALA D 10 13.23 27.97 20.76
C ALA D 10 13.91 29.28 20.37
N GLU D 11 15.05 29.60 20.99
CA GLU D 11 15.73 30.86 20.70
C GLU D 11 16.27 30.88 19.28
N GLN D 12 16.79 29.75 18.81
CA GLN D 12 17.29 29.69 17.44
C GLN D 12 16.16 29.76 16.44
N ILE D 13 15.06 29.08 16.73
CA ILE D 13 13.88 29.16 15.87
C ILE D 13 13.42 30.61 15.76
N GLN D 14 13.32 31.28 16.91
CA GLN D 14 12.82 32.65 16.95
C GLN D 14 13.72 33.61 16.17
N GLN D 15 15.04 33.51 16.40
CA GLN D 15 15.97 34.27 15.56
C GLN D 15 15.73 34.05 14.09
N GLU D 16 15.55 32.78 13.69
CA GLU D 16 15.29 32.49 12.30
C GLU D 16 14.08 33.28 11.81
N TRP D 17 12.98 33.21 12.56
CA TRP D 17 11.77 33.91 12.16
C TRP D 17 12.01 35.42 12.11
N ASP D 18 12.83 35.93 13.02
CA ASP D 18 13.05 37.38 13.14
C ASP D 18 13.98 37.92 12.06
N THR D 19 14.99 37.15 11.62
CA THR D 19 16.02 37.71 10.76
C THR D 19 16.02 37.19 9.33
N ASN D 20 15.48 36.01 9.08
CA ASN D 20 15.54 35.44 7.75
C ASN D 20 14.50 36.10 6.85
N PRO D 21 14.89 36.67 5.70
CA PRO D 21 13.93 37.35 4.84
C PRO D 21 12.80 36.44 4.35
N ARG D 22 13.01 35.12 4.37
CA ARG D 22 11.96 34.17 3.98
C ARG D 22 10.68 34.39 4.78
N TRP D 23 10.78 34.86 6.03
CA TRP D 23 9.63 34.98 6.91
C TRP D 23 9.14 36.42 7.08
N LYS D 24 9.58 37.33 6.21
CA LYS D 24 9.00 38.68 6.20
C LYS D 24 7.50 38.59 5.95
N ASP D 25 6.71 39.24 6.80
CA ASP D 25 5.26 39.34 6.60
C ASP D 25 4.56 37.96 6.68
N VAL D 26 5.16 37.01 7.38
CA VAL D 26 4.52 35.74 7.70
C VAL D 26 4.02 35.81 9.13
N THR D 27 2.72 35.67 9.32
CA THR D 27 2.16 35.64 10.66
C THR D 27 2.13 34.20 11.19
N ARG D 28 2.64 34.00 12.39
CA ARG D 28 2.47 32.75 13.12
C ARG D 28 1.79 33.10 14.44
N THR D 29 0.56 32.64 14.63
CA THR D 29 -0.14 32.94 15.88
C THR D 29 0.30 32.04 17.03
N TYR D 30 1.10 31.02 16.79
CA TYR D 30 1.74 30.22 17.82
C TYR D 30 3.19 30.65 18.02
N SER D 31 3.82 30.14 19.06
CA SER D 31 5.16 30.59 19.43
C SER D 31 6.22 29.59 19.04
N ALA D 32 7.49 30.06 19.08
CA ALA D 32 8.61 29.17 18.79
C ALA D 32 8.71 28.07 19.83
N GLU D 33 8.37 28.37 21.08
CA GLU D 33 8.37 27.34 22.11
C GLU D 33 7.28 26.31 21.87
N ASP D 34 6.16 26.71 21.27
CA ASP D 34 5.12 25.75 20.92
C ASP D 34 5.60 24.75 19.88
N VAL D 35 6.41 25.21 18.92
CA VAL D 35 6.98 24.30 17.91
C VAL D 35 7.90 23.27 18.56
N VAL D 36 8.82 23.72 19.42
CA VAL D 36 9.77 22.82 20.05
C VAL D 36 9.06 21.76 20.90
N ALA D 37 8.01 22.17 21.62
CA ALA D 37 7.23 21.24 22.42
C ALA D 37 6.66 20.07 21.62
N LEU D 38 6.40 20.26 20.33
CA LEU D 38 5.81 19.19 19.52
C LEU D 38 6.84 18.29 18.84
N GLN D 39 8.13 18.55 19.01
CA GLN D 39 9.17 17.94 18.21
C GLN D 39 9.81 16.71 18.86
N GLY D 40 9.35 16.29 20.04
CA GLY D 40 9.97 15.13 20.69
C GLY D 40 11.46 15.38 20.91
N SER D 41 12.25 14.31 20.91
CA SER D 41 13.67 14.50 21.15
C SER D 41 14.51 14.33 19.89
N VAL D 42 13.91 14.04 18.74
CA VAL D 42 14.61 13.85 17.48
C VAL D 42 13.77 14.43 16.35
N VAL D 43 14.38 15.20 15.47
CA VAL D 43 13.71 15.77 14.30
C VAL D 43 14.34 15.10 13.08
N GLU D 44 13.54 14.39 12.27
CA GLU D 44 14.08 13.78 11.06
C GLU D 44 14.38 14.89 10.07
N GLU D 45 15.55 14.83 9.44
CA GLU D 45 15.81 15.76 8.35
C GLU D 45 15.03 15.34 7.12
N HIS D 46 14.46 16.33 6.43
CA HIS D 46 13.72 16.08 5.19
C HIS D 46 14.43 16.79 4.06
N THR D 47 15.45 16.12 3.51
CA THR D 47 16.36 16.73 2.55
C THR D 47 15.61 17.29 1.34
N LEU D 48 14.77 16.46 0.70
CA LEU D 48 14.13 16.92 -0.52
C LEU D 48 13.09 17.99 -0.24
N ALA D 49 12.36 17.90 0.87
CA ALA D 49 11.40 18.97 1.17
C ALA D 49 12.13 20.28 1.43
N ARG D 50 13.27 20.22 2.14
CA ARG D 50 14.03 21.42 2.41
C ARG D 50 14.58 22.01 1.11
N ARG D 51 15.27 21.19 0.32
CA ARG D 51 15.88 21.69 -0.91
C ARG D 51 14.83 22.16 -1.90
N GLY D 52 13.74 21.40 -2.03
CA GLY D 52 12.69 21.81 -2.94
C GLY D 52 12.10 23.16 -2.56
N ALA D 53 11.77 23.32 -1.27
CA ALA D 53 11.16 24.56 -0.80
C ALA D 53 12.13 25.73 -0.99
N GLU D 54 13.42 25.51 -0.74
CA GLU D 54 14.39 26.60 -0.89
C GLU D 54 14.54 26.98 -2.35
N VAL D 55 14.62 25.99 -3.24
CA VAL D 55 14.73 26.26 -4.67
C VAL D 55 13.47 26.94 -5.19
N LEU D 56 12.29 26.51 -4.74
CA LEU D 56 11.06 27.13 -5.20
C LEU D 56 11.01 28.60 -4.84
N TRP D 57 11.34 28.92 -3.58
CA TRP D 57 11.29 30.29 -3.12
C TRP D 57 12.26 31.18 -3.91
N GLU D 58 13.49 30.71 -4.10
CA GLU D 58 14.45 31.47 -4.90
C GLU D 58 13.97 31.64 -6.34
N GLN D 59 13.42 30.57 -6.94
CA GLN D 59 12.90 30.68 -8.31
C GLN D 59 11.78 31.70 -8.41
N LEU D 60 10.93 31.80 -7.39
CA LEU D 60 9.81 32.71 -7.46
C LEU D 60 10.26 34.16 -7.38
N HIS D 61 11.48 34.40 -6.92
CA HIS D 61 12.01 35.75 -6.88
C HIS D 61 13.01 36.04 -8.00
N ASP D 62 13.62 35.01 -8.58
CA ASP D 62 14.65 35.18 -9.59
C ASP D 62 14.12 35.10 -11.01
N LEU D 63 13.09 34.29 -11.27
CA LEU D 63 12.54 34.19 -12.62
C LEU D 63 11.39 35.16 -12.78
N GLU D 64 11.12 35.51 -14.03
CA GLU D 64 9.94 36.33 -14.36
C GLU D 64 8.65 35.68 -13.87
N TRP D 65 8.52 34.37 -14.07
CA TRP D 65 7.54 33.58 -13.33
C TRP D 65 7.93 32.12 -13.44
N VAL D 66 7.33 31.30 -12.58
CA VAL D 66 7.56 29.86 -12.57
C VAL D 66 6.29 29.21 -13.11
N ASN D 67 6.44 28.36 -14.12
CA ASN D 67 5.24 27.66 -14.57
C ASN D 67 5.48 26.15 -14.53
N ALA D 68 4.37 25.40 -14.59
CA ALA D 68 4.42 23.95 -14.40
C ALA D 68 3.22 23.33 -15.09
N LEU D 69 3.29 22.02 -15.25
CA LEU D 69 2.23 21.21 -15.83
C LEU D 69 1.89 20.11 -14.84
N GLY D 70 0.62 19.75 -14.76
CA GLY D 70 0.20 18.65 -13.92
C GLY D 70 0.86 17.33 -14.29
N ALA D 71 1.42 16.64 -13.30
CA ALA D 71 2.12 15.38 -13.50
C ALA D 71 1.50 14.31 -12.61
N LEU D 72 1.22 13.14 -13.18
CA LEU D 72 0.59 12.12 -12.37
C LEU D 72 1.35 10.81 -12.36
N THR D 73 2.49 10.71 -13.06
CA THR D 73 3.41 9.59 -12.97
C THR D 73 4.83 10.13 -12.86
N GLY D 74 5.73 9.28 -12.35
CA GLY D 74 7.11 9.69 -12.24
C GLY D 74 7.72 10.05 -13.59
N ASN D 75 7.49 9.20 -14.60
CA ASN D 75 8.05 9.43 -15.94
C ASN D 75 7.57 10.76 -16.52
N MET D 76 6.32 11.14 -16.24
CA MET D 76 5.81 12.43 -16.72
C MET D 76 6.64 13.58 -16.17
N ALA D 77 6.94 13.53 -14.88
CA ALA D 77 7.70 14.59 -14.25
C ALA D 77 9.10 14.67 -14.84
N VAL D 78 9.72 13.51 -15.08
CA VAL D 78 11.03 13.46 -15.70
C VAL D 78 11.03 14.13 -17.06
N GLN D 79 10.00 13.87 -17.89
CA GLN D 79 9.98 14.50 -19.22
C GLN D 79 9.73 16.01 -19.14
N GLN D 80 8.95 16.47 -18.15
CA GLN D 80 8.77 17.91 -17.96
C GLN D 80 10.10 18.57 -17.61
N VAL D 81 10.90 17.93 -16.77
CA VAL D 81 12.18 18.50 -16.40
C VAL D 81 13.17 18.40 -17.56
N ARG D 82 13.14 17.29 -18.29
CA ARG D 82 14.00 17.15 -19.47
C ARG D 82 13.67 18.19 -20.52
N ALA D 83 12.38 18.54 -20.67
CA ALA D 83 11.92 19.53 -21.64
C ALA D 83 12.15 20.97 -21.18
N GLY D 84 12.69 21.20 -19.99
CA GLY D 84 13.09 22.53 -19.58
C GLY D 84 12.31 23.11 -18.42
N LEU D 85 11.26 22.46 -17.96
CA LEU D 85 10.44 23.05 -16.91
C LEU D 85 11.18 23.03 -15.57
N LYS D 86 10.85 23.99 -14.71
CA LYS D 86 11.62 24.21 -13.49
C LYS D 86 10.78 23.95 -12.25
N ALA D 87 9.57 23.40 -12.40
CA ALA D 87 8.69 23.06 -11.29
C ALA D 87 7.71 22.01 -11.77
N ILE D 88 7.11 21.30 -10.81
CA ILE D 88 6.14 20.23 -11.11
C ILE D 88 4.89 20.49 -10.30
N TYR D 89 3.75 20.40 -10.97
CA TYR D 89 2.45 20.57 -10.33
C TYR D 89 1.80 19.21 -10.13
N LEU D 90 1.32 18.96 -8.93
CA LEU D 90 0.73 17.67 -8.60
C LEU D 90 -0.76 17.92 -8.32
N SER D 91 -1.57 17.59 -9.31
CA SER D 91 -3.00 17.81 -9.27
C SER D 91 -3.75 16.73 -8.49
N GLY D 92 -4.60 17.16 -7.55
CA GLY D 92 -5.48 16.22 -6.87
C GLY D 92 -6.59 15.68 -7.76
N TRP D 93 -7.08 16.50 -8.70
CA TRP D 93 -8.01 16.01 -9.71
C TRP D 93 -7.44 14.80 -10.44
N GLN D 94 -6.16 14.90 -10.86
CA GLN D 94 -5.53 13.82 -11.60
C GLN D 94 -5.29 12.60 -10.73
N VAL D 95 -4.95 12.82 -9.45
CA VAL D 95 -4.86 11.73 -8.49
C VAL D 95 -6.20 11.04 -8.31
N ALA D 96 -7.27 11.82 -8.10
CA ALA D 96 -8.61 11.24 -8.05
C ALA D 96 -8.90 10.41 -9.31
N GLY D 97 -8.56 10.94 -10.47
CA GLY D 97 -8.93 10.30 -11.72
C GLY D 97 -8.11 9.09 -12.11
N ASP D 98 -6.80 9.05 -11.76
CA ASP D 98 -5.96 8.00 -12.33
C ASP D 98 -4.79 7.57 -11.46
N ALA D 99 -4.65 8.06 -10.24
CA ALA D 99 -3.49 7.64 -9.46
C ALA D 99 -3.70 7.74 -7.96
N ASN D 100 -4.66 7.03 -7.38
CA ASN D 100 -4.80 7.15 -5.93
C ASN D 100 -4.82 5.76 -5.33
N LEU D 101 -4.66 5.70 -4.01
CA LEU D 101 -4.40 4.43 -3.34
C LEU D 101 -5.64 3.54 -3.22
N SER D 102 -6.83 4.01 -3.57
CA SER D 102 -7.99 3.12 -3.64
C SER D 102 -7.97 2.24 -4.88
N GLY D 103 -7.24 2.66 -5.91
CA GLY D 103 -7.25 2.00 -7.19
C GLY D 103 -8.47 2.31 -8.07
N HIS D 104 -9.38 3.19 -7.63
CA HIS D 104 -10.59 3.53 -8.36
C HIS D 104 -10.44 4.84 -9.09
N THR D 105 -11.23 4.98 -10.15
CA THR D 105 -11.41 6.24 -10.86
C THR D 105 -12.46 7.09 -10.14
N TYR D 106 -12.09 8.29 -9.74
CA TYR D 106 -12.96 9.17 -8.98
C TYR D 106 -13.05 10.56 -9.62
N PRO D 107 -14.21 11.19 -9.50
CA PRO D 107 -14.30 12.63 -9.73
C PRO D 107 -13.66 13.39 -8.57
N ASP D 108 -13.49 14.68 -8.79
CA ASP D 108 -12.67 15.52 -7.91
C ASP D 108 -13.50 15.99 -6.72
N GLN D 109 -13.78 15.06 -5.79
CA GLN D 109 -14.65 15.33 -4.65
C GLN D 109 -14.09 14.78 -3.35
N SER D 110 -12.75 14.80 -3.18
CA SER D 110 -12.04 14.29 -1.98
C SER D 110 -12.50 12.89 -1.57
N LEU D 111 -12.57 11.99 -2.55
CA LEU D 111 -13.05 10.63 -2.30
C LEU D 111 -11.93 9.65 -2.01
N TYR D 112 -10.73 9.96 -2.45
CA TYR D 112 -9.60 9.04 -2.38
C TYR D 112 -8.91 9.09 -1.01
N PRO D 113 -8.12 8.07 -0.67
CA PRO D 113 -7.48 8.06 0.66
C PRO D 113 -6.48 9.18 0.82
N ALA D 114 -6.44 9.74 2.04
CA ALA D 114 -5.74 11.00 2.30
C ALA D 114 -4.23 10.94 2.06
N ASN D 115 -3.62 9.76 2.02
CA ASN D 115 -2.18 9.66 1.76
C ASN D 115 -1.84 9.44 0.30
N SER D 116 -2.80 9.65 -0.61
CA SER D 116 -2.56 9.38 -2.02
C SER D 116 -1.63 10.40 -2.65
N VAL D 117 -1.87 11.72 -2.43
CA VAL D 117 -0.99 12.73 -3.02
C VAL D 117 0.43 12.62 -2.45
N PRO D 118 0.64 12.43 -1.13
CA PRO D 118 2.02 12.21 -0.66
C PRO D 118 2.71 11.04 -1.35
N GLN D 119 1.98 9.97 -1.65
CA GLN D 119 2.60 8.84 -2.33
C GLN D 119 3.05 9.22 -3.73
N VAL D 120 2.27 10.06 -4.43
CA VAL D 120 2.68 10.48 -5.78
C VAL D 120 3.85 11.46 -5.68
N VAL D 121 3.88 12.30 -4.65
CA VAL D 121 5.03 13.17 -4.42
C VAL D 121 6.30 12.33 -4.28
N ARG D 122 6.25 11.34 -3.41
CA ARG D 122 7.41 10.46 -3.20
C ARG D 122 7.82 9.78 -4.50
N ARG D 123 6.83 9.30 -5.28
CA ARG D 123 7.15 8.64 -6.55
C ARG D 123 7.86 9.59 -7.52
N ILE D 124 7.34 10.80 -7.67
CA ILE D 124 7.95 11.79 -8.57
C ILE D 124 9.37 12.12 -8.13
N ASN D 125 9.59 12.28 -6.82
CA ASN D 125 10.95 12.51 -6.36
C ASN D 125 11.86 11.30 -6.64
N ASN D 126 11.33 10.08 -6.45
CA ASN D 126 12.12 8.89 -6.80
C ASN D 126 12.49 8.92 -8.27
N ALA D 127 11.56 9.33 -9.13
CA ALA D 127 11.81 9.32 -10.55
C ALA D 127 12.87 10.35 -10.93
N LEU D 128 12.75 11.56 -10.38
CA LEU D 128 13.76 12.60 -10.62
C LEU D 128 15.12 12.16 -10.10
N GLN D 129 15.16 11.55 -8.92
CA GLN D 129 16.45 11.11 -8.37
C GLN D 129 17.09 10.06 -9.27
N ARG D 130 16.28 9.18 -9.90
CA ARG D 130 16.89 8.21 -10.80
C ARG D 130 17.39 8.90 -12.06
N ALA D 131 16.63 9.88 -12.55
CA ALA D 131 17.08 10.62 -13.72
C ALA D 131 18.39 11.34 -13.43
N ASP D 132 18.51 11.88 -12.22
CA ASP D 132 19.73 12.55 -11.78
C ASP D 132 20.90 11.57 -11.66
N GLN D 133 20.66 10.39 -11.09
CA GLN D 133 21.68 9.33 -10.98
C GLN D 133 22.18 8.88 -12.34
N ILE D 134 21.26 8.62 -13.28
CA ILE D 134 21.63 8.24 -14.64
C ILE D 134 22.47 9.34 -15.28
N ALA D 135 22.04 10.60 -15.13
CA ALA D 135 22.76 11.69 -15.77
C ALA D 135 24.18 11.79 -15.25
N LYS D 136 24.40 11.48 -13.96
CA LYS D 136 25.73 11.60 -13.40
C LYS D 136 26.66 10.52 -13.95
N ILE D 137 26.21 9.27 -14.05
CA ILE D 137 27.10 8.25 -14.58
C ILE D 137 27.30 8.43 -16.08
N GLU D 138 26.37 9.12 -16.75
CA GLU D 138 26.52 9.36 -18.18
C GLU D 138 27.27 10.64 -18.48
N GLY D 139 27.58 11.45 -17.45
CA GLY D 139 28.18 12.75 -17.68
C GLY D 139 27.27 13.76 -18.32
N ASP D 140 25.96 13.52 -18.32
CA ASP D 140 24.99 14.44 -18.88
C ASP D 140 24.80 15.65 -17.96
N THR D 141 25.18 16.83 -18.45
CA THR D 141 25.00 18.07 -17.71
C THR D 141 23.98 19.01 -18.36
N SER D 142 23.14 18.51 -19.27
CA SER D 142 22.21 19.37 -19.99
C SER D 142 21.03 19.85 -19.14
N VAL D 143 20.80 19.29 -17.96
CA VAL D 143 19.78 19.77 -17.02
C VAL D 143 20.52 20.17 -15.75
N GLU D 144 20.51 21.47 -15.38
CA GLU D 144 21.13 21.84 -14.10
C GLU D 144 20.42 21.28 -12.87
N ASN D 145 19.08 21.20 -12.82
CA ASN D 145 18.46 20.71 -11.58
C ASN D 145 17.41 19.66 -11.88
N TRP D 146 17.75 18.38 -11.72
CA TRP D 146 16.75 17.34 -11.93
C TRP D 146 15.68 17.37 -10.85
N LEU D 147 16.04 17.76 -9.63
CA LEU D 147 15.11 17.75 -8.52
C LEU D 147 14.31 19.06 -8.50
N ALA D 148 13.47 19.20 -9.53
CA ALA D 148 12.61 20.37 -9.62
C ALA D 148 11.65 20.36 -8.43
N PRO D 149 11.35 21.51 -7.84
CA PRO D 149 10.42 21.54 -6.71
C PRO D 149 9.02 21.11 -7.13
N ILE D 150 8.34 20.42 -6.21
CA ILE D 150 6.97 19.92 -6.42
C ILE D 150 6.00 20.73 -5.57
N VAL D 151 4.96 21.26 -6.23
CA VAL D 151 3.83 21.91 -5.59
C VAL D 151 2.65 20.96 -5.68
N ALA D 152 2.09 20.59 -4.54
CA ALA D 152 1.09 19.53 -4.48
C ALA D 152 -0.23 20.02 -3.90
N ASP D 153 -1.31 19.36 -4.31
CA ASP D 153 -2.67 19.69 -3.92
C ASP D 153 -3.01 19.12 -2.54
N GLY D 154 -3.22 19.99 -1.55
CA GLY D 154 -3.71 19.51 -0.25
C GLY D 154 -5.22 19.48 -0.11
N GLU D 155 -5.93 19.88 -1.16
CA GLU D 155 -7.40 19.90 -1.24
C GLU D 155 -7.95 20.71 -0.05
N ALA D 156 -9.01 20.25 0.59
CA ALA D 156 -9.56 20.91 1.76
C ALA D 156 -9.07 20.29 3.05
N GLY D 157 -8.00 19.49 2.97
CA GLY D 157 -7.37 18.88 4.12
C GLY D 157 -7.95 17.57 4.60
N PHE D 158 -9.02 17.07 3.95
CA PHE D 158 -9.59 15.77 4.28
C PHE D 158 -10.12 15.73 5.71
N GLY D 159 -10.55 16.86 6.23
CA GLY D 159 -11.18 16.87 7.53
C GLY D 159 -10.96 18.18 8.25
N GLY D 160 -10.55 18.10 9.52
CA GLY D 160 -10.31 19.28 10.32
C GLY D 160 -8.84 19.67 10.30
N ALA D 161 -8.47 20.56 11.24
CA ALA D 161 -7.11 21.07 11.24
C ALA D 161 -6.08 19.98 11.52
N LEU D 162 -6.48 18.91 12.24
CA LEU D 162 -5.55 17.81 12.49
C LEU D 162 -5.33 16.99 11.23
N ASN D 163 -6.36 16.79 10.41
CA ASN D 163 -6.15 16.13 9.13
C ASN D 163 -5.25 16.97 8.23
N VAL D 164 -5.40 18.29 8.27
CA VAL D 164 -4.52 19.18 7.50
C VAL D 164 -3.07 19.00 7.95
N TYR D 165 -2.86 19.01 9.28
CA TYR D 165 -1.52 18.83 9.86
C TYR D 165 -0.89 17.53 9.37
N GLU D 166 -1.63 16.42 9.41
CA GLU D 166 -1.07 15.13 9.03
C GLU D 166 -0.80 15.05 7.53
N LEU D 167 -1.68 15.63 6.72
CA LEU D 167 -1.42 15.70 5.28
C LEU D 167 -0.16 16.53 5.00
N GLN D 168 -0.04 17.71 5.63
CA GLN D 168 1.15 18.49 5.36
C GLN D 168 2.40 17.73 5.79
N LYS D 169 2.34 17.05 6.93
CA LYS D 169 3.50 16.28 7.41
C LYS D 169 3.88 15.18 6.44
N ALA D 170 2.88 14.47 5.90
CA ALA D 170 3.14 13.39 4.95
C ALA D 170 3.69 13.93 3.63
N LEU D 171 3.22 15.11 3.20
CA LEU D 171 3.73 15.72 1.98
C LEU D 171 5.20 16.09 2.14
N ILE D 172 5.55 16.61 3.30
CA ILE D 172 6.93 16.96 3.60
C ILE D 172 7.81 15.70 3.70
N ALA D 173 7.34 14.67 4.40
CA ALA D 173 8.09 13.42 4.45
C ALA D 173 8.41 12.90 3.05
N ALA D 174 7.51 13.15 2.11
CA ALA D 174 7.64 12.69 0.74
C ALA D 174 8.52 13.60 -0.10
N GLY D 175 8.86 14.78 0.40
CA GLY D 175 9.72 15.70 -0.32
C GLY D 175 9.03 16.83 -1.07
N VAL D 176 7.85 17.30 -0.64
CA VAL D 176 7.16 18.30 -1.44
C VAL D 176 7.87 19.64 -1.21
N ALA D 177 7.74 20.57 -2.17
CA ALA D 177 8.27 21.93 -1.98
C ALA D 177 7.20 22.94 -1.57
N GLY D 178 5.96 22.74 -1.99
CA GLY D 178 4.90 23.67 -1.66
C GLY D 178 3.60 22.90 -1.68
N SER D 179 2.60 23.43 -0.98
CA SER D 179 1.29 22.79 -0.98
C SER D 179 0.21 23.85 -0.94
N HIS D 180 -0.96 23.53 -1.50
CA HIS D 180 -2.05 24.50 -1.52
C HIS D 180 -3.31 23.92 -0.86
N TRP D 181 -4.10 24.83 -0.29
CA TRP D 181 -5.19 24.52 0.62
C TRP D 181 -6.37 25.43 0.30
N GLU D 182 -7.58 24.88 0.17
CA GLU D 182 -8.72 25.64 -0.33
C GLU D 182 -9.81 25.72 0.72
N ASP D 183 -10.61 26.80 0.66
CA ASP D 183 -11.60 27.09 1.69
C ASP D 183 -12.97 26.46 1.40
N GLN D 184 -12.96 25.22 0.91
CA GLN D 184 -14.14 24.40 0.68
C GLN D 184 -14.37 23.46 1.85
N LEU D 185 -15.64 23.13 2.07
CA LEU D 185 -15.98 22.07 3.00
C LEU D 185 -15.48 20.75 2.46
N ALA D 186 -14.70 20.02 3.28
CA ALA D 186 -14.04 18.81 2.78
C ALA D 186 -15.08 17.76 2.37
N SER D 187 -16.08 17.52 3.22
CA SER D 187 -17.13 16.53 2.95
C SER D 187 -18.00 16.86 1.73
N GLU D 188 -17.90 18.06 1.16
CA GLU D 188 -18.63 18.39 -0.06
C GLU D 188 -17.71 18.96 -1.14
N LYS D 189 -16.42 18.64 -1.08
CA LYS D 189 -15.42 19.26 -1.95
C LYS D 189 -15.74 19.02 -3.43
N LYS D 190 -15.46 20.03 -4.26
CA LYS D 190 -15.66 19.89 -5.71
C LYS D 190 -14.55 20.61 -6.47
N CYS D 191 -14.34 20.16 -7.70
CA CYS D 191 -13.43 20.86 -8.61
C CYS D 191 -13.87 22.32 -8.74
N GLY D 192 -12.88 23.23 -8.70
CA GLY D 192 -13.20 24.66 -8.79
C GLY D 192 -14.13 24.97 -9.95
N HIS D 193 -13.94 24.29 -11.07
CA HIS D 193 -14.79 24.40 -12.25
C HIS D 193 -15.89 23.35 -12.27
N LEU D 194 -16.35 22.96 -11.09
CA LEU D 194 -17.58 22.24 -10.83
C LEU D 194 -18.57 23.18 -10.13
N GLY D 195 -19.80 22.72 -9.91
CA GLY D 195 -20.85 23.55 -9.40
C GLY D 195 -21.28 23.20 -7.97
N GLY D 196 -22.07 24.10 -7.38
CA GLY D 196 -22.64 23.91 -6.05
C GLY D 196 -21.62 23.66 -4.96
N LYS D 197 -20.62 24.52 -4.85
CA LYS D 197 -19.59 24.39 -3.82
C LYS D 197 -20.04 25.01 -2.51
N VAL D 198 -19.47 24.50 -1.41
CA VAL D 198 -19.75 24.99 -0.08
C VAL D 198 -18.44 25.52 0.53
N LEU D 199 -18.42 26.82 0.85
CA LEU D 199 -17.27 27.43 1.51
C LEU D 199 -17.34 27.22 3.01
N ILE D 200 -16.17 27.34 3.66
CA ILE D 200 -16.11 27.31 5.11
C ILE D 200 -15.90 28.74 5.60
N PRO D 201 -16.06 29.05 6.90
CA PRO D 201 -15.84 30.43 7.34
C PRO D 201 -14.38 30.85 7.14
N THR D 202 -14.18 32.15 6.93
CA THR D 202 -12.84 32.70 6.71
C THR D 202 -11.88 32.27 7.81
N GLN D 203 -12.31 32.36 9.08
CA GLN D 203 -11.41 32.02 10.17
C GLN D 203 -11.06 30.53 10.14
N GLN D 204 -11.99 29.69 9.69
CA GLN D 204 -11.70 28.27 9.63
C GLN D 204 -10.59 27.97 8.64
N HIS D 205 -10.57 28.68 7.52
CA HIS D 205 -9.47 28.45 6.59
C HIS D 205 -8.17 29.07 7.09
N ILE D 206 -8.25 30.17 7.85
CA ILE D 206 -7.05 30.64 8.54
C ILE D 206 -6.52 29.56 9.47
N ARG D 207 -7.41 28.84 10.17
CA ARG D 207 -6.94 27.72 11.00
C ARG D 207 -6.24 26.65 10.15
N THR D 208 -6.77 26.36 8.96
CA THR D 208 -6.13 25.38 8.07
C THR D 208 -4.73 25.83 7.66
N LEU D 209 -4.60 27.09 7.23
CA LEU D 209 -3.33 27.63 6.80
C LEU D 209 -2.34 27.69 7.96
N THR D 210 -2.82 27.94 9.17
CA THR D 210 -1.98 27.95 10.37
C THR D 210 -1.53 26.54 10.72
N SER D 211 -2.42 25.57 10.55
CA SER D 211 -2.06 24.19 10.80
C SER D 211 -1.05 23.70 9.75
N ALA D 212 -1.16 24.16 8.50
CA ALA D 212 -0.17 23.77 7.47
C ALA D 212 1.20 24.38 7.75
N ARG D 213 1.24 25.63 8.23
CA ARG D 213 2.53 26.21 8.57
C ARG D 213 3.11 25.54 9.81
N LEU D 214 2.24 25.20 10.78
CA LEU D 214 2.76 24.53 11.97
C LEU D 214 3.42 23.20 11.62
N ALA D 215 2.76 22.39 10.79
CA ALA D 215 3.37 21.12 10.40
C ALA D 215 4.74 21.32 9.75
N ALA D 216 4.87 22.32 8.88
CA ALA D 216 6.16 22.57 8.25
C ALA D 216 7.19 23.01 9.29
N ASP D 217 6.78 23.85 10.23
CA ASP D 217 7.69 24.31 11.28
C ASP D 217 8.12 23.15 12.17
N VAL D 218 7.18 22.29 12.55
CA VAL D 218 7.53 21.16 13.41
C VAL D 218 8.45 20.20 12.67
N ALA D 219 8.28 20.07 11.35
CA ALA D 219 9.17 19.32 10.49
C ALA D 219 10.45 20.07 10.16
N ASP D 220 10.56 21.34 10.55
CA ASP D 220 11.77 22.16 10.39
C ASP D 220 12.17 22.35 8.92
N VAL D 221 11.19 22.58 8.04
CA VAL D 221 11.46 22.90 6.62
C VAL D 221 10.64 24.12 6.21
N PRO D 222 11.09 24.93 5.24
CA PRO D 222 10.36 26.18 4.95
C PRO D 222 9.39 26.04 3.78
N THR D 223 8.43 25.11 3.92
CA THR D 223 7.49 24.77 2.86
C THR D 223 6.72 26.00 2.40
N VAL D 224 6.54 26.12 1.08
CA VAL D 224 5.73 27.21 0.52
C VAL D 224 4.25 26.87 0.69
N VAL D 225 3.50 27.78 1.33
CA VAL D 225 2.11 27.53 1.70
C VAL D 225 1.22 28.40 0.82
N ILE D 226 0.32 27.77 0.08
CA ILE D 226 -0.49 28.46 -0.92
C ILE D 226 -1.96 28.41 -0.49
N ALA D 227 -2.63 29.57 -0.48
CA ALA D 227 -4.04 29.65 -0.11
C ALA D 227 -4.87 29.81 -1.37
N ARG D 228 -5.91 28.99 -1.48
CA ARG D 228 -6.83 29.04 -2.61
C ARG D 228 -8.23 29.37 -2.12
N THR D 229 -8.89 30.32 -2.77
CA THR D 229 -10.27 30.61 -2.43
C THR D 229 -11.18 30.17 -3.56
N ASP D 230 -12.31 29.58 -3.17
CA ASP D 230 -13.31 29.08 -4.10
C ASP D 230 -14.58 29.94 -4.13
N ALA D 231 -14.48 31.18 -3.65
CA ALA D 231 -15.66 32.03 -3.44
C ALA D 231 -16.20 32.62 -4.73
N GLU D 232 -15.52 32.55 -5.85
CA GLU D 232 -16.03 33.19 -7.05
C GLU D 232 -17.29 32.54 -7.54
N ALA D 233 -17.38 31.26 -7.39
CA ALA D 233 -18.51 30.45 -7.86
C ALA D 233 -19.36 29.84 -6.74
N ALA D 234 -18.82 29.59 -5.55
CA ALA D 234 -19.60 28.93 -4.51
C ALA D 234 -20.76 29.79 -4.04
N THR D 235 -21.94 29.19 -3.91
CA THR D 235 -23.12 29.93 -3.46
C THR D 235 -23.58 29.45 -2.10
N LEU D 236 -22.79 28.60 -1.44
CA LEU D 236 -23.11 28.05 -0.14
C LEU D 236 -21.91 28.23 0.80
N ILE D 237 -22.21 28.35 2.09
CA ILE D 237 -21.20 28.41 3.12
C ILE D 237 -21.76 27.68 4.33
N THR D 238 -20.88 27.07 5.12
CA THR D 238 -21.35 26.21 6.21
C THR D 238 -21.99 27.01 7.34
N SER D 239 -21.58 28.25 7.57
CA SER D 239 -22.02 29.01 8.74
C SER D 239 -21.83 30.48 8.48
N ASP D 240 -22.59 31.29 9.21
CA ASP D 240 -22.46 32.74 9.14
C ASP D 240 -21.74 33.30 10.36
N VAL D 241 -20.98 32.45 11.07
CA VAL D 241 -20.42 32.85 12.35
C VAL D 241 -19.37 33.95 12.19
N ASP D 242 -18.68 34.01 11.05
CA ASP D 242 -17.55 34.91 10.85
C ASP D 242 -18.05 36.25 10.32
N GLU D 243 -17.70 37.34 11.02
CA GLU D 243 -18.21 38.66 10.62
C GLU D 243 -17.67 39.11 9.28
N ARG D 244 -16.52 38.57 8.84
CA ARG D 244 -16.03 38.92 7.51
C ARG D 244 -16.84 38.27 6.40
N ASP D 245 -17.56 37.19 6.68
CA ASP D 245 -18.36 36.54 5.66
C ASP D 245 -19.77 37.12 5.59
N GLN D 246 -20.23 37.73 6.68
CA GLN D 246 -21.61 38.18 6.77
C GLN D 246 -22.05 39.17 5.69
N PRO D 247 -21.21 40.07 5.15
CA PRO D 247 -21.70 40.95 4.08
C PRO D 247 -22.22 40.20 2.86
N PHE D 248 -21.94 38.90 2.75
CA PHE D 248 -22.34 38.14 1.58
C PHE D 248 -23.39 37.09 1.89
N ILE D 249 -23.70 36.86 3.17
CA ILE D 249 -24.80 35.98 3.55
C ILE D 249 -26.12 36.64 3.18
N THR D 250 -27.00 35.88 2.53
CA THR D 250 -28.35 36.38 2.22
C THR D 250 -29.31 36.18 3.39
N GLY D 251 -29.05 35.18 4.23
CA GLY D 251 -29.96 34.77 5.26
C GLY D 251 -30.76 33.53 4.93
N GLU D 252 -30.90 33.19 3.65
CA GLU D 252 -31.55 31.94 3.28
C GLU D 252 -30.68 30.75 3.70
N ARG D 253 -31.34 29.67 4.07
CA ARG D 253 -30.60 28.52 4.57
C ARG D 253 -31.25 27.25 4.04
N THR D 254 -30.44 26.37 3.43
CA THR D 254 -30.93 25.19 2.72
C THR D 254 -31.38 24.09 3.68
N ARG D 255 -31.92 23.00 3.10
CA ARG D 255 -32.42 21.89 3.88
C ARG D 255 -31.36 21.28 4.79
N GLU D 256 -30.12 21.24 4.32
CA GLU D 256 -29.02 20.66 5.08
C GLU D 256 -28.43 21.62 6.10
N GLY D 257 -28.88 22.87 6.13
CA GLY D 257 -28.39 23.84 7.07
C GLY D 257 -27.29 24.74 6.53
N PHE D 258 -26.99 24.67 5.25
CA PHE D 258 -26.02 25.59 4.65
C PHE D 258 -26.67 26.95 4.43
N TYR D 259 -25.85 27.98 4.50
CA TYR D 259 -26.29 29.35 4.26
C TYR D 259 -26.00 29.73 2.82
N ARG D 260 -26.93 30.40 2.18
CA ARG D 260 -26.70 30.88 0.83
C ARG D 260 -25.87 32.16 0.90
N THR D 261 -24.96 32.32 -0.07
CA THR D 261 -24.00 33.40 -0.03
C THR D 261 -23.82 33.96 -1.42
N LYS D 262 -23.51 35.24 -1.48
CA LYS D 262 -23.36 35.97 -2.73
C LYS D 262 -21.94 35.76 -3.28
N ASN D 263 -21.83 35.15 -4.45
CA ASN D 263 -20.54 34.80 -5.02
C ASN D 263 -20.02 35.92 -5.92
N GLY D 264 -18.78 35.75 -6.38
CA GLY D 264 -18.15 36.64 -7.33
C GLY D 264 -16.79 37.07 -6.83
N ILE D 265 -16.23 38.08 -7.49
CA ILE D 265 -14.86 38.48 -7.20
C ILE D 265 -14.75 39.25 -5.88
N GLU D 266 -15.82 39.91 -5.44
CA GLU D 266 -15.72 40.65 -4.19
C GLU D 266 -15.48 39.76 -2.98
N PRO D 267 -16.16 38.62 -2.80
CA PRO D 267 -15.76 37.74 -1.69
C PRO D 267 -14.38 37.14 -1.86
N CYS D 268 -13.93 36.93 -3.10
CA CYS D 268 -12.57 36.43 -3.34
C CYS D 268 -11.52 37.42 -2.87
N ILE D 269 -11.75 38.71 -3.13
CA ILE D 269 -10.79 39.75 -2.72
C ILE D 269 -10.75 39.87 -1.20
N ALA D 270 -11.92 39.83 -0.57
CA ALA D 270 -11.99 39.87 0.88
C ALA D 270 -11.26 38.67 1.49
N ARG D 271 -11.50 37.48 0.94
CA ARG D 271 -10.87 36.28 1.50
C ARG D 271 -9.36 36.29 1.26
N ALA D 272 -8.95 36.69 0.06
CA ALA D 272 -7.51 36.79 -0.22
C ALA D 272 -6.81 37.71 0.77
N LYS D 273 -7.45 38.82 1.17
CA LYS D 273 -6.81 39.74 2.09
C LYS D 273 -6.73 39.16 3.48
N ALA D 274 -7.78 38.47 3.90
CA ALA D 274 -7.74 37.77 5.18
C ALA D 274 -6.66 36.68 5.18
N TYR D 275 -6.45 36.01 4.02
CA TYR D 275 -5.49 34.90 3.98
C TYR D 275 -4.05 35.36 3.79
N ALA D 276 -3.81 36.54 3.24
CA ALA D 276 -2.44 36.98 2.91
C ALA D 276 -1.44 36.83 4.05
N PRO D 277 -1.73 37.24 5.30
CA PRO D 277 -0.76 37.05 6.39
C PRO D 277 -0.40 35.60 6.66
N PHE D 278 -1.15 34.64 6.10
CA PHE D 278 -0.93 33.24 6.39
C PHE D 278 -0.56 32.42 5.17
N ALA D 279 -0.23 33.05 4.04
CA ALA D 279 0.07 32.33 2.83
C ALA D 279 1.19 33.00 2.08
N ASP D 280 2.08 32.20 1.50
CA ASP D 280 3.13 32.70 0.64
C ASP D 280 2.62 33.04 -0.76
N LEU D 281 1.59 32.36 -1.24
CA LEU D 281 0.96 32.73 -2.50
C LEU D 281 -0.54 32.61 -2.34
N ILE D 282 -1.26 33.44 -3.09
CA ILE D 282 -2.73 33.43 -3.05
C ILE D 282 -3.26 33.16 -4.43
N TRP D 283 -4.33 32.38 -4.49
CA TRP D 283 -4.85 31.84 -5.74
C TRP D 283 -6.36 31.96 -5.71
N MET D 284 -6.91 32.62 -6.71
CA MET D 284 -8.34 32.72 -6.92
C MET D 284 -8.79 31.74 -8.00
N GLU D 285 -9.61 30.75 -7.63
CA GLU D 285 -10.26 29.93 -8.67
C GLU D 285 -11.17 30.80 -9.51
N THR D 286 -11.06 30.65 -10.83
CA THR D 286 -11.79 31.50 -11.77
C THR D 286 -12.51 30.66 -12.81
N GLY D 287 -13.67 31.17 -13.24
CA GLY D 287 -14.58 30.48 -14.13
C GLY D 287 -14.33 30.63 -15.61
N THR D 288 -13.38 31.49 -16.03
CA THR D 288 -12.92 31.68 -17.39
C THR D 288 -11.53 32.30 -17.35
N PRO D 289 -10.68 32.05 -18.36
CA PRO D 289 -9.39 32.76 -18.42
C PRO D 289 -9.61 34.16 -18.96
N ASP D 290 -9.22 35.17 -18.18
CA ASP D 290 -9.62 36.54 -18.47
C ASP D 290 -8.56 37.44 -17.85
N LEU D 291 -7.75 38.05 -18.71
CA LEU D 291 -6.70 38.95 -18.25
C LEU D 291 -7.26 40.12 -17.46
N GLU D 292 -8.45 40.61 -17.82
CA GLU D 292 -8.95 41.80 -17.14
C GLU D 292 -9.47 41.48 -15.74
N ALA D 293 -10.10 40.31 -15.56
CA ALA D 293 -10.51 39.92 -14.22
C ALA D 293 -9.29 39.61 -13.34
N ALA D 294 -8.31 38.88 -13.87
CA ALA D 294 -7.08 38.66 -13.11
C ALA D 294 -6.46 39.99 -12.71
N ARG D 295 -6.56 40.99 -13.55
CA ARG D 295 -5.99 42.31 -13.25
C ARG D 295 -6.70 42.97 -12.15
N GLN D 296 -8.00 42.83 -12.19
CA GLN D 296 -8.74 43.42 -11.09
C GLN D 296 -8.46 42.70 -9.77
N PHE D 297 -8.41 41.36 -9.77
CA PHE D 297 -8.12 40.62 -8.53
C PHE D 297 -6.76 41.01 -8.00
N SER D 298 -5.76 41.07 -8.89
CA SER D 298 -4.39 41.39 -8.51
C SER D 298 -4.26 42.77 -7.88
N GLU D 299 -4.85 43.79 -8.52
CA GLU D 299 -4.70 45.15 -8.00
C GLU D 299 -5.41 45.31 -6.67
N ALA D 300 -6.54 44.63 -6.48
CA ALA D 300 -7.25 44.77 -5.20
C ALA D 300 -6.46 44.14 -4.06
N VAL D 301 -5.80 43.00 -4.30
CA VAL D 301 -5.01 42.37 -3.25
C VAL D 301 -3.76 43.20 -2.98
N LYS D 302 -3.08 43.66 -4.03
CA LYS D 302 -1.83 44.37 -3.87
C LYS D 302 -2.02 45.80 -3.38
N ALA D 303 -3.24 46.33 -3.38
CA ALA D 303 -3.47 47.62 -2.75
C ALA D 303 -3.18 47.55 -1.26
N GLU D 304 -3.52 46.43 -0.62
CA GLU D 304 -3.27 46.28 0.80
C GLU D 304 -2.02 45.48 1.10
N TYR D 305 -1.58 44.63 0.16
CA TYR D 305 -0.37 43.82 0.33
C TYR D 305 0.43 43.89 -0.96
N PRO D 306 1.25 44.93 -1.12
CA PRO D 306 1.96 45.12 -2.40
C PRO D 306 2.90 43.98 -2.75
N ASP D 307 3.50 43.33 -1.76
CA ASP D 307 4.48 42.27 -1.98
C ASP D 307 3.86 40.89 -2.15
N GLN D 308 2.54 40.77 -2.02
CA GLN D 308 1.90 39.46 -2.05
C GLN D 308 2.01 38.84 -3.44
N MET D 309 2.65 37.66 -3.53
CA MET D 309 2.69 36.93 -4.79
C MET D 309 1.41 36.12 -4.97
N LEU D 310 1.01 35.95 -6.22
CA LEU D 310 -0.23 35.27 -6.56
C LEU D 310 0.05 34.07 -7.45
N ALA D 311 -0.90 33.14 -7.46
CA ALA D 311 -0.83 31.97 -8.32
C ALA D 311 -2.06 31.91 -9.22
N TYR D 312 -1.89 31.34 -10.43
CA TYR D 312 -2.96 31.31 -11.43
C TYR D 312 -3.03 29.95 -12.10
N ASN D 313 -4.22 29.33 -12.05
CA ASN D 313 -4.53 28.10 -12.78
C ASN D 313 -5.01 28.45 -14.19
N CYS D 314 -4.20 28.10 -15.19
CA CYS D 314 -4.62 28.17 -16.58
C CYS D 314 -5.43 26.91 -16.88
N SER D 315 -6.74 27.01 -16.76
CA SER D 315 -7.32 25.68 -16.57
C SER D 315 -7.73 25.05 -17.89
N PRO D 316 -7.61 23.72 -17.99
CA PRO D 316 -8.12 23.02 -19.17
C PRO D 316 -9.63 22.91 -19.20
N SER D 317 -10.30 23.16 -18.07
CA SER D 317 -11.76 23.25 -18.02
C SER D 317 -12.31 24.42 -18.84
N PHE D 318 -11.46 25.05 -19.64
CA PHE D 318 -11.80 26.19 -20.47
C PHE D 318 -11.57 25.81 -21.92
N ASN D 319 -12.26 26.49 -22.83
CA ASN D 319 -12.06 26.35 -24.26
C ASN D 319 -11.33 27.60 -24.75
N TRP D 320 -10.10 27.43 -25.23
CA TRP D 320 -9.22 28.59 -25.38
C TRP D 320 -9.41 29.32 -26.70
N LYS D 321 -9.47 28.59 -27.83
CA LYS D 321 -9.81 29.26 -29.08
C LYS D 321 -11.26 29.72 -29.13
N LYS D 322 -12.11 29.22 -28.22
CA LYS D 322 -13.41 29.82 -27.95
C LYS D 322 -13.27 31.30 -27.63
N HIS D 323 -12.82 31.61 -26.41
CA HIS D 323 -12.78 32.99 -25.95
C HIS D 323 -11.82 33.84 -26.76
N LEU D 324 -10.59 33.34 -26.99
CA LEU D 324 -9.43 34.19 -27.20
C LEU D 324 -8.83 34.00 -28.59
N ASP D 325 -8.22 35.07 -29.11
CA ASP D 325 -7.45 34.94 -30.33
C ASP D 325 -6.09 34.35 -30.02
N ASP D 326 -5.34 34.05 -31.09
CA ASP D 326 -4.02 33.46 -30.91
C ASP D 326 -3.07 34.40 -30.19
N ALA D 327 -3.21 35.71 -30.39
CA ALA D 327 -2.23 36.63 -29.83
C ALA D 327 -2.41 36.78 -28.33
N THR D 328 -3.67 36.75 -27.86
CA THR D 328 -3.91 36.77 -26.42
C THR D 328 -3.45 35.46 -25.79
N ILE D 329 -3.77 34.33 -26.43
CA ILE D 329 -3.27 33.02 -25.98
C ILE D 329 -1.76 33.04 -25.86
N ALA D 330 -1.08 33.64 -26.84
CA ALA D 330 0.38 33.60 -26.85
C ALA D 330 0.99 34.45 -25.75
N LYS D 331 0.32 35.51 -25.29
CA LYS D 331 0.90 36.40 -24.30
C LYS D 331 0.34 36.18 -22.89
N PHE D 332 -0.63 35.28 -22.75
CA PHE D 332 -1.43 35.16 -21.54
C PHE D 332 -0.57 35.07 -20.27
N GLN D 333 0.40 34.16 -20.26
CA GLN D 333 1.17 33.95 -19.03
C GLN D 333 2.12 35.12 -18.76
N LYS D 334 2.71 35.67 -19.83
CA LYS D 334 3.60 36.82 -19.62
C LYS D 334 2.84 37.99 -19.02
N GLU D 335 1.63 38.24 -19.54
CA GLU D 335 0.77 39.29 -19.00
C GLU D 335 0.47 39.05 -17.53
N LEU D 336 0.07 37.82 -17.19
CA LEU D 336 -0.22 37.50 -15.78
C LEU D 336 1.00 37.74 -14.91
N ALA D 337 2.19 37.44 -15.44
CA ALA D 337 3.41 37.56 -14.65
C ALA D 337 3.65 39.01 -14.24
N ALA D 338 3.45 39.95 -15.16
CA ALA D 338 3.63 41.37 -14.85
C ALA D 338 2.64 41.85 -13.80
N MET D 339 1.56 41.11 -13.55
CA MET D 339 0.58 41.45 -12.53
C MET D 339 0.85 40.79 -11.18
N GLY D 340 1.90 39.99 -11.06
CA GLY D 340 2.26 39.36 -9.81
C GLY D 340 1.89 37.90 -9.69
N PHE D 341 1.37 37.30 -10.76
CA PHE D 341 1.06 35.86 -10.79
C PHE D 341 2.36 35.12 -11.09
N LYS D 342 3.10 34.81 -10.04
CA LYS D 342 4.45 34.26 -10.17
C LYS D 342 4.49 32.74 -10.25
N PHE D 343 3.39 32.06 -9.97
CA PHE D 343 3.32 30.61 -10.17
C PHE D 343 2.11 30.31 -11.03
N GLN D 344 2.34 29.77 -12.22
CA GLN D 344 1.26 29.47 -13.15
C GLN D 344 1.35 28.03 -13.63
N PHE D 345 0.21 27.38 -13.78
CA PHE D 345 0.23 25.95 -14.01
C PHE D 345 -1.00 25.53 -14.78
N ILE D 346 -0.87 24.44 -15.54
CA ILE D 346 -1.99 23.78 -16.20
C ILE D 346 -2.27 22.50 -15.41
N THR D 347 -3.37 22.51 -14.65
CA THR D 347 -3.63 21.46 -13.68
C THR D 347 -3.73 20.09 -14.34
N LEU D 348 -4.59 19.96 -15.34
CA LEU D 348 -4.93 18.66 -15.90
C LEU D 348 -4.12 18.34 -17.15
N ALA D 349 -2.94 18.96 -17.30
CA ALA D 349 -2.13 18.71 -18.49
C ALA D 349 -1.79 17.25 -18.62
N GLY D 350 -1.48 16.58 -17.50
CA GLY D 350 -1.08 15.19 -17.57
C GLY D 350 -2.21 14.29 -17.98
N PHE D 351 -3.41 14.58 -17.48
CA PHE D 351 -4.60 13.83 -17.87
C PHE D 351 -4.82 13.89 -19.38
N HIS D 352 -4.71 15.08 -19.96
CA HIS D 352 -5.04 15.23 -21.38
C HIS D 352 -3.96 14.65 -22.29
N ALA D 353 -2.68 14.89 -21.99
CA ALA D 353 -1.62 14.31 -22.80
C ALA D 353 -1.68 12.78 -22.77
N LEU D 354 -1.89 12.21 -21.59
CA LEU D 354 -1.97 10.75 -21.46
C LEU D 354 -3.17 10.20 -22.21
N ASN D 355 -4.37 10.73 -21.93
CA ASN D 355 -5.55 10.13 -22.54
C ASN D 355 -5.57 10.33 -24.05
N TYR D 356 -5.15 11.49 -24.55
CA TYR D 356 -5.20 11.72 -25.99
C TYR D 356 -4.15 10.87 -26.73
N SER D 357 -2.91 10.85 -26.23
CA SER D 357 -1.86 10.08 -26.91
C SER D 357 -2.17 8.59 -26.94
N MET D 358 -2.84 8.05 -25.92
CA MET D 358 -3.13 6.62 -26.03
C MET D 358 -4.35 6.36 -26.90
N PHE D 359 -5.38 7.21 -26.82
CA PHE D 359 -6.48 7.08 -27.77
C PHE D 359 -5.95 7.16 -29.19
N ASP D 360 -5.11 8.15 -29.48
CA ASP D 360 -4.59 8.32 -30.83
C ASP D 360 -3.81 7.09 -31.29
N LEU D 361 -2.94 6.56 -30.43
CA LEU D 361 -2.18 5.37 -30.77
C LEU D 361 -3.09 4.17 -30.94
N ALA D 362 -4.01 3.95 -29.99
CA ALA D 362 -4.83 2.75 -30.03
C ALA D 362 -5.77 2.78 -31.23
N TYR D 363 -6.30 3.95 -31.57
CA TYR D 363 -7.21 4.06 -32.72
C TYR D 363 -6.49 3.66 -34.01
N GLY D 364 -5.30 4.21 -34.23
CA GLY D 364 -4.52 3.83 -35.40
C GLY D 364 -4.13 2.36 -35.37
N TYR D 365 -3.75 1.85 -34.21
CA TYR D 365 -3.41 0.44 -34.09
C TYR D 365 -4.60 -0.44 -34.46
N ALA D 366 -5.81 -0.02 -34.09
CA ALA D 366 -7.00 -0.81 -34.36
C ALA D 366 -7.28 -0.92 -35.84
N GLN D 367 -6.88 0.09 -36.63
CA GLN D 367 -7.06 0.08 -38.08
C GLN D 367 -5.87 -0.49 -38.84
N ASN D 368 -4.64 -0.05 -38.51
CA ASN D 368 -3.45 -0.36 -39.30
C ASN D 368 -2.37 -1.14 -38.55
N GLN D 369 -2.61 -1.53 -37.30
CA GLN D 369 -1.65 -2.32 -36.52
C GLN D 369 -0.29 -1.65 -36.48
N MET D 370 0.77 -2.32 -36.95
CA MET D 370 2.11 -1.81 -36.67
C MET D 370 2.40 -0.47 -37.33
N SER D 371 1.69 -0.13 -38.42
CA SER D 371 1.91 1.16 -39.07
C SER D 371 1.70 2.31 -38.11
N ALA D 372 0.71 2.18 -37.20
CA ALA D 372 0.44 3.23 -36.23
C ALA D 372 1.57 3.36 -35.21
N TYR D 373 2.13 2.24 -34.75
CA TYR D 373 3.21 2.36 -33.78
C TYR D 373 4.45 2.97 -34.41
N VAL D 374 4.73 2.61 -35.67
CA VAL D 374 5.93 3.13 -36.34
C VAL D 374 5.86 4.64 -36.44
N GLU D 375 4.68 5.19 -36.74
CA GLU D 375 4.51 6.64 -36.74
C GLU D 375 4.96 7.23 -35.42
N LEU D 376 4.56 6.61 -34.30
CA LEU D 376 4.97 7.11 -33.00
C LEU D 376 6.47 6.98 -32.80
N GLN D 377 7.03 5.82 -33.16
CA GLN D 377 8.47 5.62 -33.01
C GLN D 377 9.26 6.65 -33.81
N GLU D 378 8.77 7.03 -35.00
CA GLU D 378 9.52 7.98 -35.80
C GLU D 378 9.42 9.41 -35.26
N ARG D 379 8.26 9.80 -34.73
CA ARG D 379 8.20 11.08 -34.02
C ARG D 379 9.18 11.10 -32.85
N GLU D 380 9.29 9.98 -32.12
CA GLU D 380 10.23 9.90 -31.02
C GLU D 380 11.66 10.07 -31.52
N PHE D 381 12.00 9.34 -32.59
CA PHE D 381 13.33 9.48 -33.19
C PHE D 381 13.58 10.94 -33.57
N ALA D 382 12.57 11.59 -34.16
CA ALA D 382 12.71 12.98 -34.58
C ALA D 382 12.91 13.90 -33.38
N ALA D 383 12.21 13.64 -32.27
CA ALA D 383 12.33 14.48 -31.09
C ALA D 383 13.70 14.42 -30.45
N GLU D 384 14.53 13.45 -30.83
CA GLU D 384 15.86 13.35 -30.21
C GLU D 384 16.67 14.62 -30.45
N GLU D 385 16.40 15.35 -31.53
CA GLU D 385 17.11 16.59 -31.77
C GLU D 385 16.82 17.63 -30.69
N ARG D 386 15.62 17.62 -30.11
CA ARG D 386 15.21 18.56 -29.06
C ARG D 386 15.57 18.09 -27.66
N GLY D 387 16.21 16.93 -27.51
CA GLY D 387 16.67 16.46 -26.22
C GLY D 387 15.95 15.25 -25.67
N TYR D 388 14.92 14.75 -26.36
CA TYR D 388 14.20 13.56 -25.91
C TYR D 388 15.15 12.36 -25.83
N THR D 389 15.11 11.62 -24.73
CA THR D 389 15.99 10.48 -24.56
C THR D 389 15.26 9.14 -24.40
N ALA D 390 13.95 9.14 -24.23
CA ALA D 390 13.22 7.92 -23.87
C ALA D 390 13.14 6.90 -25.00
N THR D 391 13.59 7.25 -26.22
CA THR D 391 13.66 6.24 -27.28
C THR D 391 14.53 5.07 -26.84
N LYS D 392 15.67 5.37 -26.19
CA LYS D 392 16.52 4.37 -25.56
C LYS D 392 15.93 4.04 -24.19
N HIS D 393 14.96 3.14 -24.18
CA HIS D 393 14.16 2.99 -22.98
C HIS D 393 14.89 2.24 -21.87
N GLN D 394 15.81 1.32 -22.20
CA GLN D 394 16.51 0.61 -21.13
C GLN D 394 17.34 1.58 -20.29
N ARG D 395 18.14 2.41 -20.97
CA ARG D 395 18.89 3.46 -20.30
C ARG D 395 17.97 4.39 -19.50
N GLU D 396 16.81 4.70 -20.06
CA GLU D 396 15.92 5.70 -19.46
C GLU D 396 15.41 5.28 -18.09
N VAL D 397 15.22 3.98 -17.87
CA VAL D 397 14.74 3.50 -16.56
C VAL D 397 15.87 2.95 -15.71
N GLY D 398 17.13 3.18 -16.11
CA GLY D 398 18.28 2.93 -15.27
C GLY D 398 19.00 1.61 -15.44
N ALA D 399 18.88 0.94 -16.59
CA ALA D 399 19.64 -0.29 -16.79
C ALA D 399 21.15 -0.02 -16.68
N GLY D 400 21.61 1.14 -17.16
CA GLY D 400 23.03 1.46 -17.04
C GLY D 400 23.45 1.74 -15.61
N TYR D 401 22.57 2.37 -14.82
CA TYR D 401 22.85 2.63 -13.42
C TYR D 401 22.92 1.33 -12.62
N PHE D 402 21.99 0.40 -12.87
CA PHE D 402 22.05 -0.88 -12.16
C PHE D 402 23.17 -1.78 -12.68
N ASP D 403 23.55 -1.68 -13.96
CA ASP D 403 24.81 -2.32 -14.37
C ASP D 403 25.99 -1.78 -13.55
N ARG D 404 26.03 -0.47 -13.32
CA ARG D 404 27.10 0.12 -12.51
C ARG D 404 27.13 -0.45 -11.09
N ILE D 405 25.96 -0.59 -10.46
CA ILE D 405 25.90 -1.23 -9.14
C ILE D 405 26.42 -2.67 -9.21
N ALA D 406 25.94 -3.43 -10.20
CA ALA D 406 26.35 -4.83 -10.33
C ALA D 406 27.87 -4.98 -10.46
N THR D 407 28.48 -4.18 -11.34
CA THR D 407 29.93 -4.31 -11.52
C THR D 407 30.72 -3.67 -10.38
N THR D 408 30.13 -2.76 -9.60
CA THR D 408 30.78 -2.33 -8.35
C THR D 408 30.83 -3.47 -7.34
N VAL D 409 29.72 -4.19 -7.18
CA VAL D 409 29.69 -5.33 -6.26
C VAL D 409 30.56 -6.47 -6.78
N ASP D 410 30.45 -6.82 -8.06
CA ASP D 410 31.20 -7.94 -8.65
C ASP D 410 31.70 -7.49 -10.01
N PRO D 411 32.94 -7.02 -10.10
CA PRO D 411 33.49 -6.62 -11.41
C PRO D 411 33.51 -7.75 -12.43
N ASN D 412 33.47 -9.02 -12.01
CA ASN D 412 33.56 -10.16 -12.92
C ASN D 412 32.20 -10.80 -13.23
N SER D 413 31.10 -10.06 -13.05
CA SER D 413 29.77 -10.61 -13.28
C SER D 413 29.53 -10.91 -14.75
N SER D 414 28.95 -12.09 -15.02
CA SER D 414 28.56 -12.42 -16.39
C SER D 414 27.05 -12.35 -16.60
N THR D 415 26.33 -11.54 -15.79
CA THR D 415 24.89 -11.38 -15.90
C THR D 415 24.47 -9.90 -15.86
N THR D 416 25.31 -9.01 -16.39
CA THR D 416 24.94 -7.60 -16.52
C THR D 416 23.98 -7.40 -17.70
N ALA D 417 23.32 -6.23 -17.75
CA ALA D 417 22.09 -6.08 -18.53
C ALA D 417 22.25 -5.36 -19.88
N LEU D 418 23.11 -4.34 -19.99
CA LEU D 418 23.17 -3.60 -21.25
C LEU D 418 24.04 -4.29 -22.31
N THR D 419 25.10 -5.00 -21.90
CA THR D 419 25.92 -5.74 -22.84
C THR D 419 25.12 -6.85 -23.51
N GLY D 420 25.10 -6.84 -24.85
CA GLY D 420 24.34 -7.81 -25.61
C GLY D 420 22.90 -7.42 -25.89
N SER D 421 22.43 -6.31 -25.33
CA SER D 421 21.04 -5.89 -25.46
C SER D 421 20.72 -5.42 -26.89
N THR D 422 19.43 -5.51 -27.25
CA THR D 422 18.96 -4.95 -28.51
C THR D 422 19.02 -3.42 -28.52
N GLU D 423 19.17 -2.78 -27.36
CA GLU D 423 19.28 -1.32 -27.30
C GLU D 423 20.68 -0.87 -27.70
N GLU D 424 21.71 -1.65 -27.35
CA GLU D 424 23.04 -1.34 -27.85
C GLU D 424 23.16 -1.67 -29.32
N GLY D 425 22.50 -2.75 -29.77
CA GLY D 425 22.65 -3.28 -31.11
C GLY D 425 21.80 -2.64 -32.20
N GLN D 426 20.76 -1.86 -31.84
CA GLN D 426 19.84 -1.31 -32.82
C GLN D 426 19.54 0.17 -32.61
N PHE D 427 20.08 0.78 -31.56
CA PHE D 427 19.88 2.20 -31.26
C PHE D 427 21.25 2.89 -31.12
C02 48J E . 13.44 -14.68 11.71
C04 48J E . 14.96 -14.86 11.70
O01 48J E . 12.78 -14.65 10.64
O03 48J E . 12.83 -14.52 12.80
O05 48J E . 15.36 -15.02 10.38
O06 48J E . 15.39 -15.88 12.56
MG MG F . 13.98 -14.74 8.92
MG MG G . 33.87 -8.49 10.88
O1 54I H . 13.59 -18.61 15.04
O2 54I H . 12.96 -20.59 14.31
O3 54I H . 15.15 -18.75 10.46
C1 54I H . 13.00 -19.38 14.12
C2 54I H . 12.38 -18.85 12.84
C3 54I H . 13.21 -19.31 11.66
N1 54I H . 14.22 -18.56 11.48
C1 GOL I . 33.58 -6.45 15.04
O1 GOL I . 32.45 -7.20 15.42
C2 GOL I . 34.25 -7.10 13.82
O2 GOL I . 33.44 -6.90 12.70
C3 GOL I . 35.56 -6.38 13.53
O3 GOL I . 36.35 -6.60 14.66
C1 GOL J . 30.28 4.88 5.35
O1 GOL J . 30.61 5.30 4.04
C2 GOL J . 29.97 6.06 6.26
O2 GOL J . 28.62 5.97 6.69
C3 GOL J . 30.29 7.39 5.57
O3 GOL J . 31.62 7.34 5.09
C1 GOL K . 3.55 5.07 26.64
O1 GOL K . 4.11 3.77 26.63
C2 GOL K . 4.03 5.95 25.49
O2 GOL K . 3.03 5.90 24.48
C3 GOL K . 4.15 7.42 25.95
O3 GOL K . 5.48 7.86 26.11
C02 48J L . -14.18 1.73 18.03
C04 48J L . -15.62 2.23 18.26
O01 48J L . -13.53 2.28 17.10
O03 48J L . -13.64 0.85 18.76
O05 48J L . -16.25 2.46 17.04
O06 48J L . -16.30 1.36 19.13
MG MG M . -14.63 3.71 16.17
MG MG N . -34.51 -1.47 12.11
O1 54I O . -13.35 3.64 23.74
O2 54I O . -14.77 2.00 23.31
O3 54I O . -15.64 5.06 19.83
C1 54I O . -13.88 2.74 22.91
C2 54I O . -13.38 2.63 21.50
C3 54I O . -13.97 3.73 20.64
N1 54I O . -15.20 4.04 20.66
C1 GOL P . -36.26 -4.82 12.10
O1 GOL P . -37.38 -5.24 12.84
C2 GOL P . -35.12 -4.61 13.08
O2 GOL P . -34.19 -3.80 12.42
C3 GOL P . -34.43 -5.92 13.45
O3 GOL P . -33.27 -5.61 14.19
C1 GOL Q . -28.98 -7.27 -1.70
O1 GOL Q . -28.88 -8.47 -0.97
C2 GOL Q . -30.44 -6.87 -1.93
O2 GOL Q . -31.12 -7.98 -2.52
C3 GOL Q . -30.56 -5.64 -2.84
O3 GOL Q . -29.98 -5.77 -4.15
C02 48J R . 7.32 -7.14 -20.70
C04 48J R . 7.22 -8.49 -21.41
O01 48J R . 6.84 -6.12 -21.25
O03 48J R . 7.89 -7.06 -19.58
O05 48J R . 7.86 -8.43 -22.66
O06 48J R . 7.76 -9.46 -20.57
MG MG S . 8.31 -8.74 -18.76
MG MG T . -0.82 -26.45 -25.27
O1 54I U . 9.50 -5.93 -25.07
O2 54I U . 11.53 -5.05 -24.92
O3 54I U . 11.20 -9.01 -21.93
C1 54I U . 10.54 -5.47 -24.35
C2 54I U . 10.52 -5.50 -22.83
C3 54I U . 11.35 -6.71 -22.38
N1 54I U . 10.66 -7.79 -22.32
C1 GOL V . -3.49 -26.88 -28.06
O1 GOL V . -4.57 -27.77 -28.01
C2 GOL V . -3.86 -25.67 -27.19
O2 GOL V . -2.91 -25.43 -26.17
C3 GOL V . -4.36 -24.44 -27.95
O3 GOL V . -3.44 -23.40 -27.98
C1 GOL W . -10.90 -25.92 -13.95
O1 GOL W . -10.40 -26.60 -12.83
C2 GOL W . -11.12 -24.44 -13.57
O2 GOL W . -12.00 -24.42 -12.45
C3 GOL W . -11.82 -23.64 -14.67
O3 GOL W . -13.21 -23.79 -14.51
C1 GLV X . -6.44 21.67 -8.64
O1 GLV X . -6.94 21.82 -7.56
C2 GLV X . -6.39 20.26 -9.22
O2 GLV X . -5.95 20.06 -10.37
O3 GLV X . -6.85 19.29 -8.57
MG MG Y . -7.53 19.91 -6.66
MG MG Z . 1.52 36.48 2.54
O1 54I AA . -10.37 22.14 -13.80
O2 54I AA . -8.40 22.38 -12.81
O3 54I AA . -10.47 22.89 -8.95
C1 54I AA . -9.49 21.81 -12.87
C2 54I AA . -9.87 20.73 -11.89
C3 54I AA . -10.59 21.38 -10.73
N1 54I AA . -9.91 22.21 -10.03
C1 GOL BA . 4.62 36.33 -0.41
O1 GOL BA . 4.32 36.67 -1.73
C2 GOL BA . 4.05 37.35 0.55
O2 GOL BA . 3.24 36.60 1.39
C3 GOL BA . 5.12 37.93 1.48
O3 GOL BA . 4.98 39.33 1.50
#